data_5WV7
# 
_entry.id   5WV7 
# 
_audit_conform.dict_name       mmcif_pdbx.dic 
_audit_conform.dict_version    5.380 
_audit_conform.dict_location   http://mmcif.pdb.org/dictionaries/ascii/mmcif_pdbx.dic 
# 
loop_
_database_2.database_id 
_database_2.database_code 
_database_2.pdbx_database_accession 
_database_2.pdbx_DOI 
PDB   5WV7         pdb_00005wv7 10.2210/pdb5wv7/pdb 
WWPDB D_1300002434 ?            ?                   
# 
_pdbx_database_status.status_code                     REL 
_pdbx_database_status.status_code_sf                  REL 
_pdbx_database_status.status_code_mr                  ? 
_pdbx_database_status.entry_id                        5WV7 
_pdbx_database_status.recvd_initial_deposition_date   2016-12-22 
_pdbx_database_status.SG_entry                        N 
_pdbx_database_status.deposit_site                    PDBJ 
_pdbx_database_status.process_site                    PDBJ 
_pdbx_database_status.status_code_cs                  ? 
_pdbx_database_status.methods_development_category    ? 
_pdbx_database_status.pdb_format_compatible           Y 
_pdbx_database_status.status_code_nmr_data            ? 
# 
loop_
_audit_author.name 
_audit_author.pdbx_ordinal 
_audit_author.identifier_ORCID 
'Karthik, S.'             1 ? 
'Thirugnanasambandam, A.' 2 ? 
'Mandal, P.K.'            3 ? 
'Gautham, N.'             4 ? 
# 
_citation.abstract                  ? 
_citation.abstract_id_CAS           ? 
_citation.book_id_ISBN              ? 
_citation.book_publisher            ? 
_citation.book_publisher_city       ? 
_citation.book_title                ? 
_citation.coordinate_linkage        ? 
_citation.country                   US 
_citation.database_id_Medline       ? 
_citation.details                   ? 
_citation.id                        primary 
_citation.journal_abbrev            'Acta Crystallogr F Struct Biol Commun' 
_citation.journal_id_ASTM           ACSFEN 
_citation.journal_id_CSD            ? 
_citation.journal_id_ISSN           2053-230X 
_citation.journal_full              ? 
_citation.journal_issue             ? 
_citation.journal_volume            73 
_citation.language                  ? 
_citation.page_first                259 
_citation.page_last                 265 
_citation.title                     'Crystal structure of d(CCGGGGTACCCCGG)2 at 1.4 angstrom resolution.' 
_citation.year                      2017 
_citation.database_id_CSD           ? 
_citation.pdbx_database_id_DOI      10.1107/S2053230X17004770 
_citation.pdbx_database_id_PubMed   28471357 
_citation.unpublished_flag          ? 
# 
loop_
_citation_author.citation_id 
_citation_author.name 
_citation_author.ordinal 
_citation_author.identifier_ORCID 
primary 'Karthik, S.'             1 ? 
primary 'Thirugnanasambandam, A.' 2 ? 
primary 'Mandal, P.K.'            3 ? 
primary 'Gautham, N.'             4 ? 
# 
_cell.length_a           41.803 
_cell.length_b           41.803 
_cell.length_c           89.330 
_cell.angle_alpha        90.000 
_cell.angle_beta         90.000 
_cell.angle_gamma        90.000 
_cell.entry_id           5WV7 
_cell.Z_PDB              16 
_cell.pdbx_unique_axis   ? 
# 
_symmetry.space_group_name_H-M             'P 41 21 2' 
_symmetry.entry_id                         5WV7 
_symmetry.Int_Tables_number                92 
_symmetry.pdbx_full_space_group_name_H-M   ? 
_symmetry.cell_setting                     ? 
# 
loop_
_entity.id 
_entity.type 
_entity.src_method 
_entity.pdbx_description 
_entity.formula_weight 
_entity.pdbx_number_of_molecules 
_entity.pdbx_ec 
_entity.pdbx_mutation 
_entity.pdbx_fragment 
_entity.details 
1 polymer syn 
;DNA (5'-D(*CP*CP*GP*GP*GP*GP*TP*AP*CP*CP*CP*CP*GP*G)-3')
;
4282.768 2  ? ? ? ? 
2 water   nat water                                                      18.015   88 ? ? ? ? 
# 
_entity_poly.entity_id                      1 
_entity_poly.type                           polydeoxyribonucleotide 
_entity_poly.nstd_linkage                   no 
_entity_poly.nstd_monomer                   no 
_entity_poly.pdbx_seq_one_letter_code       '(DC)(DC)(DG)(DG)(DG)(DG)(DT)(DA)(DC)(DC)(DC)(DC)(DG)(DG)' 
_entity_poly.pdbx_seq_one_letter_code_can   CCGGGGTACCCCGG 
_entity_poly.pdbx_strand_id                 A,B 
_entity_poly.pdbx_target_identifier         ? 
# 
loop_
_entity_poly_seq.entity_id 
_entity_poly_seq.num 
_entity_poly_seq.mon_id 
_entity_poly_seq.hetero 
1 1  DC n 
1 2  DC n 
1 3  DG n 
1 4  DG n 
1 5  DG n 
1 6  DG n 
1 7  DT n 
1 8  DA n 
1 9  DC n 
1 10 DC n 
1 11 DC n 
1 12 DC n 
1 13 DG n 
1 14 DG n 
# 
_pdbx_entity_src_syn.entity_id              1 
_pdbx_entity_src_syn.pdbx_src_id            1 
_pdbx_entity_src_syn.pdbx_alt_source_flag   sample 
_pdbx_entity_src_syn.pdbx_beg_seq_num       1 
_pdbx_entity_src_syn.pdbx_end_seq_num       14 
_pdbx_entity_src_syn.organism_scientific    'synthetic construct' 
_pdbx_entity_src_syn.organism_common_name   ? 
_pdbx_entity_src_syn.ncbi_taxonomy_id       32630 
_pdbx_entity_src_syn.details                ? 
# 
_struct_ref.id                         1 
_struct_ref.db_name                    PDB 
_struct_ref.db_code                    5WV7 
_struct_ref.pdbx_db_accession          5WV7 
_struct_ref.pdbx_db_isoform            ? 
_struct_ref.entity_id                  1 
_struct_ref.pdbx_seq_one_letter_code   ? 
_struct_ref.pdbx_align_begin           1 
# 
loop_
_struct_ref_seq.align_id 
_struct_ref_seq.ref_id 
_struct_ref_seq.pdbx_PDB_id_code 
_struct_ref_seq.pdbx_strand_id 
_struct_ref_seq.seq_align_beg 
_struct_ref_seq.pdbx_seq_align_beg_ins_code 
_struct_ref_seq.seq_align_end 
_struct_ref_seq.pdbx_seq_align_end_ins_code 
_struct_ref_seq.pdbx_db_accession 
_struct_ref_seq.db_align_beg 
_struct_ref_seq.pdbx_db_align_beg_ins_code 
_struct_ref_seq.db_align_end 
_struct_ref_seq.pdbx_db_align_end_ins_code 
_struct_ref_seq.pdbx_auth_seq_align_beg 
_struct_ref_seq.pdbx_auth_seq_align_end 
1 1 5WV7 A 1 ? 14 ? 5WV7 1 ? 14 ? 1 14 
2 1 5WV7 B 1 ? 14 ? 5WV7 1 ? 14 ? 1 14 
# 
loop_
_chem_comp.id 
_chem_comp.type 
_chem_comp.mon_nstd_flag 
_chem_comp.name 
_chem_comp.pdbx_synonyms 
_chem_comp.formula 
_chem_comp.formula_weight 
DA  'DNA linking' y "2'-DEOXYADENOSINE-5'-MONOPHOSPHATE" ? 'C10 H14 N5 O6 P' 331.222 
DC  'DNA linking' y "2'-DEOXYCYTIDINE-5'-MONOPHOSPHATE"  ? 'C9 H14 N3 O7 P'  307.197 
DG  'DNA linking' y "2'-DEOXYGUANOSINE-5'-MONOPHOSPHATE" ? 'C10 H14 N5 O7 P' 347.221 
DT  'DNA linking' y "THYMIDINE-5'-MONOPHOSPHATE"         ? 'C10 H15 N2 O8 P' 322.208 
HOH non-polymer   . WATER                                ? 'H2 O'            18.015  
# 
_exptl.absorpt_coefficient_mu     ? 
_exptl.absorpt_correction_T_max   ? 
_exptl.absorpt_correction_T_min   ? 
_exptl.absorpt_correction_type    ? 
_exptl.absorpt_process_details    ? 
_exptl.entry_id                   5WV7 
_exptl.crystals_number            1 
_exptl.details                    ? 
_exptl.method                     'X-RAY DIFFRACTION' 
_exptl.method_details             ? 
# 
_exptl_crystal.colour                      ? 
_exptl_crystal.density_diffrn              ? 
_exptl_crystal.density_Matthews            2.28 
_exptl_crystal.density_method              ? 
_exptl_crystal.density_percent_sol         45.95 
_exptl_crystal.description                 ? 
_exptl_crystal.F_000                       ? 
_exptl_crystal.id                          1 
_exptl_crystal.preparation                 ? 
_exptl_crystal.size_max                    ? 
_exptl_crystal.size_mid                    ? 
_exptl_crystal.size_min                    ? 
_exptl_crystal.size_rad                    ? 
_exptl_crystal.colour_lustre               ? 
_exptl_crystal.colour_modifier             ? 
_exptl_crystal.colour_primary              ? 
_exptl_crystal.density_meas                ? 
_exptl_crystal.density_meas_esd            ? 
_exptl_crystal.density_meas_gt             ? 
_exptl_crystal.density_meas_lt             ? 
_exptl_crystal.density_meas_temp           ? 
_exptl_crystal.density_meas_temp_esd       ? 
_exptl_crystal.density_meas_temp_gt        ? 
_exptl_crystal.density_meas_temp_lt        ? 
_exptl_crystal.pdbx_crystal_image_url      ? 
_exptl_crystal.pdbx_crystal_image_format   ? 
_exptl_crystal.pdbx_mosaicity              ? 
_exptl_crystal.pdbx_mosaicity_esd          ? 
# 
_exptl_crystal_grow.apparatus       ? 
_exptl_crystal_grow.atmosphere      ? 
_exptl_crystal_grow.crystal_id      1 
_exptl_crystal_grow.details         ? 
_exptl_crystal_grow.method          'VAPOR DIFFUSION, HANGING DROP' 
_exptl_crystal_grow.method_ref      ? 
_exptl_crystal_grow.pH              7.0 
_exptl_crystal_grow.pressure        ? 
_exptl_crystal_grow.pressure_esd    ? 
_exptl_crystal_grow.seeding         ? 
_exptl_crystal_grow.seeding_ref     ? 
_exptl_crystal_grow.temp            293 
_exptl_crystal_grow.temp_details    ? 
_exptl_crystal_grow.temp_esd        ? 
_exptl_crystal_grow.time            ? 
_exptl_crystal_grow.pdbx_details    '1mM DNA, 50mM sodium cacodylate trihydrate buffer, 1mM Bacl2, 5mM spermine, 50% MPD' 
_exptl_crystal_grow.pdbx_pH_range   ? 
# 
_diffrn.ambient_environment    ? 
_diffrn.ambient_temp           100 
_diffrn.ambient_temp_details   ? 
_diffrn.ambient_temp_esd       ? 
_diffrn.crystal_id             1 
_diffrn.crystal_support        ? 
_diffrn.crystal_treatment      ? 
_diffrn.details                ? 
_diffrn.id                     1 
_diffrn.ambient_pressure       ? 
_diffrn.ambient_pressure_esd   ? 
_diffrn.ambient_pressure_gt    ? 
_diffrn.ambient_pressure_lt    ? 
_diffrn.ambient_temp_gt        ? 
_diffrn.ambient_temp_lt        ? 
# 
_diffrn_detector.details                      ? 
_diffrn_detector.detector                     CCD 
_diffrn_detector.diffrn_id                    1 
_diffrn_detector.type                         'MARMOSAIC 225 mm CCD' 
_diffrn_detector.area_resol_mean              ? 
_diffrn_detector.dtime                        ? 
_diffrn_detector.pdbx_frames_total            ? 
_diffrn_detector.pdbx_collection_time_total   ? 
_diffrn_detector.pdbx_collection_date         2013-02-14 
# 
_diffrn_radiation.collimation                      ? 
_diffrn_radiation.diffrn_id                        1 
_diffrn_radiation.filter_edge                      ? 
_diffrn_radiation.inhomogeneity                    ? 
_diffrn_radiation.monochromator                    'Si(III) monochromator' 
_diffrn_radiation.polarisn_norm                    ? 
_diffrn_radiation.polarisn_ratio                   ? 
_diffrn_radiation.probe                            ? 
_diffrn_radiation.type                             ? 
_diffrn_radiation.xray_symbol                      ? 
_diffrn_radiation.wavelength_id                    1 
_diffrn_radiation.pdbx_monochromatic_or_laue_m_l   M 
_diffrn_radiation.pdbx_wavelength_list             ? 
_diffrn_radiation.pdbx_wavelength                  ? 
_diffrn_radiation.pdbx_diffrn_protocol             'SINGLE WAVELENGTH' 
_diffrn_radiation.pdbx_analyzer                    ? 
_diffrn_radiation.pdbx_scattering_type             x-ray 
# 
_diffrn_radiation_wavelength.id           1 
_diffrn_radiation_wavelength.wavelength   0.97372 
_diffrn_radiation_wavelength.wt           1.0 
# 
_diffrn_source.current                     ? 
_diffrn_source.details                     ? 
_diffrn_source.diffrn_id                   1 
_diffrn_source.power                       ? 
_diffrn_source.size                        ? 
_diffrn_source.source                      SYNCHROTRON 
_diffrn_source.target                      ? 
_diffrn_source.type                        'ESRF BEAMLINE BM14' 
_diffrn_source.voltage                     ? 
_diffrn_source.take-off_angle              ? 
_diffrn_source.pdbx_wavelength_list        0.97372 
_diffrn_source.pdbx_wavelength             ? 
_diffrn_source.pdbx_synchrotron_beamline   BM14 
_diffrn_source.pdbx_synchrotron_site       ESRF 
# 
_reflns.entry_id                     5WV7 
_reflns.pdbx_diffrn_id               1 
_reflns.pdbx_ordinal                 1 
_reflns.observed_criterion_sigma_I   ? 
_reflns.observed_criterion_sigma_F   ? 
_reflns.d_resolution_low             28.060 
_reflns.d_resolution_high            1.400 
_reflns.number_obs                   16170 
_reflns.number_all                   ? 
_reflns.percent_possible_obs         99.800 
_reflns.pdbx_Rmerge_I_obs            0.081 
_reflns.pdbx_Rsym_value              ? 
_reflns.pdbx_netI_over_sigmaI        16.900 
_reflns.B_iso_Wilson_estimate        26.260 
_reflns.pdbx_redundancy              27.100 
_reflns.pdbx_Rrim_I_all              0.083 
_reflns.pdbx_Rpim_I_all              0.016 
_reflns.pdbx_CC_half                 1.000 
_reflns.pdbx_netI_over_av_sigmaI     ? 
_reflns.pdbx_number_measured_all     437650 
_reflns.pdbx_scaling_rejects         1 
_reflns.pdbx_chi_squared             ? 
_reflns.Rmerge_F_all                 ? 
_reflns.Rmerge_F_obs                 ? 
_reflns.observed_criterion_F_max     ? 
_reflns.observed_criterion_F_min     ? 
_reflns.observed_criterion_I_max     ? 
_reflns.observed_criterion_I_min     ? 
_reflns.pdbx_d_res_high_opt          ? 
_reflns.pdbx_d_res_low_opt           ? 
_reflns.details                      ? 
# 
loop_
_reflns_shell.pdbx_diffrn_id 
_reflns_shell.pdbx_ordinal 
_reflns_shell.d_res_high 
_reflns_shell.d_res_low 
_reflns_shell.number_measured_obs 
_reflns_shell.number_measured_all 
_reflns_shell.number_unique_obs 
_reflns_shell.pdbx_rejects 
_reflns_shell.Rmerge_I_obs 
_reflns_shell.meanI_over_sigI_obs 
_reflns_shell.pdbx_Rsym_value 
_reflns_shell.pdbx_chi_squared 
_reflns_shell.pdbx_redundancy 
_reflns_shell.percent_possible_obs 
_reflns_shell.pdbx_netI_over_sigmaI_obs 
_reflns_shell.number_possible 
_reflns_shell.number_unique_all 
_reflns_shell.Rmerge_F_all 
_reflns_shell.Rmerge_F_obs 
_reflns_shell.Rmerge_I_all 
_reflns_shell.meanI_over_sigI_all 
_reflns_shell.percent_possible_all 
_reflns_shell.pdbx_Rrim_I_all 
_reflns_shell.pdbx_Rpim_I_all 
_reflns_shell.pdbx_CC_half 
1 1 1.400 1.430  ? 12306 ? ? 0.496 ? ? ? 15.300 ? 0.300  ? 806 ? ? ? ? 98.000 4.751 1.182 0.293 
1 2 7.430 28.060 ? 2392  ? ? 0.038 ? ? ? 19.000 ? 45.300 ? 126 ? ? ? ? 85.300 0.039 0.008 0.999 
# 
_refine.entry_id                                 5WV7 
_refine.pdbx_refine_id                           'X-RAY DIFFRACTION' 
_refine.ls_d_res_high                            1.4060 
_refine.ls_d_res_low                             28.0630 
_refine.pdbx_ls_sigma_F                          1.330 
_refine.pdbx_data_cutoff_high_absF               ? 
_refine.pdbx_data_cutoff_low_absF                ? 
_refine.ls_percent_reflns_obs                    98.9100 
_refine.ls_number_reflns_obs                     15939 
_refine.ls_number_reflns_all                     ? 
_refine.pdbx_ls_cross_valid_method               'FREE R-VALUE' 
_refine.ls_matrix_type                           ? 
_refine.pdbx_R_Free_selection_details            ? 
_refine.details                                  ? 
_refine.ls_R_factor_all                          ? 
_refine.ls_R_factor_obs                          0.2229 
_refine.ls_R_factor_R_work                       0.2218 
_refine.ls_wR_factor_R_work                      ? 
_refine.ls_R_factor_R_free                       0.2422 
_refine.ls_wR_factor_R_free                      ? 
_refine.ls_percent_reflns_R_free                 5.0100 
_refine.ls_number_reflns_R_free                  799 
_refine.ls_number_reflns_R_work                  15140 
_refine.ls_R_factor_R_free_error                 ? 
_refine.B_iso_mean                               31.9462 
_refine.solvent_model_param_bsol                 ? 
_refine.solvent_model_param_ksol                 ? 
_refine.pdbx_isotropic_thermal_model             ? 
_refine.aniso_B[1][1]                            ? 
_refine.aniso_B[2][2]                            ? 
_refine.aniso_B[3][3]                            ? 
_refine.aniso_B[1][2]                            ? 
_refine.aniso_B[1][3]                            ? 
_refine.aniso_B[2][3]                            ? 
_refine.correlation_coeff_Fo_to_Fc               ? 
_refine.correlation_coeff_Fo_to_Fc_free          ? 
_refine.overall_SU_R_Cruickshank_DPI             ? 
_refine.pdbx_overall_SU_R_free_Cruickshank_DPI   ? 
_refine.pdbx_overall_SU_R_Blow_DPI               ? 
_refine.pdbx_overall_SU_R_free_Blow_DPI          ? 
_refine.overall_SU_R_free                        ? 
_refine.pdbx_overall_ESU_R                       ? 
_refine.pdbx_overall_ESU_R_Free                  ? 
_refine.overall_SU_ML                            0.2100 
_refine.overall_SU_B                             ? 
_refine.solvent_model_details                    'FLAT BULK SOLVENT MODEL' 
_refine.pdbx_solvent_vdw_probe_radii             1.1100 
_refine.pdbx_solvent_ion_probe_radii             ? 
_refine.pdbx_solvent_shrinkage_radii             0.9000 
_refine.ls_number_parameters                     ? 
_refine.ls_number_restraints                     ? 
_refine.pdbx_starting_model                      3V9D 
_refine.pdbx_method_to_determine_struct          'MOLECULAR REPLACEMENT' 
_refine.pdbx_stereochemistry_target_values       ML 
_refine.pdbx_stereochem_target_val_spec_case     ? 
_refine.overall_FOM_work_R_set                   ? 
_refine.B_iso_max                                59.000 
_refine.B_iso_min                                23.480 
_refine.pdbx_overall_phase_error                 33.5400 
_refine.occupancy_max                            ? 
_refine.occupancy_min                            ? 
_refine.pdbx_diffrn_id                           1 
_refine.pdbx_TLS_residual_ADP_flag               ? 
_refine.pdbx_ls_sigma_I                          ? 
_refine.pdbx_data_cutoff_high_rms_absF           ? 
_refine.ls_R_factor_R_free_error_details         ? 
# 
_refine_hist.cycle_id                         final 
_refine_hist.pdbx_refine_id                   'X-RAY DIFFRACTION' 
_refine_hist.d_res_high                       1.4060 
_refine_hist.d_res_low                        28.0630 
_refine_hist.pdbx_number_atoms_ligand         0 
_refine_hist.number_atoms_solvent             88 
_refine_hist.number_atoms_total               656 
_refine_hist.pdbx_number_residues_total       28 
_refine_hist.pdbx_B_iso_mean_solvent          42.69 
_refine_hist.pdbx_number_atoms_protein        0 
_refine_hist.pdbx_number_atoms_nucleic_acid   568 
# 
loop_
_refine_ls_restr.pdbx_refine_id 
_refine_ls_restr.type 
_refine_ls_restr.number 
_refine_ls_restr.dev_ideal 
_refine_ls_restr.dev_ideal_target 
_refine_ls_restr.weight 
_refine_ls_restr.pdbx_restraint_function 
'X-RAY DIFFRACTION' f_bond_d           636 0.011  ? ? ? 
'X-RAY DIFFRACTION' f_angle_d          978 1.199  ? ? ? 
'X-RAY DIFFRACTION' f_chiral_restr     110 0.063  ? ? ? 
'X-RAY DIFFRACTION' f_plane_restr      28  0.010  ? ? ? 
'X-RAY DIFFRACTION' f_dihedral_angle_d 272 16.341 ? ? ? 
# 
loop_
_refine_ls_shell.d_res_high 
_refine_ls_shell.d_res_low 
_refine_ls_shell.pdbx_total_number_of_bins_used 
_refine_ls_shell.percent_reflns_obs 
_refine_ls_shell.number_reflns_R_work 
_refine_ls_shell.R_factor_all 
_refine_ls_shell.R_factor_R_work 
_refine_ls_shell.R_factor_R_free 
_refine_ls_shell.percent_reflns_R_free 
_refine_ls_shell.number_reflns_R_free 
_refine_ls_shell.R_factor_R_free_error 
_refine_ls_shell.number_reflns_all 
_refine_ls_shell.number_reflns_obs 
_refine_ls_shell.pdbx_refine_id 
_refine_ls_shell.R_factor_obs 
1.4060 1.4941  6 94.0000  2367 . 0.3660 0.4063 . 116 0.0000 2483 . 'X-RAY DIFFRACTION' . 
1.4941 1.6094  6 100.0000 2487 . 0.3056 0.3432 . 125 0.0000 2612 . 'X-RAY DIFFRACTION' . 
1.6094 1.7714  6 100.0000 2511 . 0.2412 0.2852 . 124 0.0000 2635 . 'X-RAY DIFFRACTION' . 
1.7714 2.0276  6 100.0000 2516 . 0.2371 0.2773 . 147 0.0000 2663 . 'X-RAY DIFFRACTION' . 
2.0276 2.5543  6 100.0000 2562 . 0.2410 0.2340 . 144 0.0000 2706 . 'X-RAY DIFFRACTION' . 
2.5543 28.0683 6 99.0000  2697 . 0.2030 0.2252 . 143 0.0000 2840 . 'X-RAY DIFFRACTION' . 
# 
_struct.entry_id                     5WV7 
_struct.title                        'Crystal structure of d(CCGGGGTACCCCGG)2 at 1.4A resolution' 
_struct.pdbx_model_details           ? 
_struct.pdbx_formula_weight          ? 
_struct.pdbx_formula_weight_method   ? 
_struct.pdbx_model_type_details      ? 
_struct.pdbx_CASP_flag               N 
# 
_struct_keywords.entry_id        5WV7 
_struct_keywords.text            'A-DNA duplex, tetragonal space group, co-crystallization with barium chloride., DNA' 
_struct_keywords.pdbx_keywords   DNA 
# 
loop_
_struct_asym.id 
_struct_asym.pdbx_blank_PDB_chainid_flag 
_struct_asym.pdbx_modified 
_struct_asym.entity_id 
_struct_asym.details 
A N N 1 ? 
B N N 1 ? 
C N N 2 ? 
D N N 2 ? 
# 
loop_
_struct_conn.id 
_struct_conn.conn_type_id 
_struct_conn.pdbx_leaving_atom_flag 
_struct_conn.pdbx_PDB_id 
_struct_conn.ptnr1_label_asym_id 
_struct_conn.ptnr1_label_comp_id 
_struct_conn.ptnr1_label_seq_id 
_struct_conn.ptnr1_label_atom_id 
_struct_conn.pdbx_ptnr1_label_alt_id 
_struct_conn.pdbx_ptnr1_PDB_ins_code 
_struct_conn.pdbx_ptnr1_standard_comp_id 
_struct_conn.ptnr1_symmetry 
_struct_conn.ptnr2_label_asym_id 
_struct_conn.ptnr2_label_comp_id 
_struct_conn.ptnr2_label_seq_id 
_struct_conn.ptnr2_label_atom_id 
_struct_conn.pdbx_ptnr2_label_alt_id 
_struct_conn.pdbx_ptnr2_PDB_ins_code 
_struct_conn.ptnr1_auth_asym_id 
_struct_conn.ptnr1_auth_comp_id 
_struct_conn.ptnr1_auth_seq_id 
_struct_conn.ptnr2_auth_asym_id 
_struct_conn.ptnr2_auth_comp_id 
_struct_conn.ptnr2_auth_seq_id 
_struct_conn.ptnr2_symmetry 
_struct_conn.pdbx_ptnr3_label_atom_id 
_struct_conn.pdbx_ptnr3_label_seq_id 
_struct_conn.pdbx_ptnr3_label_comp_id 
_struct_conn.pdbx_ptnr3_label_asym_id 
_struct_conn.pdbx_ptnr3_label_alt_id 
_struct_conn.pdbx_ptnr3_PDB_ins_code 
_struct_conn.details 
_struct_conn.pdbx_dist_value 
_struct_conn.pdbx_value_order 
_struct_conn.pdbx_role 
hydrog1  hydrog ? ? A DC 1  N3 ? ? ? 1_555 B DG 14 N1 ? ? A DC 1  B DG 14 1_555 ? ? ? ? ? ? WATSON-CRICK ? ? ? 
hydrog2  hydrog ? ? A DC 1  N4 ? ? ? 1_555 B DG 14 O6 ? ? A DC 1  B DG 14 1_555 ? ? ? ? ? ? WATSON-CRICK ? ? ? 
hydrog3  hydrog ? ? A DC 1  O2 ? ? ? 1_555 B DG 14 N2 ? ? A DC 1  B DG 14 1_555 ? ? ? ? ? ? WATSON-CRICK ? ? ? 
hydrog4  hydrog ? ? A DC 2  N3 ? ? ? 1_555 B DG 13 N1 ? ? A DC 2  B DG 13 1_555 ? ? ? ? ? ? WATSON-CRICK ? ? ? 
hydrog5  hydrog ? ? A DC 2  N4 ? ? ? 1_555 B DG 13 O6 ? ? A DC 2  B DG 13 1_555 ? ? ? ? ? ? WATSON-CRICK ? ? ? 
hydrog6  hydrog ? ? A DC 2  O2 ? ? ? 1_555 B DG 13 N2 ? ? A DC 2  B DG 13 1_555 ? ? ? ? ? ? WATSON-CRICK ? ? ? 
hydrog7  hydrog ? ? A DG 3  N1 ? ? ? 1_555 B DC 12 N3 ? ? A DG 3  B DC 12 1_555 ? ? ? ? ? ? WATSON-CRICK ? ? ? 
hydrog8  hydrog ? ? A DG 3  N2 ? ? ? 1_555 B DC 12 O2 ? ? A DG 3  B DC 12 1_555 ? ? ? ? ? ? WATSON-CRICK ? ? ? 
hydrog9  hydrog ? ? A DG 3  O6 ? ? ? 1_555 B DC 12 N4 ? ? A DG 3  B DC 12 1_555 ? ? ? ? ? ? WATSON-CRICK ? ? ? 
hydrog10 hydrog ? ? A DG 4  N1 ? ? ? 1_555 B DC 11 N3 ? ? A DG 4  B DC 11 1_555 ? ? ? ? ? ? WATSON-CRICK ? ? ? 
hydrog11 hydrog ? ? A DG 4  N2 ? ? ? 1_555 B DC 11 O2 ? ? A DG 4  B DC 11 1_555 ? ? ? ? ? ? WATSON-CRICK ? ? ? 
hydrog12 hydrog ? ? A DG 4  O6 ? ? ? 1_555 B DC 11 N4 ? ? A DG 4  B DC 11 1_555 ? ? ? ? ? ? WATSON-CRICK ? ? ? 
hydrog13 hydrog ? ? A DG 5  N1 ? ? ? 1_555 B DC 10 N3 ? ? A DG 5  B DC 10 1_555 ? ? ? ? ? ? WATSON-CRICK ? ? ? 
hydrog14 hydrog ? ? A DG 5  N2 ? ? ? 1_555 B DC 10 O2 ? ? A DG 5  B DC 10 1_555 ? ? ? ? ? ? WATSON-CRICK ? ? ? 
hydrog15 hydrog ? ? A DG 5  O6 ? ? ? 1_555 B DC 10 N4 ? ? A DG 5  B DC 10 1_555 ? ? ? ? ? ? WATSON-CRICK ? ? ? 
hydrog16 hydrog ? ? A DG 6  N1 ? ? ? 1_555 B DC 9  N3 ? ? A DG 6  B DC 9  1_555 ? ? ? ? ? ? WATSON-CRICK ? ? ? 
hydrog17 hydrog ? ? A DG 6  N2 ? ? ? 1_555 B DC 9  O2 ? ? A DG 6  B DC 9  1_555 ? ? ? ? ? ? WATSON-CRICK ? ? ? 
hydrog18 hydrog ? ? A DG 6  O6 ? ? ? 1_555 B DC 9  N4 ? ? A DG 6  B DC 9  1_555 ? ? ? ? ? ? WATSON-CRICK ? ? ? 
hydrog19 hydrog ? ? A DT 7  N3 ? ? ? 1_555 B DA 8  N1 ? ? A DT 7  B DA 8  1_555 ? ? ? ? ? ? WATSON-CRICK ? ? ? 
hydrog20 hydrog ? ? A DT 7  O4 ? ? ? 1_555 B DA 8  N6 ? ? A DT 7  B DA 8  1_555 ? ? ? ? ? ? WATSON-CRICK ? ? ? 
hydrog21 hydrog ? ? A DA 8  N1 ? ? ? 1_555 B DT 7  N3 ? ? A DA 8  B DT 7  1_555 ? ? ? ? ? ? WATSON-CRICK ? ? ? 
hydrog22 hydrog ? ? A DA 8  N6 ? ? ? 1_555 B DT 7  O4 ? ? A DA 8  B DT 7  1_555 ? ? ? ? ? ? WATSON-CRICK ? ? ? 
hydrog23 hydrog ? ? A DC 9  N3 ? ? ? 1_555 B DG 6  N1 ? ? A DC 9  B DG 6  1_555 ? ? ? ? ? ? WATSON-CRICK ? ? ? 
hydrog24 hydrog ? ? A DC 9  N4 ? ? ? 1_555 B DG 6  O6 ? ? A DC 9  B DG 6  1_555 ? ? ? ? ? ? WATSON-CRICK ? ? ? 
hydrog25 hydrog ? ? A DC 9  O2 ? ? ? 1_555 B DG 6  N2 ? ? A DC 9  B DG 6  1_555 ? ? ? ? ? ? WATSON-CRICK ? ? ? 
hydrog26 hydrog ? ? A DC 10 N3 ? ? ? 1_555 B DG 5  N1 ? ? A DC 10 B DG 5  1_555 ? ? ? ? ? ? WATSON-CRICK ? ? ? 
hydrog27 hydrog ? ? A DC 10 N4 ? ? ? 1_555 B DG 5  O6 ? ? A DC 10 B DG 5  1_555 ? ? ? ? ? ? WATSON-CRICK ? ? ? 
hydrog28 hydrog ? ? A DC 10 O2 ? ? ? 1_555 B DG 5  N2 ? ? A DC 10 B DG 5  1_555 ? ? ? ? ? ? WATSON-CRICK ? ? ? 
hydrog29 hydrog ? ? A DC 11 N3 ? ? ? 1_555 B DG 4  N1 ? ? A DC 11 B DG 4  1_555 ? ? ? ? ? ? WATSON-CRICK ? ? ? 
hydrog30 hydrog ? ? A DC 11 N4 ? ? ? 1_555 B DG 4  O6 ? ? A DC 11 B DG 4  1_555 ? ? ? ? ? ? WATSON-CRICK ? ? ? 
hydrog31 hydrog ? ? A DC 11 O2 ? ? ? 1_555 B DG 4  N2 ? ? A DC 11 B DG 4  1_555 ? ? ? ? ? ? WATSON-CRICK ? ? ? 
hydrog32 hydrog ? ? A DC 12 N3 ? ? ? 1_555 B DG 3  N1 ? ? A DC 12 B DG 3  1_555 ? ? ? ? ? ? WATSON-CRICK ? ? ? 
hydrog33 hydrog ? ? A DC 12 N4 ? ? ? 1_555 B DG 3  O6 ? ? A DC 12 B DG 3  1_555 ? ? ? ? ? ? WATSON-CRICK ? ? ? 
hydrog34 hydrog ? ? A DC 12 O2 ? ? ? 1_555 B DG 3  N2 ? ? A DC 12 B DG 3  1_555 ? ? ? ? ? ? WATSON-CRICK ? ? ? 
hydrog35 hydrog ? ? A DG 13 N1 ? ? ? 1_555 B DC 2  N3 ? ? A DG 13 B DC 2  1_555 ? ? ? ? ? ? WATSON-CRICK ? ? ? 
hydrog36 hydrog ? ? A DG 13 N2 ? ? ? 1_555 B DC 2  O2 ? ? A DG 13 B DC 2  1_555 ? ? ? ? ? ? WATSON-CRICK ? ? ? 
hydrog37 hydrog ? ? A DG 13 O6 ? ? ? 1_555 B DC 2  N4 ? ? A DG 13 B DC 2  1_555 ? ? ? ? ? ? WATSON-CRICK ? ? ? 
hydrog38 hydrog ? ? A DG 14 N1 ? ? ? 1_555 B DC 1  N3 ? ? A DG 14 B DC 1  1_555 ? ? ? ? ? ? WATSON-CRICK ? ? ? 
hydrog39 hydrog ? ? A DG 14 N2 ? ? ? 1_555 B DC 1  O2 ? ? A DG 14 B DC 1  1_555 ? ? ? ? ? ? WATSON-CRICK ? ? ? 
hydrog40 hydrog ? ? A DG 14 O6 ? ? ? 1_555 B DC 1  N4 ? ? A DG 14 B DC 1  1_555 ? ? ? ? ? ? WATSON-CRICK ? ? ? 
# 
_struct_conn_type.id          hydrog 
_struct_conn_type.criteria    ? 
_struct_conn_type.reference   ? 
# 
_atom_sites.entry_id                    5WV7 
_atom_sites.fract_transf_matrix[1][1]   0.01087824 
_atom_sites.fract_transf_matrix[1][2]   -0.01505423 
_atom_sites.fract_transf_matrix[1][3]   -0.01507635 
_atom_sites.fract_transf_matrix[2][1]   -0.00112020 
_atom_sites.fract_transf_matrix[2][2]   -0.01730854 
_atom_sites.fract_transf_matrix[2][3]   0.01647488 
_atom_sites.fract_transf_matrix[3][1]   -0.00995587 
_atom_sites.fract_transf_matrix[3][2]   -0.00317531 
_atom_sites.fract_transf_matrix[3][3]   -0.00401294 
_atom_sites.fract_transf_vector[1]      0.190713 
_atom_sites.fract_transf_vector[2]      -0.282375 
_atom_sites.fract_transf_vector[3]      0.003411 
# 
loop_
_atom_type.symbol 
C 
N 
O 
P 
# 
loop_
_atom_site.group_PDB 
_atom_site.id 
_atom_site.type_symbol 
_atom_site.label_atom_id 
_atom_site.label_alt_id 
_atom_site.label_comp_id 
_atom_site.label_asym_id 
_atom_site.label_entity_id 
_atom_site.label_seq_id 
_atom_site.pdbx_PDB_ins_code 
_atom_site.Cartn_x 
_atom_site.Cartn_y 
_atom_site.Cartn_z 
_atom_site.occupancy 
_atom_site.B_iso_or_equiv 
_atom_site.pdbx_formal_charge 
_atom_site.auth_seq_id 
_atom_site.auth_comp_id 
_atom_site.auth_asym_id 
_atom_site.auth_atom_id 
_atom_site.pdbx_PDB_model_num 
ATOM   1   O "O5'" . DC  A 1 1  ? -1.729  0.431   -21.914 1.00 39.89 ? 1   DC  A "O5'" 1 
ATOM   2   C "C5'" . DC  A 1 1  ? -2.044  0.319   -20.561 1.00 38.83 ? 1   DC  A "C5'" 1 
ATOM   3   C "C4'" . DC  A 1 1  ? -2.879  1.509   -20.138 1.00 37.64 ? 1   DC  A "C4'" 1 
ATOM   4   O "O4'" . DC  A 1 1  ? -4.225  1.358   -20.667 1.00 37.37 ? 1   DC  A "O4'" 1 
ATOM   5   C "C3'" . DC  A 1 1  ? -3.057  1.673   -18.645 1.00 37.23 ? 1   DC  A "C3'" 1 
ATOM   6   O "O3'" . DC  A 1 1  ? -1.971  2.426   -18.099 1.00 36.75 ? 1   DC  A "O3'" 1 
ATOM   7   C "C2'" . DC  A 1 1  ? -4.361  2.446   -18.587 1.00 36.91 ? 1   DC  A "C2'" 1 
ATOM   8   C "C1'" . DC  A 1 1  ? -5.162  1.789   -19.704 1.00 36.79 ? 1   DC  A "C1'" 1 
ATOM   9   N N1    . DC  A 1 1  ? -5.962  0.609   -19.253 1.00 36.24 ? 1   DC  A N1    1 
ATOM   10  C C2    . DC  A 1 1  ? -7.070  0.822   -18.441 1.00 35.68 ? 1   DC  A C2    1 
ATOM   11  O O2    . DC  A 1 1  ? -7.353  1.969   -18.138 1.00 34.67 ? 1   DC  A O2    1 
ATOM   12  N N3    . DC  A 1 1  ? -7.801  -0.234  -18.023 1.00 35.80 ? 1   DC  A N3    1 
ATOM   13  C C4    . DC  A 1 1  ? -7.452  -1.464  -18.400 1.00 36.37 ? 1   DC  A C4    1 
ATOM   14  N N4    . DC  A 1 1  ? -8.193  -2.475  -17.960 1.00 36.54 ? 1   DC  A N4    1 
ATOM   15  C C5    . DC  A 1 1  ? -6.315  -1.705  -19.224 1.00 36.62 ? 1   DC  A C5    1 
ATOM   16  C C6    . DC  A 1 1  ? -5.605  -0.647  -19.628 1.00 36.45 ? 1   DC  A C6    1 
ATOM   17  P P     . DC  A 1 2  ? -1.656  2.364   -16.530 1.00 36.53 ? 2   DC  A P     1 
ATOM   18  O OP1   . DC  A 1 2  ? -0.440  3.176   -16.280 1.00 36.82 ? 2   DC  A OP1   1 
ATOM   19  O OP2   . DC  A 1 2  ? -1.781  0.971   -16.040 1.00 37.02 ? 2   DC  A OP2   1 
ATOM   20  O "O5'" . DC  A 1 2  ? -2.882  3.152   -15.877 1.00 35.44 ? 2   DC  A "O5'" 1 
ATOM   21  C "C5'" . DC  A 1 2  ? -3.102  4.537   -16.157 1.00 34.44 ? 2   DC  A "C5'" 1 
ATOM   22  C "C4'" . DC  A 1 2  ? -4.346  5.033   -15.438 1.00 33.59 ? 2   DC  A "C4'" 1 
ATOM   23  O "O4'" . DC  A 1 2  ? -5.513  4.359   -15.959 1.00 32.86 ? 2   DC  A "O4'" 1 
ATOM   24  C "C3'" . DC  A 1 2  ? -4.402  4.733   -13.950 1.00 34.20 ? 2   DC  A "C3'" 1 
ATOM   25  O "O3'" . DC  A 1 2  ? -3.671  5.680   -13.237 1.00 35.92 ? 2   DC  A "O3'" 1 
ATOM   26  C "C2'" . DC  A 1 2  ? -5.892  4.890   -13.682 1.00 32.79 ? 2   DC  A "C2'" 1 
ATOM   27  C "C1'" . DC  A 1 2  ? -6.472  4.205   -14.914 1.00 31.85 ? 2   DC  A "C1'" 1 
ATOM   28  N N1    . DC  A 1 2  ? -6.744  2.740   -14.708 1.00 30.88 ? 2   DC  A N1    1 
ATOM   29  C C2    . DC  A 1 2  ? -7.876  2.368   -13.989 1.00 30.42 ? 2   DC  A C2    1 
ATOM   30  O O2    . DC  A 1 2  ? -8.600  3.250   -13.550 1.00 29.91 ? 2   DC  A O2    1 
ATOM   31  N N3    . DC  A 1 2  ? -8.133  1.047   -13.793 1.00 30.12 ? 2   DC  A N3    1 
ATOM   32  C C4    . DC  A 1 2  ? -7.301  0.134   -14.288 1.00 30.59 ? 2   DC  A C4    1 
ATOM   33  N N4    . DC  A 1 2  ? -7.598  -1.162  -14.102 1.00 30.57 ? 2   DC  A N4    1 
ATOM   34  C C5    . DC  A 1 2  ? -6.144  0.500   -15.043 1.00 30.84 ? 2   DC  A C5    1 
ATOM   35  C C6    . DC  A 1 2  ? -5.904  1.805   -15.219 1.00 30.91 ? 2   DC  A C6    1 
ATOM   36  P P     . DG  A 1 3  ? -3.181  5.368   -11.747 1.00 38.15 ? 3   DG  A P     1 
ATOM   37  O OP1   . DG  A 1 3  ? -2.508  6.643   -11.376 1.00 38.89 ? 3   DG  A OP1   1 
ATOM   38  O OP2   . DG  A 1 3  ? -2.494  4.066   -11.684 1.00 38.78 ? 3   DG  A OP2   1 
ATOM   39  O "O5'" . DG  A 1 3  ? -4.528  5.163   -10.882 1.00 36.81 ? 3   DG  A "O5'" 1 
ATOM   40  C "C5'" . DG  A 1 3  ? -5.192  6.243   -10.309 1.00 35.37 ? 3   DG  A "C5'" 1 
ATOM   41  C "C4'" . DG  A 1 3  ? -6.556  5.823   -9.780  1.00 33.40 ? 3   DG  A "C4'" 1 
ATOM   42  O "O4'" . DG  A 1 3  ? -7.202  4.914   -10.703 1.00 31.74 ? 3   DG  A "O4'" 1 
ATOM   43  C "C3'" . DG  A 1 3  ? -6.579  5.065   -8.462  1.00 32.73 ? 3   DG  A "C3'" 1 
ATOM   44  O "O3'" . DG  A 1 3  ? -6.377  5.960   -7.371  1.00 32.91 ? 3   DG  A "O3'" 1 
ATOM   45  C "C2'" . DG  A 1 3  ? -8.014  4.542   -8.503  1.00 31.86 ? 3   DG  A "C2'" 1 
ATOM   46  C "C1'" . DG  A 1 3  ? -8.127  4.109   -9.976  1.00 30.92 ? 3   DG  A "C1'" 1 
ATOM   47  N N9    . DG  A 1 3  ? -7.782  2.711   -10.153 1.00 29.22 ? 3   DG  A N9    1 
ATOM   48  C C8    . DG  A 1 3  ? -6.658  2.180   -10.754 1.00 28.69 ? 3   DG  A C8    1 
ATOM   49  N N7    . DG  A 1 3  ? -6.611  0.879   -10.704 1.00 28.84 ? 3   DG  A N7    1 
ATOM   50  C C5    . DG  A 1 3  ? -7.780  0.525   -10.006 1.00 29.30 ? 3   DG  A C5    1 
ATOM   51  C C6    . DG  A 1 3  ? -8.286  -0.746  -9.641  1.00 29.09 ? 3   DG  A C6    1 
ATOM   52  O O6    . DG  A 1 3  ? -7.793  -1.856  -9.841  1.00 29.77 ? 3   DG  A O6    1 
ATOM   53  N N1    . DG  A 1 3  ? -9.494  -0.631  -8.925  1.00 28.45 ? 3   DG  A N1    1 
ATOM   54  C C2    . DG  A 1 3  ? -10.149 0.531   -8.649  1.00 28.68 ? 3   DG  A C2    1 
ATOM   55  N N2    . DG  A 1 3  ? -11.303 0.415   -7.957  1.00 28.31 ? 3   DG  A N2    1 
ATOM   56  N N3    . DG  A 1 3  ? -9.679  1.736   -8.966  1.00 28.61 ? 3   DG  A N3    1 
ATOM   57  C C4    . DG  A 1 3  ? -8.502  1.643   -9.665  1.00 28.75 ? 3   DG  A C4    1 
ATOM   58  P P     . DG  A 1 4  ? -5.933  5.445   -5.912  1.00 33.57 ? 4   DG  A P     1 
ATOM   59  O OP1   . DG  A 1 4  ? -5.627  6.642   -5.109  1.00 34.09 ? 4   DG  A OP1   1 
ATOM   60  O OP2   . DG  A 1 4  ? -4.914  4.405   -6.060  1.00 33.06 ? 4   DG  A OP2   1 
ATOM   61  O "O5'" . DG  A 1 4  ? -7.223  4.713   -5.315  1.00 32.80 ? 4   DG  A "O5'" 1 
ATOM   62  C "C5'" . DG  A 1 4  ? -8.395  5.421   -5.026  1.00 32.44 ? 4   DG  A "C5'" 1 
ATOM   63  C "C4'" . DG  A 1 4  ? -9.467  4.474   -4.525  1.00 31.56 ? 4   DG  A "C4'" 1 
ATOM   64  O "O4'" . DG  A 1 4  ? -9.819  3.545   -5.569  1.00 31.02 ? 4   DG  A "O4'" 1 
ATOM   65  C "C3'" . DG  A 1 4  ? -9.061  3.582   -3.369  1.00 31.10 ? 4   DG  A "C3'" 1 
ATOM   66  O "O3'" . DG  A 1 4  ? -9.216  4.265   -2.137  1.00 31.49 ? 4   DG  A "O3'" 1 
ATOM   67  C "C2'" . DG  A 1 4  ? -10.083 2.462   -3.499  1.00 30.43 ? 4   DG  A "C2'" 1 
ATOM   68  C "C1'" . DG  A 1 4  ? -10.114 2.269   -4.998  1.00 30.27 ? 4   DG  A "C1'" 1 
ATOM   69  N N9    . DG  A 1 4  ? -9.125  1.297   -5.452  1.00 28.99 ? 4   DG  A N9    1 
ATOM   70  C C8    . DG  A 1 4  ? -7.967  1.538   -6.165  1.00 28.43 ? 4   DG  A C8    1 
ATOM   71  N N7    . DG  A 1 4  ? -7.289  0.461   -6.424  1.00 28.79 ? 4   DG  A N7    1 
ATOM   72  C C5    . DG  A 1 4  ? -8.041  -0.563  -5.835  1.00 28.61 ? 4   DG  A C5    1 
ATOM   73  C C6    . DG  A 1 4  ? -7.805  -1.953  -5.788  1.00 28.42 ? 4   DG  A C6    1 
ATOM   74  O O6    . DG  A 1 4  ? -6.859  -2.582  -6.267  1.00 28.08 ? 4   DG  A O6    1 
ATOM   75  N N1    . DG  A 1 4  ? -8.820  -2.627  -5.084  1.00 28.52 ? 4   DG  A N1    1 
ATOM   76  C C2    . DG  A 1 4  ? -9.920  -2.029  -4.534  1.00 28.44 ? 4   DG  A C2    1 
ATOM   77  N N2    . DG  A 1 4  ? -10.794 -2.840  -3.896  1.00 28.89 ? 4   DG  A N2    1 
ATOM   78  N N3    . DG  A 1 4  ? -10.150 -0.724  -4.564  1.00 28.40 ? 4   DG  A N3    1 
ATOM   79  C C4    . DG  A 1 4  ? -9.170  -0.057  -5.244  1.00 28.80 ? 4   DG  A C4    1 
ATOM   80  P P     . DG  A 1 5  ? -8.431  3.799   -0.821  1.00 31.42 ? 5   DG  A P     1 
ATOM   81  O OP1   . DG  A 1 5  ? -8.690  4.883   0.171   1.00 31.63 ? 5   DG  A OP1   1 
ATOM   82  O OP2   . DG  A 1 5  ? -7.016  3.492   -1.091  1.00 31.74 ? 5   DG  A OP2   1 
ATOM   83  O "O5'" . DG  A 1 5  ? -9.104  2.418   -0.388  1.00 31.29 ? 5   DG  A "O5'" 1 
ATOM   84  C "C5'" . DG  A 1 5  ? -10.362 2.423   0.228   1.00 30.74 ? 5   DG  A "C5'" 1 
ATOM   85  C "C4'" . DG  A 1 5  ? -10.743 1.018   0.653   1.00 29.70 ? 5   DG  A "C4'" 1 
ATOM   86  O "O4'" . DG  A 1 5  ? -10.878 0.177   -0.513  1.00 28.80 ? 5   DG  A "O4'" 1 
ATOM   87  C "C3'" . DG  A 1 5  ? -9.716  0.285   1.491   1.00 29.83 ? 5   DG  A "C3'" 1 
ATOM   88  O "O3'" . DG  A 1 5  ? -9.795  0.674   2.848   1.00 30.46 ? 5   DG  A "O3'" 1 
ATOM   89  C "C2'" . DG  A 1 5  ? -10.200 -1.138  1.317   1.00 29.06 ? 5   DG  A "C2'" 1 
ATOM   90  C "C1'" . DG  A 1 5  ? -10.527 -1.150  -0.165  1.00 28.36 ? 5   DG  A "C1'" 1 
ATOM   91  N N9    . DG  A 1 5  ? -9.375  -1.519  -0.954  1.00 27.19 ? 5   DG  A N9    1 
ATOM   92  C C8    . DG  A 1 5  ? -8.551  -0.671  -1.676  1.00 27.03 ? 5   DG  A C8    1 
ATOM   93  N N7    . DG  A 1 5  ? -7.561  -1.282  -2.241  1.00 26.21 ? 5   DG  A N7    1 
ATOM   94  C C5    . DG  A 1 5  ? -7.749  -2.635  -1.891  1.00 25.99 ? 5   DG  A C5    1 
ATOM   95  C C6    . DG  A 1 5  ? -6.995  -3.785  -2.196  1.00 26.52 ? 5   DG  A C6    1 
ATOM   96  O O6    . DG  A 1 5  ? -5.987  -3.888  -2.912  1.00 25.98 ? 5   DG  A O6    1 
ATOM   97  N N1    . DG  A 1 5  ? -7.528  -4.922  -1.606  1.00 26.41 ? 5   DG  A N1    1 
ATOM   98  C C2    . DG  A 1 5  ? -8.637  -4.954  -0.812  1.00 26.24 ? 5   DG  A C2    1 
ATOM   99  N N2    . DG  A 1 5  ? -8.987  -6.166  -0.340  1.00 25.73 ? 5   DG  A N2    1 
ATOM   100 N N3    . DG  A 1 5  ? -9.350  -3.901  -0.507  1.00 26.37 ? 5   DG  A N3    1 
ATOM   101 C C4    . DG  A 1 5  ? -8.844  -2.771  -1.074  1.00 26.61 ? 5   DG  A C4    1 
ATOM   102 P P     . DG  A 1 6  ? -8.465  0.764   3.737   1.00 31.43 ? 6   DG  A P     1 
ATOM   103 O OP1   . DG  A 1 6  ? -8.889  1.313   5.049   1.00 32.62 ? 6   DG  A OP1   1 
ATOM   104 O OP2   . DG  A 1 6  ? -7.339  1.443   3.046   1.00 32.08 ? 6   DG  A OP2   1 
ATOM   105 O "O5'" . DG  A 1 6  ? -8.010  -0.729  3.924   1.00 30.84 ? 6   DG  A "O5'" 1 
ATOM   106 C "C5'" . DG  A 1 6  ? -8.834  -1.638  4.622   1.00 29.76 ? 6   DG  A "C5'" 1 
ATOM   107 C "C4'" . DG  A 1 6  ? -8.322  -3.053  4.450   1.00 28.25 ? 6   DG  A "C4'" 1 
ATOM   108 O "O4'" . DG  A 1 6  ? -8.273  -3.371  3.031   1.00 27.95 ? 6   DG  A "O4'" 1 
ATOM   109 C "C3'" . DG  A 1 6  ? -6.910  -3.308  4.945   1.00 27.79 ? 6   DG  A "C3'" 1 
ATOM   110 O "O3'" . DG  A 1 6  ? -6.923  -3.578  6.353   1.00 28.62 ? 6   DG  A "O3'" 1 
ATOM   111 C "C2'" . DG  A 1 6  ? -6.557  -4.561  4.170   1.00 27.22 ? 6   DG  A "C2'" 1 
ATOM   112 C "C1'" . DG  A 1 6  ? -7.250  -4.308  2.836   1.00 27.07 ? 6   DG  A "C1'" 1 
ATOM   113 N N9    . DG  A 1 6  ? -6.343  -3.822  1.813   1.00 26.49 ? 6   DG  A N9    1 
ATOM   114 C C8    . DG  A 1 6  ? -6.207  -2.554  1.328   1.00 25.92 ? 6   DG  A C8    1 
ATOM   115 N N7    . DG  A 1 6  ? -5.280  -2.470  0.387   1.00 26.26 ? 6   DG  A N7    1 
ATOM   116 C C5    . DG  A 1 6  ? -4.782  -3.751  0.282   1.00 25.24 ? 6   DG  A C5    1 
ATOM   117 C C6    . DG  A 1 6  ? -3.773  -4.276  -0.556  1.00 25.53 ? 6   DG  A C6    1 
ATOM   118 O O6    . DG  A 1 6  ? -3.095  -3.679  -1.415  1.00 25.71 ? 6   DG  A O6    1 
ATOM   119 N N1    . DG  A 1 6  ? -3.581  -5.642  -0.339  1.00 25.45 ? 6   DG  A N1    1 
ATOM   120 C C2    . DG  A 1 6  ? -4.285  -6.405  0.559   1.00 25.50 ? 6   DG  A C2    1 
ATOM   121 N N2    . DG  A 1 6  ? -3.979  -7.722  0.635   1.00 25.78 ? 6   DG  A N2    1 
ATOM   122 N N3    . DG  A 1 6  ? -5.229  -5.915  1.341   1.00 25.90 ? 6   DG  A N3    1 
ATOM   123 C C4    . DG  A 1 6  ? -5.423  -4.594  1.149   1.00 25.45 ? 6   DG  A C4    1 
ATOM   124 P P     . DT  A 1 7  ? -5.625  -3.341  7.254   1.00 28.85 ? 7   DT  A P     1 
ATOM   125 O OP1   . DT  A 1 7  ? -6.011  -3.457  8.693   1.00 30.57 ? 7   DT  A OP1   1 
ATOM   126 O OP2   . DT  A 1 7  ? -4.912  -2.160  6.728   1.00 29.65 ? 7   DT  A OP2   1 
ATOM   127 O "O5'" . DT  A 1 7  ? -4.690  -4.575  6.928   1.00 27.84 ? 7   DT  A "O5'" 1 
ATOM   128 C "C5'" . DT  A 1 7  ? -5.151  -5.919  7.129   1.00 27.94 ? 7   DT  A "C5'" 1 
ATOM   129 C "C4'" . DT  A 1 7  ? -4.027  -6.899  6.887   1.00 28.16 ? 7   DT  A "C4'" 1 
ATOM   130 O "O4'" . DT  A 1 7  ? -3.623  -6.801  5.494   1.00 27.77 ? 7   DT  A "O4'" 1 
ATOM   131 C "C3'" . DT  A 1 7  ? -2.766  -6.675  7.722   1.00 28.10 ? 7   DT  A "C3'" 1 
ATOM   132 O "O3'" . DT  A 1 7  ? -2.219  -7.932  8.138   1.00 29.25 ? 7   DT  A "O3'" 1 
ATOM   133 C "C2'" . DT  A 1 7  ? -1.830  -5.945  6.766   1.00 27.72 ? 7   DT  A "C2'" 1 
ATOM   134 C "C1'" . DT  A 1 7  ? -2.239  -6.513  5.416   1.00 27.17 ? 7   DT  A "C1'" 1 
ATOM   135 N N1    . DT  A 1 7  ? -2.060  -5.534  4.294   1.00 26.44 ? 7   DT  A N1    1 
ATOM   136 C C2    . DT  A 1 7  ? -1.234  -5.852  3.253   1.00 26.46 ? 7   DT  A C2    1 
ATOM   137 O O2    . DT  A 1 7  ? -0.605  -6.883  3.205   1.00 27.52 ? 7   DT  A O2    1 
ATOM   138 N N3    . DT  A 1 7  ? -1.137  -4.886  2.279   1.00 25.69 ? 7   DT  A N3    1 
ATOM   139 C C4    . DT  A 1 7  ? -1.763  -3.668  2.259   1.00 25.98 ? 7   DT  A C4    1 
ATOM   140 O O4    . DT  A 1 7  ? -1.605  -2.867  1.355   1.00 26.23 ? 7   DT  A O4    1 
ATOM   141 C C5    . DT  A 1 7  ? -2.620  -3.394  3.391   1.00 25.74 ? 7   DT  A C5    1 
ATOM   142 C C7    . DT  A 1 7  ? -3.358  -2.098  3.499   1.00 26.40 ? 7   DT  A C7    1 
ATOM   143 C C6    . DT  A 1 7  ? -2.724  -4.338  4.339   1.00 26.18 ? 7   DT  A C6    1 
ATOM   144 P P     . DA  A 1 8  ? -0.944  -7.985  9.098   1.00 30.41 ? 8   DA  A P     1 
ATOM   145 O OP1   . DA  A 1 8  ? -1.087  -9.260  9.864   1.00 31.13 ? 8   DA  A OP1   1 
ATOM   146 O OP2   . DA  A 1 8  ? -0.829  -6.653  9.767   1.00 31.57 ? 8   DA  A OP2   1 
ATOM   147 O "O5'" . DA  A 1 8  ? 0.278   -8.116  8.097   1.00 29.43 ? 8   DA  A "O5'" 1 
ATOM   148 C "C5'" . DA  A 1 8  ? 0.454   -9.320  7.389   1.00 29.11 ? 8   DA  A "C5'" 1 
ATOM   149 C "C4'" . DA  A 1 8  ? 1.733   -9.279  6.607   1.00 29.30 ? 8   DA  A "C4'" 1 
ATOM   150 O "O4'" . DA  A 1 8  ? 1.580   -8.321  5.549   1.00 28.75 ? 8   DA  A "O4'" 1 
ATOM   151 C "C3'" . DA  A 1 8  ? 2.958   -8.847  7.413   1.00 29.48 ? 8   DA  A "C3'" 1 
ATOM   152 O "O3'" . DA  A 1 8  ? 3.970   -9.790  7.242   1.00 30.26 ? 8   DA  A "O3'" 1 
ATOM   153 C "C2'" . DA  A 1 8  ? 3.335   -7.487  6.822   1.00 28.99 ? 8   DA  A "C2'" 1 
ATOM   154 C "C1'" . DA  A 1 8  ? 2.774   -7.601  5.411   1.00 28.53 ? 8   DA  A "C1'" 1 
ATOM   155 N N9    . DA  A 1 8  ? 2.416   -6.328  4.800   1.00 27.47 ? 8   DA  A N9    1 
ATOM   156 C C8    . DA  A 1 8  ? 1.582   -5.368  5.314   1.00 26.90 ? 8   DA  A C8    1 
ATOM   157 N N7    . DA  A 1 8  ? 1.413   -4.329  4.532   1.00 26.80 ? 8   DA  A N7    1 
ATOM   158 C C5    . DA  A 1 8  ? 2.160   -4.647  3.395   1.00 26.02 ? 8   DA  A C5    1 
ATOM   159 C C6    . DA  A 1 8  ? 2.387   -3.959  2.194   1.00 25.12 ? 8   DA  A C6    1 
ATOM   160 N N6    . DA  A 1 8  ? 1.864   -2.772  1.926   1.00 24.88 ? 8   DA  A N6    1 
ATOM   161 N N1    . DA  A 1 8  ? 3.204   -4.526  1.289   1.00 25.38 ? 8   DA  A N1    1 
ATOM   162 C C2    . DA  A 1 8  ? 3.743   -5.736  1.563   1.00 25.83 ? 8   DA  A C2    1 
ATOM   163 N N3    . DA  A 1 8  ? 3.600   -6.491  2.667   1.00 26.77 ? 8   DA  A N3    1 
ATOM   164 C C4    . DA  A 1 8  ? 2.780   -5.879  3.543   1.00 26.74 ? 8   DA  A C4    1 
ATOM   165 P P     . DC  A 1 9  ? 5.310   -9.726  8.106   1.00 31.11 ? 9   DC  A P     1 
ATOM   166 O OP1   . DC  A 1 9  ? 5.861   -11.100 8.109   1.00 32.13 ? 9   DC  A OP1   1 
ATOM   167 O OP2   . DC  A 1 9  ? 5.137   -8.952  9.362   1.00 32.38 ? 9   DC  A OP2   1 
ATOM   168 O "O5'" . DC  A 1 9  ? 6.263   -8.853  7.206   1.00 31.13 ? 9   DC  A "O5'" 1 
ATOM   169 C "C5'" . DC  A 1 9  ? 6.743   -9.399  6.030   1.00 31.87 ? 9   DC  A "C5'" 1 
ATOM   170 C "C4'" . DC  A 1 9  ? 7.437   -8.340  5.240   1.00 31.65 ? 9   DC  A "C4'" 1 
ATOM   171 O "O4'" . DC  A 1 9  ? 6.467   -7.361  4.827   1.00 31.72 ? 9   DC  A "O4'" 1 
ATOM   172 C "C3'" . DC  A 1 9  ? 8.515   -7.567  6.016   1.00 31.62 ? 9   DC  A "C3'" 1 
ATOM   173 O "O3'" . DC  A 1 9  ? 9.800   -7.826  5.452   1.00 32.07 ? 9   DC  A "O3'" 1 
ATOM   174 C "C2'" . DC  A 1 9  ? 8.110   -6.105  5.832   1.00 31.36 ? 9   DC  A "C2'" 1 
ATOM   175 C "C1'" . DC  A 1 9  ? 7.167   -6.185  4.641   1.00 30.88 ? 9   DC  A "C1'" 1 
ATOM   176 N N1    . DC  A 1 9  ? 6.256   -5.027  4.556   1.00 29.20 ? 9   DC  A N1    1 
ATOM   177 C C2    . DC  A 1 9  ? 6.276   -4.245  3.405   1.00 28.29 ? 9   DC  A C2    1 
ATOM   178 O O2    . DC  A 1 9  ? 6.978   -4.596  2.467   1.00 28.64 ? 9   DC  A O2    1 
ATOM   179 N N3    . DC  A 1 9  ? 5.502   -3.150  3.344   1.00 27.11 ? 9   DC  A N3    1 
ATOM   180 C C4    . DC  A 1 9  ? 4.740   -2.807  4.385   1.00 27.10 ? 9   DC  A C4    1 
ATOM   181 N N4    . DC  A 1 9  ? 3.989   -1.701  4.278   1.00 26.54 ? 9   DC  A N4    1 
ATOM   182 C C5    . DC  A 1 9  ? 4.710   -3.581  5.574   1.00 27.79 ? 9   DC  A C5    1 
ATOM   183 C C6    . DC  A 1 9  ? 5.476   -4.669  5.625   1.00 28.73 ? 9   DC  A C6    1 
ATOM   184 P P     . DC  A 1 10 ? 11.158  -7.318  6.150   1.00 32.32 ? 10  DC  A P     1 
ATOM   185 O OP1   . DC  A 1 10 ? 12.001  -8.529  6.217   1.00 33.04 ? 10  DC  A OP1   1 
ATOM   186 O OP2   . DC  A 1 10 ? 10.909  -6.574  7.413   1.00 32.33 ? 10  DC  A OP2   1 
ATOM   187 O "O5'" . DC  A 1 10 ? 11.776  -6.260  5.095   1.00 31.57 ? 10  DC  A "O5'" 1 
ATOM   188 C "C5'" . DC  A 1 10 ? 12.588  -6.721  3.999   1.00 31.00 ? 10  DC  A "C5'" 1 
ATOM   189 C "C4'" . DC  A 1 10 ? 13.007  -5.538  3.175   1.00 30.18 ? 10  DC  A "C4'" 1 
ATOM   190 O "O4'" . DC  A 1 10 ? 11.844  -5.020  2.513   1.00 29.61 ? 10  DC  A "O4'" 1 
ATOM   191 C "C3'" . DC  A 1 10 ? 13.512  -4.375  3.996   1.00 30.01 ? 10  DC  A "C3'" 1 
ATOM   192 O "O3'" . DC  A 1 10 ? 14.879  -4.560  4.311   1.00 31.11 ? 10  DC  A "O3'" 1 
ATOM   193 C "C2'" . DC  A 1 10 ? 13.316  -3.235  3.009   1.00 28.76 ? 10  DC  A "C2'" 1 
ATOM   194 C "C1'" . DC  A 1 10 ? 11.977  -3.607  2.387   1.00 28.47 ? 10  DC  A "C1'" 1 
ATOM   195 N N1    . DC  A 1 10 ? 10.819  -2.920  3.042   1.00 27.66 ? 10  DC  A N1    1 
ATOM   196 C C2    . DC  A 1 10 ? 10.487  -1.647  2.605   1.00 27.37 ? 10  DC  A C2    1 
ATOM   197 O O2    . DC  A 1 10 ? 11.137  -1.139  1.678   1.00 27.73 ? 10  DC  A O2    1 
ATOM   198 N N3    . DC  A 1 10 ? 9.457   -1.019  3.165   1.00 26.44 ? 10  DC  A N3    1 
ATOM   199 C C4    . DC  A 1 10 ? 8.779   -1.583  4.154   1.00 26.95 ? 10  DC  A C4    1 
ATOM   200 N N4    . DC  A 1 10 ? 7.768   -0.901  4.666   1.00 26.79 ? 10  DC  A N4    1 
ATOM   201 C C5    . DC  A 1 10 ? 9.103   -2.880  4.646   1.00 27.73 ? 10  DC  A C5    1 
ATOM   202 C C6    . DC  A 1 10 ? 10.131  -3.512  4.075   1.00 28.04 ? 10  DC  A C6    1 
ATOM   203 P P     . DC  A 1 11 ? 15.578  -3.694  5.461   1.00 32.58 ? 11  DC  A P     1 
ATOM   204 O OP1   . DC  A 1 11 ? 16.963  -4.221  5.651   1.00 33.78 ? 11  DC  A OP1   1 
ATOM   205 O OP2   . DC  A 1 11 ? 14.691  -3.716  6.657   1.00 32.28 ? 11  DC  A OP2   1 
ATOM   206 O "O5'" . DC  A 1 11 ? 15.668  -2.239  4.835   1.00 33.06 ? 11  DC  A "O5'" 1 
ATOM   207 C "C5'" . DC  A 1 11 ? 15.574  -1.105  5.668   1.00 33.46 ? 11  DC  A "C5'" 1 
ATOM   208 C "C4'" . DC  A 1 11 ? 15.304  0.104   4.834   1.00 33.24 ? 11  DC  A "C4'" 1 
ATOM   209 O "O4'" . DC  A 1 11 ? 14.040  -0.065  4.138   1.00 32.47 ? 11  DC  A "O4'" 1 
ATOM   210 C "C3'" . DC  A 1 11 ? 15.127  1.389   5.606   1.00 33.83 ? 11  DC  A "C3'" 1 
ATOM   211 O "O3'" . DC  A 1 11 ? 16.387  1.934   5.961   1.00 34.97 ? 11  DC  A "O3'" 1 
ATOM   212 C "C2'" . DC  A 1 11 ? 14.408  2.230   4.569   1.00 32.50 ? 11  DC  A "C2'" 1 
ATOM   213 C "C1'" . DC  A 1 11 ? 13.404  1.199   4.030   1.00 31.82 ? 11  DC  A "C1'" 1 
ATOM   214 N N1    . DC  A 1 11 ? 12.135  1.174   4.803   1.00 30.76 ? 11  DC  A N1    1 
ATOM   215 C C2    . DC  A 1 11 ? 11.245  2.236   4.643   1.00 29.91 ? 11  DC  A C2    1 
ATOM   216 O O2    . DC  A 1 11 ? 11.543  3.145   3.864   1.00 29.41 ? 11  DC  A O2    1 
ATOM   217 N N3    . DC  A 1 11 ? 10.097  2.249   5.357   1.00 30.01 ? 11  DC  A N3    1 
ATOM   218 C C4    . DC  A 1 11 ? 9.829   1.249   6.196   1.00 30.37 ? 11  DC  A C4    1 
ATOM   219 N N4    . DC  A 1 11 ? 8.685   1.307   6.893   1.00 30.46 ? 11  DC  A N4    1 
ATOM   220 C C5    . DC  A 1 11 ? 10.726  0.148   6.368   1.00 30.16 ? 11  DC  A C5    1 
ATOM   221 C C6    . DC  A 1 11 ? 11.866  0.160   5.668   1.00 30.56 ? 11  DC  A C6    1 
ATOM   222 P P     . DC  A 1 12 ? 16.544  2.775   7.320   1.00 35.50 ? 12  DC  A P     1 
ATOM   223 O OP1   . DC  A 1 12 ? 17.996  3.063   7.463   1.00 35.83 ? 12  DC  A OP1   1 
ATOM   224 O OP2   . DC  A 1 12 ? 15.831  2.148   8.430   1.00 35.70 ? 12  DC  A OP2   1 
ATOM   225 O "O5'" . DC  A 1 12 ? 15.801  4.151   7.001   1.00 33.62 ? 12  DC  A "O5'" 1 
ATOM   226 C "C5'" . DC  A 1 12 ? 16.271  4.993   5.950   1.00 32.76 ? 12  DC  A "C5'" 1 
ATOM   227 C "C4'" . DC  A 1 12 ? 15.295  6.125   5.673   1.00 32.25 ? 12  DC  A "C4'" 1 
ATOM   228 O "O4'" . DC  A 1 12 ? 14.020  5.568   5.261   1.00 31.45 ? 12  DC  A "O4'" 1 
ATOM   229 C "C3'" . DC  A 1 12 ? 14.936  7.014   6.865   1.00 32.91 ? 12  DC  A "C3'" 1 
ATOM   230 O "O3'" . DC  A 1 12 ? 15.916  8.027   7.086   1.00 33.84 ? 12  DC  A "O3'" 1 
ATOM   231 C "C2'" . DC  A 1 12 ? 13.642  7.633   6.362   1.00 31.61 ? 12  DC  A "C2'" 1 
ATOM   232 C "C1'" . DC  A 1 12 ? 12.973  6.445   5.669   1.00 30.77 ? 12  DC  A "C1'" 1 
ATOM   233 N N1    . DC  A 1 12 ? 12.064  5.725   6.576   1.00 29.29 ? 12  DC  A N1    1 
ATOM   234 C C2    . DC  A 1 12 ? 10.844  6.300   6.886   1.00 28.60 ? 12  DC  A C2    1 
ATOM   235 O O2    . DC  A 1 12 ? 10.548  7.388   6.373   1.00 28.56 ? 12  DC  A O2    1 
ATOM   236 N N3    . DC  A 1 12 ? 10.016  5.663   7.737   1.00 28.28 ? 12  DC  A N3    1 
ATOM   237 C C4    . DC  A 1 12 ? 10.377  4.490   8.271   1.00 28.66 ? 12  DC  A C4    1 
ATOM   238 N N4    . DC  A 1 12 ? 9.520   3.895   9.115   1.00 29.18 ? 12  DC  A N4    1 
ATOM   239 C C5    . DC  A 1 12 ? 11.636  3.889   7.985   1.00 28.76 ? 12  DC  A C5    1 
ATOM   240 C C6    . DC  A 1 12 ? 12.447  4.540   7.136   1.00 29.02 ? 12  DC  A C6    1 
ATOM   241 P P     . DG  A 1 13 ? 15.972  8.797   8.496   1.00 35.35 ? 13  DG  A P     1 
ATOM   242 O OP1   . DG  A 1 13 ? 17.201  9.623   8.487   1.00 36.85 ? 13  DG  A OP1   1 
ATOM   243 O OP2   . DG  A 1 13 ? 15.770  7.813   9.567   1.00 35.06 ? 13  DG  A OP2   1 
ATOM   244 O "O5'" . DG  A 1 13 ? 14.677  9.734   8.496   1.00 34.41 ? 13  DG  A "O5'" 1 
ATOM   245 C "C5'" . DG  A 1 13 ? 14.597  10.843  7.660   1.00 33.61 ? 13  DG  A "C5'" 1 
ATOM   246 C "C4'" . DG  A 1 13 ? 13.239  11.488  7.822   1.00 32.54 ? 13  DG  A "C4'" 1 
ATOM   247 O "O4'" . DG  A 1 13 ? 12.217  10.508  7.510   1.00 31.22 ? 13  DG  A "O4'" 1 
ATOM   248 C "C3'" . DG  A 1 13 ? 12.868  11.886  9.234   1.00 32.90 ? 13  DG  A "C3'" 1 
ATOM   249 O "O3'" . DG  A 1 13 ? 13.506  13.094  9.661   1.00 34.36 ? 13  DG  A "O3'" 1 
ATOM   250 C "C2'" . DG  A 1 13 ? 11.372  12.053  9.066   1.00 31.75 ? 13  DG  A "C2'" 1 
ATOM   251 C "C1'" . DG  A 1 13 ? 11.061  10.780  8.297   1.00 30.42 ? 13  DG  A "C1'" 1 
ATOM   252 N N9    . DG  A 1 13 ? 10.800  9.655   9.191   1.00 29.10 ? 13  DG  A N9    1 
ATOM   253 C C8    . DG  A 1 13 ? 11.599  8.552   9.450   1.00 28.93 ? 13  DG  A C8    1 
ATOM   254 N N7    . DG  A 1 13 ? 11.080  7.736   10.333  1.00 28.98 ? 13  DG  A N7    1 
ATOM   255 C C5    . DG  A 1 13 ? 9.870   8.344   10.688  1.00 28.88 ? 13  DG  A C5    1 
ATOM   256 C C6    . DG  A 1 13 ? 8.881   7.945   11.614  1.00 29.01 ? 13  DG  A C6    1 
ATOM   257 O O6    . DG  A 1 13 ? 8.852   6.939   12.309  1.00 29.51 ? 13  DG  A O6    1 
ATOM   258 N N1    . DG  A 1 13 ? 7.831   8.868   11.687  1.00 28.51 ? 13  DG  A N1    1 
ATOM   259 C C2    . DG  A 1 13 ? 7.763   10.027  10.959  1.00 28.98 ? 13  DG  A C2    1 
ATOM   260 N N2    . DG  A 1 13 ? 6.677   10.801  11.148  1.00 29.69 ? 13  DG  A N2    1 
ATOM   261 N N3    . DG  A 1 13 ? 8.688   10.404  10.083  1.00 29.15 ? 13  DG  A N3    1 
ATOM   262 C C4    . DG  A 1 13 ? 9.708   9.527   10.013  1.00 28.79 ? 13  DG  A C4    1 
ATOM   263 P P     . DG  A 1 14 ? 14.102  13.155  11.151  1.00 35.16 ? 14  DG  A P     1 
ATOM   264 O OP1   . DG  A 1 14 ? 14.579  14.526  11.462  1.00 36.88 ? 14  DG  A OP1   1 
ATOM   265 O OP2   . DG  A 1 14 ? 15.020  11.995  11.332  1.00 34.79 ? 14  DG  A OP2   1 
ATOM   266 O "O5'" . DG  A 1 14 ? 12.842  12.793  12.082  1.00 34.36 ? 14  DG  A "O5'" 1 
ATOM   267 C "C5'" . DG  A 1 14 ? 12.168  13.811  12.850  1.00 33.41 ? 14  DG  A "C5'" 1 
ATOM   268 C "C4'" . DG  A 1 14 ? 10.914  14.274  12.136  1.00 31.66 ? 14  DG  A "C4'" 1 
ATOM   269 O "O4'" . DG  A 1 14 ? 10.121  13.132  11.730  1.00 30.12 ? 14  DG  A "O4'" 1 
ATOM   270 C "C3'" . DG  A 1 14 ? 9.984   15.133  12.970  1.00 32.10 ? 14  DG  A "C3'" 1 
ATOM   271 O "O3'" . DG  A 1 14 ? 9.234   16.018  12.119  1.00 32.82 ? 14  DG  A "O3'" 1 
ATOM   272 C "C2'" . DG  A 1 14 ? 9.094   14.098  13.651  1.00 31.19 ? 14  DG  A "C2'" 1 
ATOM   273 C "C1'" . DG  A 1 14 ? 9.116   12.898  12.697  1.00 29.95 ? 14  DG  A "C1'" 1 
ATOM   274 N N9    . DG  A 1 14 ? 9.414   11.629  13.355  1.00 28.96 ? 14  DG  A N9    1 
ATOM   275 C C8    . DG  A 1 14 ? 10.532  10.845  13.171  1.00 28.44 ? 14  DG  A C8    1 
ATOM   276 N N7    . DG  A 1 14 ? 10.524  9.761   13.891  1.00 28.36 ? 14  DG  A N7    1 
ATOM   277 C C5    . DG  A 1 14 ? 9.322   9.827   14.598  1.00 28.50 ? 14  DG  A C5    1 
ATOM   278 C C6    . DG  A 1 14 ? 8.755   8.922   15.507  1.00 29.06 ? 14  DG  A C6    1 
ATOM   279 O O6    . DG  A 1 14 ? 9.234   7.861   15.944  1.00 29.67 ? 14  DG  A O6    1 
ATOM   280 N N1    . DG  A 1 14 ? 7.534   9.372   15.992  1.00 28.77 ? 14  DG  A N1    1 
ATOM   281 C C2    . DG  A 1 14 ? 6.906   10.513  15.603  1.00 28.40 ? 14  DG  A C2    1 
ATOM   282 N N2    . DG  A 1 14 ? 5.712   10.752  16.176  1.00 27.69 ? 14  DG  A N2    1 
ATOM   283 N N3    . DG  A 1 14 ? 7.418   11.380  14.737  1.00 28.68 ? 14  DG  A N3    1 
ATOM   284 C C4    . DG  A 1 14 ? 8.623   10.963  14.268  1.00 28.67 ? 14  DG  A C4    1 
ATOM   285 O "O5'" . DC  B 1 1  ? 2.218   3.882   20.522  1.00 36.93 ? 1   DC  B "O5'" 1 
ATOM   286 C "C5'" . DC  B 1 1  ? 1.212   4.752   21.015  1.00 36.40 ? 1   DC  B "C5'" 1 
ATOM   287 C "C4'" . DC  B 1 1  ? 1.322   6.132   20.376  1.00 35.80 ? 1   DC  B "C4'" 1 
ATOM   288 O "O4'" . DC  B 1 1  ? 2.542   6.799   20.817  1.00 35.91 ? 1   DC  B "O4'" 1 
ATOM   289 C "C3'" . DC  B 1 1  ? 1.423   6.157   18.869  1.00 35.35 ? 1   DC  B "C3'" 1 
ATOM   290 O "O3'" . DC  B 1 1  ? 0.139   5.980   18.278  1.00 34.83 ? 1   DC  B "O3'" 1 
ATOM   291 C "C2'" . DC  B 1 1  ? 1.938   7.576   18.671  1.00 35.28 ? 1   DC  B "C2'" 1 
ATOM   292 C "C1'" . DC  B 1 1  ? 2.988   7.668   19.778  1.00 35.50 ? 1   DC  B "C1'" 1 
ATOM   293 N N1    . DC  B 1 1  ? 4.341   7.233   19.306  1.00 35.09 ? 1   DC  B N1    1 
ATOM   294 C C2    . DC  B 1 1  ? 5.045   8.048   18.418  1.00 34.96 ? 1   DC  B C2    1 
ATOM   295 O O2    . DC  B 1 1  ? 4.542   9.115   18.064  1.00 35.09 ? 1   DC  B O2    1 
ATOM   296 N N3    . DC  B 1 1  ? 6.253   7.640   17.964  1.00 34.75 ? 1   DC  B N3    1 
ATOM   297 C C4    . DC  B 1 1  ? 6.765   6.485   18.375  1.00 35.04 ? 1   DC  B C4    1 
ATOM   298 N N4    . DC  B 1 1  ? 7.963   6.131   17.906  1.00 35.43 ? 1   DC  B N4    1 
ATOM   299 C C5    . DC  B 1 1  ? 6.060   5.636   19.277  1.00 34.90 ? 1   DC  B C5    1 
ATOM   300 C C6    . DC  B 1 1  ? 4.861   6.046   19.704  1.00 34.80 ? 1   DC  B C6    1 
ATOM   301 P P     . DC  B 1 2  ? 0.001   5.563   16.735  1.00 34.46 ? 2   DC  B P     1 
ATOM   302 O OP1   . DC  B 1 2  ? -1.453  5.432   16.450  1.00 35.01 ? 2   DC  B OP1   1 
ATOM   303 O OP2   . DC  B 1 2  ? 0.959   4.491   16.402  1.00 34.61 ? 2   DC  B OP2   1 
ATOM   304 O "O5'" . DC  B 1 2  ? 0.485   6.855   15.925  1.00 33.04 ? 2   DC  B "O5'" 1 
ATOM   305 C "C5'" . DC  B 1 2  ? -0.249  8.068   16.038  1.00 32.51 ? 2   DC  B "C5'" 1 
ATOM   306 C "C4'" . DC  B 1 2  ? 0.333   9.119   15.115  1.00 32.15 ? 2   DC  B "C4'" 1 
ATOM   307 O "O4'" . DC  B 1 2  ? 1.645   9.509   15.602  1.00 31.79 ? 2   DC  B "O4'" 1 
ATOM   308 C "C3'" . DC  B 1 2  ? 0.597   8.651   13.709  1.00 32.45 ? 2   DC  B "C3'" 1 
ATOM   309 O "O3'" . DC  B 1 2  ? -0.593  8.693   12.948  1.00 34.05 ? 2   DC  B "O3'" 1 
ATOM   310 C "C2'" . DC  B 1 2  ? 1.576   9.716   13.263  1.00 31.30 ? 2   DC  B "C2'" 1 
ATOM   311 C "C1'" . DC  B 1 2  ? 2.472   9.797   14.495  1.00 30.96 ? 2   DC  B "C1'" 1 
ATOM   312 N N1    . DC  B 1 2  ? 3.602   8.813   14.445  1.00 29.93 ? 2   DC  B N1    1 
ATOM   313 C C2    . DC  B 1 2  ? 4.669   9.089   13.581  1.00 29.98 ? 2   DC  B C2    1 
ATOM   314 O O2    . DC  B 1 2  ? 4.660   10.124  12.970  1.00 29.71 ? 2   DC  B O2    1 
ATOM   315 N N3    . DC  B 1 2  ? 5.696   8.225   13.492  1.00 30.19 ? 2   DC  B N3    1 
ATOM   316 C C4    . DC  B 1 2  ? 5.679   7.116   14.191  1.00 30.32 ? 2   DC  B C4    1 
ATOM   317 N N4    . DC  B 1 2  ? 6.726   6.296   14.064  1.00 30.74 ? 2   DC  B N4    1 
ATOM   318 C C5    . DC  B 1 2  ? 4.588   6.786   15.078  1.00 30.02 ? 2   DC  B C5    1 
ATOM   319 C C6    . DC  B 1 2  ? 3.571   7.660   15.167  1.00 29.86 ? 2   DC  B C6    1 
ATOM   320 P P     . DG  B 1 3  ? -0.762  7.820   11.614  1.00 35.79 ? 3   DG  B P     1 
ATOM   321 O OP1   . DG  B 1 3  ? -2.106  8.167   11.074  1.00 36.60 ? 3   DG  B OP1   1 
ATOM   322 O OP2   . DG  B 1 3  ? -0.270  6.451   11.854  1.00 36.38 ? 3   DG  B OP2   1 
ATOM   323 O "O5'" . DG  B 1 3  ? 0.285   8.448   10.573  1.00 34.97 ? 3   DG  B "O5'" 1 
ATOM   324 C "C5'" . DG  B 1 3  ? 0.005   9.685   9.966   1.00 34.27 ? 3   DG  B "C5'" 1 
ATOM   325 C "C4'" . DG  B 1 3  ? 1.209   10.228  9.199   1.00 33.70 ? 3   DG  B "C4'" 1 
ATOM   326 O "O4'" . DG  B 1 3  ? 2.367   10.219  10.050  1.00 32.74 ? 3   DG  B "O4'" 1 
ATOM   327 C "C3'" . DG  B 1 3  ? 1.668   9.437   7.982   1.00 33.60 ? 3   DG  B "C3'" 1 
ATOM   328 O "O3'" . DG  B 1 3  ? 0.883   9.739   6.877   1.00 34.33 ? 3   DG  B "O3'" 1 
ATOM   329 C "C2'" . DG  B 1 3  ? 3.064   10.003  7.817   1.00 32.75 ? 3   DG  B "C2'" 1 
ATOM   330 C "C1'" . DG  B 1 3  ? 3.533   10.023  9.257   1.00 31.92 ? 3   DG  B "C1'" 1 
ATOM   331 N N9    . DG  B 1 3  ? 4.163   8.763   9.637   1.00 30.37 ? 3   DG  B N9    1 
ATOM   332 C C8    . DG  B 1 3  ? 3.680   7.800   10.503  1.00 30.27 ? 3   DG  B C8    1 
ATOM   333 N N7    . DG  B 1 3  ? 4.468   6.765   10.614  1.00 30.33 ? 3   DG  B N7    1 
ATOM   334 C C5    . DG  B 1 3  ? 5.535   7.050   9.747   1.00 30.22 ? 3   DG  B C5    1 
ATOM   335 C C6    . DG  B 1 3  ? 6.706   6.292   9.446   1.00 30.27 ? 3   DG  B C6    1 
ATOM   336 O O6    . DG  B 1 3  ? 7.037   5.176   9.880   1.00 31.31 ? 3   DG  B O6    1 
ATOM   337 N N1    . DG  B 1 3  ? 7.523   6.950   8.528   1.00 29.81 ? 3   DG  B N1    1 
ATOM   338 C C2    . DG  B 1 3  ? 7.264   8.175   7.994   1.00 29.79 ? 3   DG  B C2    1 
ATOM   339 N N2    . DG  B 1 3  ? 8.172   8.638   7.126   1.00 30.31 ? 3   DG  B N2    1 
ATOM   340 N N3    . DG  B 1 3  ? 6.166   8.896   8.250   1.00 29.80 ? 3   DG  B N3    1 
ATOM   341 C C4    . DG  B 1 3  ? 5.355   8.269   9.143   1.00 29.98 ? 3   DG  B C4    1 
ATOM   342 P P     . DG  B 1 4  ? 0.782   8.727   5.630   1.00 34.86 ? 4   DG  B P     1 
ATOM   343 O OP1   . DG  B 1 4  ? -0.247  9.322   4.763   1.00 35.66 ? 4   DG  B OP1   1 
ATOM   344 O OP2   . DG  B 1 4  ? 0.707   7.329   6.091   1.00 35.45 ? 4   DG  B OP2   1 
ATOM   345 O "O5'" . DG  B 1 4  ? 2.181   8.876   4.869   1.00 33.94 ? 4   DG  B "O5'" 1 
ATOM   346 C "C5'" . DG  B 1 4  ? 2.564   10.097  4.294   1.00 33.99 ? 4   DG  B "C5'" 1 
ATOM   347 C "C4'" . DG  B 1 4  ? 3.946   9.967   3.687   1.00 33.57 ? 4   DG  B "C4'" 1 
ATOM   348 O "O4'" . DG  B 1 4  ? 4.911   9.657   4.719   1.00 32.63 ? 4   DG  B "O4'" 1 
ATOM   349 C "C3'" . DG  B 1 4  ? 4.110   8.839   2.697   1.00 33.80 ? 4   DG  B "C3'" 1 
ATOM   350 O "O3'" . DG  B 1 4  ? 3.648   9.250   1.447   1.00 35.08 ? 4   DG  B "O3'" 1 
ATOM   351 C "C2'" . DG  B 1 4  ? 5.622   8.676   2.698   1.00 32.54 ? 4   DG  B "C2'" 1 
ATOM   352 C "C1'" . DG  B 1 4  ? 5.937   8.832   4.176   1.00 32.11 ? 4   DG  B "C1'" 1 
ATOM   353 N N9    . DG  B 1 4  ? 5.938   7.561   4.889   1.00 31.26 ? 4   DG  B N9    1 
ATOM   354 C C8    . DG  B 1 4  ? 4.981   7.098   5.753   1.00 31.44 ? 4   DG  B C8    1 
ATOM   355 N N7    . DG  B 1 4  ? 5.253   5.922   6.242   1.00 31.32 ? 4   DG  B N7    1 
ATOM   356 C C5    . DG  B 1 4  ? 6.474   5.588   5.680   1.00 31.00 ? 4   DG  B C5    1 
ATOM   357 C C6    . DG  B 1 4  ? 7.261   4.422   5.846   1.00 30.96 ? 4   DG  B C6    1 
ATOM   358 O O6    . DG  B 1 4  ? 7.036   3.438   6.557   1.00 31.60 ? 4   DG  B O6    1 
ATOM   359 N N1    . DG  B 1 4  ? 8.423   4.474   5.092   1.00 30.49 ? 4   DG  B N1    1 
ATOM   360 C C2    . DG  B 1 4  ? 8.771   5.505   4.275   1.00 30.69 ? 4   DG  B C2    1 
ATOM   361 N N2    . DG  B 1 4  ? 9.934   5.377   3.631   1.00 31.43 ? 4   DG  B N2    1 
ATOM   362 N N3    . DG  B 1 4  ? 8.047   6.605   4.108   1.00 30.56 ? 4   DG  B N3    1 
ATOM   363 C C4    . DG  B 1 4  ? 6.912   6.578   4.846   1.00 30.93 ? 4   DG  B C4    1 
ATOM   364 P P     . DG  B 1 5  ? 3.258   8.177   0.325   1.00 36.17 ? 5   DG  B P     1 
ATOM   365 O OP1   . DG  B 1 5  ? 2.654   8.927   -0.801  1.00 37.48 ? 5   DG  B OP1   1 
ATOM   366 O OP2   . DG  B 1 5  ? 2.529   7.066   0.972   1.00 36.56 ? 5   DG  B OP2   1 
ATOM   367 O "O5'" . DG  B 1 5  ? 4.672   7.601   -0.134  1.00 35.46 ? 5   DG  B "O5'" 1 
ATOM   368 C "C5'" . DG  B 1 5  ? 5.518   8.394   -0.932  1.00 34.45 ? 5   DG  B "C5'" 1 
ATOM   369 C "C4'" . DG  B 1 5  ? 6.801   7.651   -1.220  1.00 33.56 ? 5   DG  B "C4'" 1 
ATOM   370 O "O4'" . DG  B 1 5  ? 7.408   7.258   0.026   1.00 33.07 ? 5   DG  B "O4'" 1 
ATOM   371 C "C3'" . DG  B 1 5  ? 6.623   6.337   -1.944  1.00 33.37 ? 5   DG  B "C3'" 1 
ATOM   372 O "O3'" . DG  B 1 5  ? 6.490   6.562   -3.328  1.00 33.52 ? 5   DG  B "O3'" 1 
ATOM   373 C "C2'" . DG  B 1 5  ? 7.929   5.644   -1.623  1.00 32.48 ? 5   DG  B "C2'" 1 
ATOM   374 C "C1'" . DG  B 1 5  ? 8.105   6.030   -0.162  1.00 32.00 ? 5   DG  B "C1'" 1 
ATOM   375 N N9    . DG  B 1 5  ? 7.556   5.073   0.776   1.00 30.00 ? 5   DG  B N9    1 
ATOM   376 C C8    . DG  B 1 5  ? 6.374   5.176   1.486   1.00 29.52 ? 5   DG  B C8    1 
ATOM   377 N N7    . DG  B 1 5  ? 6.147   4.152   2.268   1.00 28.66 ? 5   DG  B N7    1 
ATOM   378 C C5    . DG  B 1 5  ? 7.258   3.343   2.077   1.00 27.71 ? 5   DG  B C5    1 
ATOM   379 C C6    . DG  B 1 5  ? 7.573   2.098   2.624   1.00 26.97 ? 5   DG  B C6    1 
ATOM   380 O O6    . DG  B 1 5  ? 6.947   1.470   3.480   1.00 26.36 ? 5   DG  B O6    1 
ATOM   381 N N1    . DG  B 1 5  ? 8.789   1.609   2.130   1.00 26.87 ? 5   DG  B N1    1 
ATOM   382 C C2    . DG  B 1 5  ? 9.574   2.247   1.191   1.00 27.41 ? 5   DG  B C2    1 
ATOM   383 N N2    . DG  B 1 5  ? 10.722  1.623   0.826   1.00 27.65 ? 5   DG  B N2    1 
ATOM   384 N N3    . DG  B 1 5  ? 9.276   3.414   0.663   1.00 27.74 ? 5   DG  B N3    1 
ATOM   385 C C4    . DG  B 1 5  ? 8.109   3.894   1.137   1.00 28.61 ? 5   DG  B C4    1 
ATOM   386 P P     . DG  B 1 6  ? 5.549   5.608   -4.190  1.00 34.36 ? 6   DG  B P     1 
ATOM   387 O OP1   . DG  B 1 6  ? 5.594   6.079   -5.584  1.00 35.41 ? 6   DG  B OP1   1 
ATOM   388 O OP2   . DG  B 1 6  ? 4.255   5.347   -3.536  1.00 34.74 ? 6   DG  B OP2   1 
ATOM   389 O "O5'" . DG  B 1 6  ? 6.299   4.210   -4.161  1.00 32.24 ? 6   DG  B "O5'" 1 
ATOM   390 C "C5'" . DG  B 1 6  ? 7.546   4.038   -4.857  1.00 30.77 ? 6   DG  B "C5'" 1 
ATOM   391 C "C4'" . DG  B 1 6  ? 8.186   2.706   -4.483  1.00 29.58 ? 6   DG  B "C4'" 1 
ATOM   392 O "O4'" . DG  B 1 6  ? 8.422   2.684   -3.056  1.00 29.56 ? 6   DG  B "O4'" 1 
ATOM   393 C "C3'" . DG  B 1 6  ? 7.321   1.484   -4.739  1.00 29.13 ? 6   DG  B "C3'" 1 
ATOM   394 O "O3'" . DG  B 1 6  ? 7.427   1.047   -6.095  1.00 29.66 ? 6   DG  B "O3'" 1 
ATOM   395 C "C2'" . DG  B 1 6  ? 7.937   0.479   -3.784  1.00 28.41 ? 6   DG  B "C2'" 1 
ATOM   396 C "C1'" . DG  B 1 6  ? 8.221   1.367   -2.582  1.00 28.30 ? 6   DG  B "C1'" 1 
ATOM   397 N N9    . DG  B 1 6  ? 7.152   1.347   -1.587  1.00 27.16 ? 6   DG  B N9    1 
ATOM   398 C C8    . DG  B 1 6  ? 6.166   2.271   -1.360  1.00 27.25 ? 6   DG  B C8    1 
ATOM   399 N N7    . DG  B 1 6  ? 5.363   1.922   -0.374  1.00 27.19 ? 6   DG  B N7    1 
ATOM   400 C C5    . DG  B 1 6  ? 5.842   0.696   0.044   1.00 26.55 ? 6   DG  B C5    1 
ATOM   401 C C6    . DG  B 1 6  ? 5.393   -0.160  1.077   1.00 26.83 ? 6   DG  B C6    1 
ATOM   402 O O6    . DG  B 1 6  ? 4.431   -0.004  1.861   1.00 28.26 ? 6   DG  B O6    1 
ATOM   403 N N1    . DG  B 1 6  ? 6.182   -1.288  1.185   1.00 26.11 ? 6   DG  B N1    1 
ATOM   404 C C2    . DG  B 1 6  ? 7.266   -1.561  0.376   1.00 26.24 ? 6   DG  B C2    1 
ATOM   405 N N2    . DG  B 1 6  ? 7.909   -2.704  0.598   1.00 26.81 ? 6   DG  B N2    1 
ATOM   406 N N3    . DG  B 1 6  ? 7.686   -0.767  -0.585  1.00 26.17 ? 6   DG  B N3    1 
ATOM   407 C C4    . DG  B 1 6  ? 6.941   0.338   -0.687  1.00 26.48 ? 6   DG  B C4    1 
ATOM   408 P P     . DT  B 1 7  ? 6.200   0.260   -6.782  1.00 30.37 ? 7   DT  B P     1 
ATOM   409 O OP1   . DT  B 1 7  ? 6.452   0.218   -8.254  1.00 31.29 ? 7   DT  B OP1   1 
ATOM   410 O OP2   . DT  B 1 7  ? 4.883   0.744   -6.300  1.00 31.22 ? 7   DT  B OP2   1 
ATOM   411 O "O5'" . DT  B 1 7  ? 6.323   -1.231  -6.230  1.00 28.68 ? 7   DT  B "O5'" 1 
ATOM   412 C "C5'" . DT  B 1 7  ? 7.464   -2.040  -6.567  1.00 28.03 ? 7   DT  B "C5'" 1 
ATOM   413 C "C4'" . DT  B 1 7  ? 7.510   -3.272  -5.696  1.00 27.82 ? 7   DT  B "C4'" 1 
ATOM   414 O "O4'" . DT  B 1 7  ? 7.538   -2.842  -4.323  1.00 27.55 ? 7   DT  B "O4'" 1 
ATOM   415 C "C3'" . DT  B 1 7  ? 6.284   -4.171  -5.751  1.00 28.03 ? 7   DT  B "C3'" 1 
ATOM   416 O "O3'" . DT  B 1 7  ? 6.332   -5.009  -6.878  1.00 28.80 ? 7   DT  B "O3'" 1 
ATOM   417 C "C2'" . DT  B 1 7  ? 6.474   -4.956  -4.478  1.00 27.70 ? 7   DT  B "C2'" 1 
ATOM   418 C "C1'" . DT  B 1 7  ? 6.908   -3.837  -3.530  1.00 27.20 ? 7   DT  B "C1'" 1 
ATOM   419 N N1    . DT  B 1 7  ? 5.766   -3.222  -2.767  1.00 26.89 ? 7   DT  B N1    1 
ATOM   420 C C2    . DT  B 1 7  ? 5.278   -3.908  -1.668  1.00 26.39 ? 7   DT  B C2    1 
ATOM   421 O O2    . DT  B 1 7  ? 5.718   -5.001  -1.317  1.00 27.95 ? 7   DT  B O2    1 
ATOM   422 N N3    . DT  B 1 7  ? 4.250   -3.280  -1.010  1.00 26.14 ? 7   DT  B N3    1 
ATOM   423 C C4    . DT  B 1 7  ? 3.692   -2.054  -1.319  1.00 26.83 ? 7   DT  B C4    1 
ATOM   424 O O4    . DT  B 1 7  ? 2.765   -1.553  -0.648  1.00 27.87 ? 7   DT  B O4    1 
ATOM   425 C C5    . DT  B 1 7  ? 4.255   -1.398  -2.477  1.00 26.94 ? 7   DT  B C5    1 
ATOM   426 C C7    . DT  B 1 7  ? 3.734   -0.080  -2.925  1.00 27.16 ? 7   DT  B C7    1 
ATOM   427 C C6    . DT  B 1 7  ? 5.255   -2.012  -3.132  1.00 26.92 ? 7   DT  B C6    1 
ATOM   428 P P     . DA  B 1 8  ? 5.004   -5.724  -7.436  1.00 29.99 ? 8   DA  B P     1 
ATOM   429 O OP1   . DA  B 1 8  ? 5.473   -6.422  -8.657  1.00 31.06 ? 8   DA  B OP1   1 
ATOM   430 O OP2   . DA  B 1 8  ? 3.907   -4.738  -7.541  1.00 30.78 ? 8   DA  B OP2   1 
ATOM   431 O "O5'" . DA  B 1 8  ? 4.600   -6.812  -6.339  1.00 29.80 ? 8   DA  B "O5'" 1 
ATOM   432 C "C5'" . DA  B 1 8  ? 5.403   -7.932  -6.136  1.00 30.17 ? 8   DA  B "C5'" 1 
ATOM   433 C "C4'" . DA  B 1 8  ? 4.880   -8.700  -4.945  1.00 30.20 ? 8   DA  B "C4'" 1 
ATOM   434 O "O4'" . DA  B 1 8  ? 4.906   -7.838  -3.786  1.00 29.82 ? 8   DA  B "O4'" 1 
ATOM   435 C "C3'" . DA  B 1 8  ? 3.427   -9.097  -5.057  1.00 30.19 ? 8   DA  B "C3'" 1 
ATOM   436 O "O3'" . DA  B 1 8  ? 3.344   -10.302 -5.738  1.00 31.12 ? 8   DA  B "O3'" 1 
ATOM   437 C "C2'" . DA  B 1 8  ? 3.058   -9.291  -3.603  1.00 29.35 ? 8   DA  B "C2'" 1 
ATOM   438 C "C1'" . DA  B 1 8  ? 3.793   -8.145  -2.956  1.00 29.08 ? 8   DA  B "C1'" 1 
ATOM   439 N N9    . DA  B 1 8  ? 2.991   -6.934  -2.790  1.00 27.57 ? 8   DA  B N9    1 
ATOM   440 C C8    . DA  B 1 8  ? 2.954   -5.821  -3.602  1.00 26.95 ? 8   DA  B C8    1 
ATOM   441 N N7    . DA  B 1 8  ? 2.170   -4.852  -3.149  1.00 25.72 ? 8   DA  B N7    1 
ATOM   442 C C5    . DA  B 1 8  ? 1.659   -5.379  -1.957  1.00 26.02 ? 8   DA  B C5    1 
ATOM   443 C C6    . DA  B 1 8  ? 0.753   -4.864  -0.995  1.00 25.28 ? 8   DA  B C6    1 
ATOM   444 N N6    . DA  B 1 8  ? 0.204   -3.666  -1.061  1.00 25.72 ? 8   DA  B N6    1 
ATOM   445 N N1    . DA  B 1 8  ? 0.453   -5.650  0.063   1.00 25.34 ? 8   DA  B N1    1 
ATOM   446 C C2    . DA  B 1 8  ? 1.013   -6.861  0.160   1.00 25.34 ? 8   DA  B C2    1 
ATOM   447 N N3    . DA  B 1 8  ? 1.886   -7.454  -0.670  1.00 26.75 ? 8   DA  B N3    1 
ATOM   448 C C4    . DA  B 1 8  ? 2.146   -6.655  -1.733  1.00 26.77 ? 8   DA  B C4    1 
ATOM   449 P P     . DC  B 1 9  ? 2.104   -10.623 -6.702  1.00 32.09 ? 9   DC  B P     1 
ATOM   450 O OP1   . DC  B 1 9  ? 2.513   -11.797 -7.502  1.00 33.07 ? 9   DC  B OP1   1 
ATOM   451 O OP2   . DC  B 1 9  ? 1.697   -9.392  -7.382  1.00 31.90 ? 9   DC  B OP2   1 
ATOM   452 O "O5'" . DC  B 1 9  ? 0.918   -11.034 -5.717  1.00 31.81 ? 9   DC  B "O5'" 1 
ATOM   453 C "C5'" . DC  B 1 9  ? 0.998   -12.246 -5.035  1.00 32.02 ? 9   DC  B "C5'" 1 
ATOM   454 C "C4'" . DC  B 1 9  ? 0.187   -12.205 -3.770  1.00 31.87 ? 9   DC  B "C4'" 1 
ATOM   455 O "O4'" . DC  B 1 9  ? 0.576   -11.038 -3.031  1.00 31.03 ? 9   DC  B "O4'" 1 
ATOM   456 C "C3'" . DC  B 1 9  ? -1.310  -12.039 -3.954  1.00 32.20 ? 9   DC  B "C3'" 1 
ATOM   457 O "O3'" . DC  B 1 9  ? -1.918  -13.310 -4.203  1.00 33.43 ? 9   DC  B "O3'" 1 
ATOM   458 C "C2'" . DC  B 1 9  ? -1.712  -11.490 -2.595  1.00 31.27 ? 9   DC  B "C2'" 1 
ATOM   459 C "C1'" . DC  B 1 9  ? -0.537  -10.568 -2.286  1.00 30.31 ? 9   DC  B "C1'" 1 
ATOM   460 N N1    . DC  B 1 9  ? -0.784  -9.168  -2.642  1.00 28.41 ? 9   DC  B N1    1 
ATOM   461 C C2    . DC  B 1 9  ? -1.485  -8.374  -1.749  1.00 27.46 ? 9   DC  B C2    1 
ATOM   462 O O2    . DC  B 1 9  ? -1.872  -8.868  -0.705  1.00 28.32 ? 9   DC  B O2    1 
ATOM   463 N N3    . DC  B 1 9  ? -1.706  -7.101  -2.043  1.00 25.55 ? 9   DC  B N3    1 
ATOM   464 C C4    . DC  B 1 9  ? -1.272  -6.581  -3.186  1.00 25.06 ? 9   DC  B C4    1 
ATOM   465 N N4    . DC  B 1 9  ? -1.527  -5.294  -3.417  1.00 23.48 ? 9   DC  B N4    1 
ATOM   466 C C5    . DC  B 1 9  ? -0.556  -7.371  -4.134  1.00 26.24 ? 9   DC  B C5    1 
ATOM   467 C C6    . DC  B 1 9  ? -0.339  -8.654  -3.825  1.00 27.86 ? 9   DC  B C6    1 
ATOM   468 P P     . DC  B 1 10 ? -3.350  -13.403 -4.921  1.00 34.75 ? 10  DC  B P     1 
ATOM   469 O OP1   . DC  B 1 10 ? -3.608  -14.829 -5.186  1.00 36.20 ? 10  DC  B OP1   1 
ATOM   470 O OP2   . DC  B 1 10 ? -3.453  -12.378 -5.966  1.00 35.35 ? 10  DC  B OP2   1 
ATOM   471 O "O5'" . DC  B 1 10 ? -4.374  -12.912 -3.781  1.00 32.51 ? 10  DC  B "O5'" 1 
ATOM   472 C "C5'" . DC  B 1 10 ? -4.632  -13.705 -2.647  1.00 30.84 ? 10  DC  B "C5'" 1 
ATOM   473 C "C4'" . DC  B 1 10 ? -5.790  -13.100 -1.886  1.00 28.76 ? 10  DC  B "C4'" 1 
ATOM   474 O "O4'" . DC  B 1 10 ? -5.329  -11.902 -1.204  1.00 27.95 ? 10  DC  B "O4'" 1 
ATOM   475 C "C3'" . DC  B 1 10 ? -6.918  -12.615 -2.770  1.00 27.77 ? 10  DC  B "C3'" 1 
ATOM   476 O "O3'" . DC  B 1 10 ? -7.802  -13.685 -3.079  1.00 28.14 ? 10  DC  B "O3'" 1 
ATOM   477 C "C2'" . DC  B 1 10 ? -7.581  -11.568 -1.879  1.00 26.95 ? 10  DC  B "C2'" 1 
ATOM   478 C "C1'" . DC  B 1 10 ? -6.369  -10.932 -1.198  1.00 27.14 ? 10  DC  B "C1'" 1 
ATOM   479 N N1    . DC  B 1 10 ? -5.910  -9.700  -1.896  1.00 27.03 ? 10  DC  B N1    1 
ATOM   480 C C2    . DC  B 1 10 ? -6.439  -8.491  -1.505  1.00 27.06 ? 10  DC  B C2    1 
ATOM   481 O O2    . DC  B 1 10 ? -7.263  -8.478  -0.589  1.00 27.05 ? 10  DC  B O2    1 
ATOM   482 N N3    . DC  B 1 10 ? -6.054  -7.362  -2.136  1.00 26.00 ? 10  DC  B N3    1 
ATOM   483 C C4    . DC  B 1 10 ? -5.145  -7.415  -3.112  1.00 26.50 ? 10  DC  B C4    1 
ATOM   484 N N4    . DC  B 1 10 ? -4.792  -6.267  -3.701  1.00 26.72 ? 10  DC  B N4    1 
ATOM   485 C C5    . DC  B 1 10 ? -4.588  -8.656  -3.535  1.00 26.81 ? 10  DC  B C5    1 
ATOM   486 C C6    . DC  B 1 10 ? -4.989  -9.766  -2.901  1.00 27.13 ? 10  DC  B C6    1 
ATOM   487 P P     . DC  B 1 11 ? -8.738  -13.605 -4.391  1.00 29.05 ? 11  DC  B P     1 
ATOM   488 O OP1   . DC  B 1 11 ? -9.405  -14.938 -4.566  1.00 30.13 ? 11  DC  B OP1   1 
ATOM   489 O OP2   . DC  B 1 11 ? -7.936  -13.120 -5.542  1.00 30.03 ? 11  DC  B OP2   1 
ATOM   490 O "O5'" . DC  B 1 11 ? -9.765  -12.456 -4.031  1.00 28.66 ? 11  DC  B "O5'" 1 
ATOM   491 C "C5'" . DC  B 1 11 ? -10.222 -11.568 -5.025  1.00 28.74 ? 11  DC  B "C5'" 1 
ATOM   492 C "C4'" . DC  B 1 11 ? -11.016 -10.483 -4.366  1.00 28.33 ? 11  DC  B "C4'" 1 
ATOM   493 O "O4'" . DC  B 1 11 ? -10.132 -9.704  -3.506  1.00 27.64 ? 11  DC  B "O4'" 1 
ATOM   494 C "C3'" . DC  B 1 11 ? -11.637 -9.463  -5.297  1.00 28.84 ? 11  DC  B "C3'" 1 
ATOM   495 O "O3'" . DC  B 1 11 ? -12.890 -9.907  -5.745  1.00 30.30 ? 11  DC  B "O3'" 1 
ATOM   496 C "C2'" . DC  B 1 11 ? -11.794 -8.290  -4.355  1.00 27.82 ? 11  DC  B "C2'" 1 
ATOM   497 C "C1'" . DC  B 1 11 ? -10.463 -8.340  -3.603  1.00 27.12 ? 11  DC  B "C1'" 1 
ATOM   498 N N1    . DC  B 1 11 ? -9.372  -7.590  -4.312  1.00 26.06 ? 11  DC  B N1    1 
ATOM   499 C C2    . DC  B 1 11 ? -9.418  -6.207  -4.310  1.00 26.39 ? 11  DC  B C2    1 
ATOM   500 O O2    . DC  B 1 11 ? -10.340 -5.648  -3.723  1.00 26.54 ? 11  DC  B O2    1 
ATOM   501 N N3    . DC  B 1 11 ? -8.461  -5.521  -4.952  1.00 26.34 ? 11  DC  B N3    1 
ATOM   502 C C4    . DC  B 1 11 ? -7.478  -6.159  -5.563  1.00 26.51 ? 11  DC  B C4    1 
ATOM   503 N N4    . DC  B 1 11 ? -6.567  -5.413  -6.193  1.00 27.00 ? 11  DC  B N4    1 
ATOM   504 C C5    . DC  B 1 11 ? -7.385  -7.581  -5.570  1.00 26.27 ? 11  DC  B C5    1 
ATOM   505 C C6    . DC  B 1 11 ? -8.352  -8.254  -4.930  1.00 25.99 ? 11  DC  B C6    1 
ATOM   506 P P     . DC  B 1 12 ? -13.412 -9.504  -7.214  1.00 30.43 ? 12  DC  B P     1 
ATOM   507 O OP1   . DC  B 1 12 ? -14.654 -10.277 -7.478  1.00 32.01 ? 12  DC  B OP1   1 
ATOM   508 O OP2   . DC  B 1 12 ? -12.348 -9.489  -8.212  1.00 30.59 ? 12  DC  B OP2   1 
ATOM   509 O "O5'" . DC  B 1 12 ? -13.834 -7.990  -7.022  1.00 29.31 ? 12  DC  B "O5'" 1 
ATOM   510 C "C5'" . DC  B 1 12 ? -14.877 -7.621  -6.122  1.00 28.96 ? 12  DC  B "C5'" 1 
ATOM   511 C "C4'" . DC  B 1 12 ? -14.981 -6.115  -6.002  1.00 29.28 ? 12  DC  B "C4'" 1 
ATOM   512 O "O4'" . DC  B 1 12 ? -13.741 -5.590  -5.471  1.00 29.58 ? 12  DC  B "O4'" 1 
ATOM   513 C "C3'" . DC  B 1 12 ? -15.154 -5.360  -7.312  1.00 29.72 ? 12  DC  B "C3'" 1 
ATOM   514 O "O3'" . DC  B 1 12 ? -16.523 -5.354  -7.734  1.00 30.35 ? 12  DC  B "O3'" 1 
ATOM   515 C "C2'" . DC  B 1 12 ? -14.706 -3.971  -6.900  1.00 29.07 ? 12  DC  B "C2'" 1 
ATOM   516 C "C1'" . DC  B 1 12 ? -13.498 -4.299  -6.037  1.00 28.79 ? 12  DC  B "C1'" 1 
ATOM   517 N N1    . DC  B 1 12 ? -12.240 -4.357  -6.798  1.00 28.04 ? 12  DC  B N1    1 
ATOM   518 C C2    . DC  B 1 12 ? -11.671 -3.169  -7.242  1.00 27.95 ? 12  DC  B C2    1 
ATOM   519 O O2    . DC  B 1 12 ? -12.256 -2.105  -7.012  1.00 27.97 ? 12  DC  B O2    1 
ATOM   520 N N3    . DC  B 1 12 ? -10.507 -3.215  -7.931  1.00 27.82 ? 12  DC  B N3    1 
ATOM   521 C C4    . DC  B 1 12 ? -9.905  -4.381  -8.153  1.00 28.36 ? 12  DC  B C4    1 
ATOM   522 N N4    . DC  B 1 12 ? -8.749  -4.369  -8.830  1.00 29.23 ? 12  DC  B N4    1 
ATOM   523 C C5    . DC  B 1 12 ? -10.466 -5.612  -7.705  1.00 28.08 ? 12  DC  B C5    1 
ATOM   524 C C6    . DC  B 1 12 ? -11.623 -5.555  -7.032  1.00 27.81 ? 12  DC  B C6    1 
ATOM   525 P P     . DG  B 1 13 ? -16.890 -5.041  -9.269  1.00 31.16 ? 13  DG  B P     1 
ATOM   526 O OP1   . DG  B 1 13 ? -18.336 -5.266  -9.454  1.00 32.37 ? 13  DG  B OP1   1 
ATOM   527 O OP2   . DG  B 1 13 ? -15.928 -5.716  -10.168 1.00 31.45 ? 13  DG  B OP2   1 
ATOM   528 O "O5'" . DG  B 1 13 ? -16.560 -3.488  -9.439  1.00 30.55 ? 13  DG  B "O5'" 1 
ATOM   529 C "C5'" . DG  B 1 13 ? -17.297 -2.525  -8.734  1.00 29.45 ? 13  DG  B "C5'" 1 
ATOM   530 C "C4'" . DG  B 1 13 ? -16.820 -1.123  -9.069  1.00 28.96 ? 13  DG  B "C4'" 1 
ATOM   531 O "O4'" . DG  B 1 13 ? -15.442 -0.965  -8.668  1.00 28.34 ? 13  DG  B "O4'" 1 
ATOM   532 C "C3'" . DG  B 1 13 ? -16.801 -0.773  -10.527 1.00 29.34 ? 13  DG  B "C3'" 1 
ATOM   533 O "O3'" . DG  B 1 13 ? -18.103 -0.394  -10.959 1.00 30.01 ? 13  DG  B "O3'" 1 
ATOM   534 C "C2'" . DG  B 1 13 ? -15.841 0.412   -10.522 1.00 28.96 ? 13  DG  B "C2'" 1 
ATOM   535 C "C1'" . DG  B 1 13 ? -14.783 -0.067  -9.561  1.00 28.23 ? 13  DG  B "C1'" 1 
ATOM   536 N N9    . DG  B 1 13 ? -13.689 -0.780  -10.219 1.00 27.02 ? 13  DG  B N9    1 
ATOM   537 C C8    . DG  B 1 13 ? -13.504 -2.147  -10.274 1.00 26.94 ? 13  DG  B C8    1 
ATOM   538 N N7    . DG  B 1 13 ? -12.444 -2.505  -10.958 1.00 26.58 ? 13  DG  B N7    1 
ATOM   539 C C5    . DG  B 1 13 ? -11.882 -1.301  -11.374 1.00 27.03 ? 13  DG  B C5    1 
ATOM   540 C C6    . DG  B 1 13 ? -10.712 -1.067  -12.142 1.00 27.41 ? 13  DG  B C6    1 
ATOM   541 O O6    . DG  B 1 13 ? -9.922  -1.905  -12.630 1.00 27.86 ? 13  DG  B O6    1 
ATOM   542 N N1    . DG  B 1 13 ? -10.504 0.295   -12.371 1.00 27.09 ? 13  DG  B N1    1 
ATOM   543 C C2    . DG  B 1 13 ? -11.316 1.296   -11.879 1.00 27.25 ? 13  DG  B C2    1 
ATOM   544 N N2    . DG  B 1 13 ? -10.967 2.548   -12.205 1.00 27.01 ? 13  DG  B N2    1 
ATOM   545 N N3    . DG  B 1 13 ? -12.429 1.085   -11.159 1.00 27.57 ? 13  DG  B N3    1 
ATOM   546 C C4    . DG  B 1 13 ? -12.650 -0.234  -10.953 1.00 27.19 ? 13  DG  B C4    1 
ATOM   547 P P     . DG  B 1 14 ? -18.527 -0.610  -12.481 1.00 30.84 ? 14  DG  B P     1 
ATOM   548 O OP1   . DG  B 1 14 ? -19.902 -0.104  -12.625 1.00 32.38 ? 14  DG  B OP1   1 
ATOM   549 O OP2   . DG  B 1 14 ? -18.165 -1.980  -12.959 1.00 30.46 ? 14  DG  B OP2   1 
ATOM   550 O "O5'" . DG  B 1 14 ? -17.551 0.371   -13.285 1.00 30.62 ? 14  DG  B "O5'" 1 
ATOM   551 C "C5'" . DG  B 1 14 ? -17.696 1.778   -13.112 1.00 30.72 ? 14  DG  B "C5'" 1 
ATOM   552 C "C4'" . DG  B 1 14 ? -16.619 2.529   -13.864 1.00 30.55 ? 14  DG  B "C4'" 1 
ATOM   553 O "O4'" . DG  B 1 14 ? -15.319 2.166   -13.356 1.00 30.52 ? 14  DG  B "O4'" 1 
ATOM   554 C "C3'" . DG  B 1 14 ? -16.500 2.184   -15.325 1.00 30.88 ? 14  DG  B "C3'" 1 
ATOM   555 O "O3'" . DG  B 1 14 ? -17.580 2.728   -16.097 1.00 30.97 ? 14  DG  B "O3'" 1 
ATOM   556 C "C2'" . DG  B 1 14 ? -15.151 2.843   -15.611 1.00 30.86 ? 14  DG  B "C2'" 1 
ATOM   557 C "C1'" . DG  B 1 14 ? -14.349 2.412   -14.356 1.00 30.38 ? 14  DG  B "C1'" 1 
ATOM   558 N N9    . DG  B 1 14 ? -13.592 1.180   -14.593 1.00 29.61 ? 14  DG  B N9    1 
ATOM   559 C C8    . DG  B 1 14 ? -14.014 -0.122  -14.367 1.00 29.48 ? 14  DG  B C8    1 
ATOM   560 N N7    . DG  B 1 14 ? -13.160 -1.020  -14.765 1.00 29.00 ? 14  DG  B N7    1 
ATOM   561 C C5    . DG  B 1 14 ? -12.116 -0.271  -15.315 1.00 29.14 ? 14  DG  B C5    1 
ATOM   562 C C6    . DG  B 1 14 ? -10.917 -0.696  -15.915 1.00 29.66 ? 14  DG  B C6    1 
ATOM   563 O O6    . DG  B 1 14 ? -10.515 -1.856  -16.079 1.00 30.42 ? 14  DG  B O6    1 
ATOM   564 N N1    . DG  B 1 14 ? -10.145 0.383   -16.357 1.00 29.14 ? 14  DG  B N1    1 
ATOM   565 C C2    . DG  B 1 14 ? -10.505 1.707   -16.216 1.00 28.85 ? 14  DG  B C2    1 
ATOM   566 N N2    . DG  B 1 14 ? -9.640  2.613   -16.688 1.00 28.66 ? 14  DG  B N2    1 
ATOM   567 N N3    . DG  B 1 14 ? -11.624 2.111   -15.659 1.00 28.86 ? 14  DG  B N3    1 
ATOM   568 C C4    . DG  B 1 14 ? -12.384 1.074   -15.236 1.00 29.22 ? 14  DG  B C4    1 
HETATM 569 O O     . HOH C 2 .  ? -5.252  -1.888  -7.986  1.00 47.25 ? 101 HOH A O     1 
HETATM 570 O O     . HOH C 2 .  ? 11.555  -10.343 4.624   1.00 35.30 ? 102 HOH A O     1 
HETATM 571 O O     . HOH C 2 .  ? 17.422  11.329  10.800  1.00 45.06 ? 103 HOH A O     1 
HETATM 572 O O     . HOH C 2 .  ? -7.256  6.891   -0.591  1.00 48.84 ? 104 HOH A O     1 
HETATM 573 O O     . HOH C 2 .  ? 14.634  9.478   11.839  1.00 37.03 ? 105 HOH A O     1 
HETATM 574 O O     . HOH C 2 .  ? -10.850 6.392   0.145   1.00 43.44 ? 106 HOH A O     1 
HETATM 575 O O     . HOH C 2 .  ? -4.721  0.440   6.327   1.00 48.47 ? 107 HOH A O     1 
HETATM 576 O O     . HOH C 2 .  ? 10.696  5.771   15.263  1.00 40.07 ? 108 HOH A O     1 
HETATM 577 O O     . HOH C 2 .  ? 11.069  9.280   4.492   1.00 41.07 ? 109 HOH A O     1 
HETATM 578 O O     . HOH C 2 .  ? 11.195  5.555   12.073  1.00 47.72 ? 110 HOH A O     1 
HETATM 579 O O     . HOH C 2 .  ? -4.794  -0.600  -12.123 1.00 48.16 ? 111 HOH A O     1 
HETATM 580 O O     . HOH C 2 .  ? 17.650  -6.863  5.388   1.00 39.07 ? 112 HOH A O     1 
HETATM 581 O O     . HOH C 2 .  ? 13.248  4.282   2.021   1.00 36.42 ? 113 HOH A O     1 
HETATM 582 O O     . HOH C 2 .  ? -4.815  1.602   4.166   1.00 59.00 ? 114 HOH A O     1 
HETATM 583 O O     . HOH C 2 .  ? -12.107 -4.213  -0.281  1.00 42.40 ? 115 HOH A O     1 
HETATM 584 O O     . HOH C 2 .  ? 1.010   -4.928  8.573   1.00 41.07 ? 116 HOH A O     1 
HETATM 585 O O     . HOH C 2 .  ? -12.612 0.259   -3.657  1.00 40.59 ? 117 HOH A O     1 
HETATM 586 O O     . HOH C 2 .  ? 12.657  7.890   13.570  1.00 37.24 ? 118 HOH A O     1 
HETATM 587 O O     . HOH C 2 .  ? 11.880  -3.511  7.308   1.00 42.69 ? 119 HOH A O     1 
HETATM 588 O O     . HOH C 2 .  ? 17.226  15.694  11.452  1.00 44.46 ? 120 HOH A O     1 
HETATM 589 O O     . HOH C 2 .  ? 7.728   12.988  9.156   1.00 38.30 ? 121 HOH A O     1 
HETATM 590 O O     . HOH C 2 .  ? 5.358   -8.807  2.521   1.00 43.84 ? 122 HOH A O     1 
HETATM 591 O O     . HOH C 2 .  ? -0.037  -1.929  5.329   1.00 35.15 ? 123 HOH A O     1 
HETATM 592 O O     . HOH C 2 .  ? -11.386 4.108   -9.050  1.00 35.38 ? 124 HOH A O     1 
HETATM 593 O O     . HOH C 2 .  ? 12.881  -8.881  8.984   1.00 40.74 ? 125 HOH A O     1 
HETATM 594 O O     . HOH C 2 .  ? -7.486  -5.171  -18.874 1.00 52.47 ? 126 HOH A O     1 
HETATM 595 O O     . HOH C 2 .  ? 8.800   15.299  9.300   1.00 34.57 ? 127 HOH A O     1 
HETATM 596 O O     . HOH C 2 .  ? -13.187 2.382   -6.839  1.00 40.75 ? 128 HOH A O     1 
HETATM 597 O O     . HOH C 2 .  ? 6.967   -1.560  7.425   1.00 45.39 ? 129 HOH A O     1 
HETATM 598 O O     . HOH C 2 .  ? 2.458   -0.986  6.718   1.00 38.17 ? 130 HOH A O     1 
HETATM 599 O O     . HOH C 2 .  ? -2.553  0.885   -13.172 1.00 40.99 ? 131 HOH A O     1 
HETATM 600 O O     . HOH C 2 .  ? -1.955  -1.874  6.884   1.00 36.46 ? 132 HOH A O     1 
HETATM 601 O O     . HOH C 2 .  ? 18.910  -1.964  6.170   1.00 55.70 ? 133 HOH A O     1 
HETATM 602 O O     . HOH C 2 .  ? -5.504  -3.068  -15.245 1.00 38.71 ? 134 HOH A O     1 
HETATM 603 O O     . HOH C 2 .  ? -13.349 -2.219  -2.318  1.00 40.84 ? 135 HOH A O     1 
HETATM 604 O O     . HOH C 2 .  ? 8.478   -1.007  9.176   1.00 53.37 ? 136 HOH A O     1 
HETATM 605 O O     . HOH C 2 .  ? -4.631  -1.200  -4.287  1.00 52.42 ? 137 HOH A O     1 
HETATM 606 O O     . HOH C 2 .  ? 0.512   -0.151  3.438   1.00 41.31 ? 138 HOH A O     1 
HETATM 607 O O     . HOH C 2 .  ? 5.532   -5.453  8.779   1.00 50.96 ? 139 HOH A O     1 
HETATM 608 O O     . HOH C 2 .  ? -11.083 6.333   -7.450  1.00 41.18 ? 140 HOH A O     1 
HETATM 609 O O     . HOH C 2 .  ? 15.203  -6.264  9.194   1.00 51.86 ? 141 HOH A O     1 
HETATM 610 O O     . HOH C 2 .  ? -0.853  -2.877  9.159   1.00 46.05 ? 142 HOH A O     1 
HETATM 611 O O     . HOH C 2 .  ? -11.200 7.428   -2.990  1.00 47.27 ? 143 HOH A O     1 
HETATM 612 O O     . HOH C 2 .  ? 1.826   -10.200 13.776  1.00 44.53 ? 144 HOH A O     1 
HETATM 613 O O     . HOH D 2 .  ? -9.879  -4.502  -12.836 1.00 42.01 ? 101 HOH B O     1 
HETATM 614 O O     . HOH D 2 .  ? 4.525   2.448   3.771   1.00 53.31 ? 102 HOH B O     1 
HETATM 615 O O     . HOH D 2 .  ? -10.191 -10.925 -8.783  1.00 39.85 ? 103 HOH B O     1 
HETATM 616 O O     . HOH D 2 .  ? -19.545 -6.836  -11.243 1.00 40.09 ? 104 HOH B O     1 
HETATM 617 O O     . HOH D 2 .  ? 2.234   -9.929  0.312   1.00 34.50 ? 105 HOH B O     1 
HETATM 618 O O     . HOH D 2 .  ? 3.245   -2.452  -8.783  1.00 41.75 ? 106 HOH B O     1 
HETATM 619 O O     . HOH D 2 .  ? 1.403   -2.680  -4.544  1.00 36.35 ? 107 HOH B O     1 
HETATM 620 O O     . HOH D 2 .  ? -5.653  -16.483 -5.766  1.00 44.47 ? 108 HOH B O     1 
HETATM 621 O O     . HOH D 2 .  ? -6.422  -10.957 -6.083  1.00 29.82 ? 109 HOH B O     1 
HETATM 622 O O     . HOH D 2 .  ? 2.732   -13.751 -9.380  1.00 52.28 ? 110 HOH B O     1 
HETATM 623 O O     . HOH D 2 .  ? -12.098 -15.214 -5.060  1.00 39.09 ? 111 HOH B O     1 
HETATM 624 O O     . HOH D 2 .  ? 11.320  5.215   0.184   1.00 36.57 ? 112 HOH B O     1 
HETATM 625 O O     . HOH D 2 .  ? -13.080 -5.176  -10.568 1.00 36.57 ? 113 HOH B O     1 
HETATM 626 O O     . HOH D 2 .  ? -20.734 1.259   -10.342 1.00 46.78 ? 114 HOH B O     1 
HETATM 627 O O     . HOH D 2 .  ? 5.970   11.661  7.830   1.00 32.63 ? 115 HOH B O     1 
HETATM 628 O O     . HOH D 2 .  ? 9.155   8.745   2.674   1.00 44.41 ? 116 HOH B O     1 
HETATM 629 O O     . HOH D 2 .  ? 2.715   -1.029  -6.478  1.00 38.83 ? 117 HOH B O     1 
HETATM 630 O O     . HOH D 2 .  ? 0.978   0.614   -0.491  1.00 44.65 ? 118 HOH B O     1 
HETATM 631 O O     . HOH D 2 .  ? -15.590 -8.266  -11.322 1.00 43.16 ? 119 HOH B O     1 
HETATM 632 O O     . HOH D 2 .  ? -13.673 3.607   -10.709 1.00 37.89 ? 120 HOH B O     1 
HETATM 633 O O     . HOH D 2 .  ? -12.747 -5.980  -2.205  1.00 33.18 ? 121 HOH B O     1 
HETATM 634 O O     . HOH D 2 .  ? -14.290 -0.551  -5.716  1.00 34.65 ? 122 HOH B O     1 
HETATM 635 O O     . HOH D 2 .  ? 7.395   3.733   12.352  1.00 44.50 ? 123 HOH B O     1 
HETATM 636 O O     . HOH D 2 .  ? -13.653 -3.874  -14.602 1.00 44.94 ? 124 HOH B O     1 
HETATM 637 O O     . HOH D 2 .  ? 3.997   4.658   -7.564  1.00 47.41 ? 125 HOH B O     1 
HETATM 638 O O     . HOH D 2 .  ? 4.245   4.337   12.212  1.00 36.33 ? 126 HOH B O     1 
HETATM 639 O O     . HOH D 2 .  ? -1.063  12.103  5.094   1.00 43.48 ? 127 HOH B O     1 
HETATM 640 O O     . HOH D 2 .  ? 2.928   3.342   0.379   1.00 51.35 ? 128 HOH B O     1 
HETATM 641 O O     . HOH D 2 .  ? -7.474  -17.104 -4.123  1.00 42.61 ? 129 HOH B O     1 
HETATM 642 O O     . HOH D 2 .  ? 1.356   -6.162  -7.234  1.00 36.18 ? 130 HOH B O     1 
HETATM 643 O O     . HOH D 2 .  ? 2.896   2.892   -6.581  1.00 54.91 ? 131 HOH B O     1 
HETATM 644 O O     . HOH D 2 .  ? -8.411  -14.713 -7.987  1.00 40.36 ? 132 HOH B O     1 
HETATM 645 O O     . HOH D 2 .  ? -12.009 -7.510  -10.429 1.00 40.29 ? 133 HOH B O     1 
HETATM 646 O O     . HOH D 2 .  ? -7.560  -7.084  -9.277  1.00 36.32 ? 134 HOH B O     1 
HETATM 647 O O     . HOH D 2 .  ? -1.344  -9.045  -7.610  1.00 49.18 ? 135 HOH B O     1 
HETATM 648 O O     . HOH D 2 .  ? 8.368   11.220  5.453   1.00 42.62 ? 136 HOH B O     1 
HETATM 649 O O     . HOH D 2 .  ? -3.425  -6.726  -6.431  1.00 40.62 ? 137 HOH B O     1 
HETATM 650 O O     . HOH D 2 .  ? -0.403  -4.192  -6.137  1.00 38.24 ? 138 HOH B O     1 
HETATM 651 O O     . HOH D 2 .  ? -15.318 -6.295  -2.715  1.00 45.74 ? 139 HOH B O     1 
HETATM 652 O O     . HOH D 2 .  ? -6.067  -14.488 -7.982  1.00 46.50 ? 140 HOH B O     1 
HETATM 653 O O     . HOH D 2 .  ? -0.337  -1.054  -3.164  1.00 50.88 ? 141 HOH B O     1 
HETATM 654 O O     . HOH D 2 .  ? 10.521  9.887   0.144   1.00 48.01 ? 142 HOH B O     1 
HETATM 655 O O     . HOH D 2 .  ? 3.828   13.324  6.341   1.00 41.09 ? 143 HOH B O     1 
HETATM 656 O O     . HOH D 2 .  ? -7.501  -9.777  -8.216  1.00 40.84 ? 144 HOH B O     1 
# 
loop_
_atom_site_anisotrop.id 
_atom_site_anisotrop.type_symbol 
_atom_site_anisotrop.pdbx_label_atom_id 
_atom_site_anisotrop.pdbx_label_alt_id 
_atom_site_anisotrop.pdbx_label_comp_id 
_atom_site_anisotrop.pdbx_label_asym_id 
_atom_site_anisotrop.pdbx_label_seq_id 
_atom_site_anisotrop.pdbx_PDB_ins_code 
_atom_site_anisotrop.U[1][1] 
_atom_site_anisotrop.U[2][2] 
_atom_site_anisotrop.U[3][3] 
_atom_site_anisotrop.U[1][2] 
_atom_site_anisotrop.U[1][3] 
_atom_site_anisotrop.U[2][3] 
_atom_site_anisotrop.pdbx_auth_seq_id 
_atom_site_anisotrop.pdbx_auth_comp_id 
_atom_site_anisotrop.pdbx_auth_asym_id 
_atom_site_anisotrop.pdbx_auth_atom_id 
1   O "O5'" . DC A 1  ? 0.4965 0.5263 0.4927 0.0129  -0.0346 -0.0973 1  DC A "O5'" 
2   C "C5'" . DC A 1  ? 0.4905 0.5062 0.4786 0.0145  -0.0343 -0.0943 1  DC A "C5'" 
3   C "C4'" . DC A 1  ? 0.4818 0.4938 0.4546 0.0201  -0.0363 -0.0918 1  DC A "C4'" 
4   O "O4'" . DC A 1  ? 0.4725 0.5003 0.4470 0.0216  -0.0311 -0.0970 1  DC A "O4'" 
5   C "C3'" . DC A 1  ? 0.4856 0.4813 0.4479 0.0222  -0.0378 -0.0876 1  DC A "C3'" 
6   O "O3'" . DC A 1  ? 0.4869 0.4679 0.4415 0.0226  -0.0436 -0.0818 1  DC A "O3'" 
7   C "C2'" . DC A 1  ? 0.4835 0.4835 0.4354 0.0271  -0.0367 -0.0884 1  DC A "C2'" 
8   C "C1'" . DC A 1  ? 0.4716 0.4923 0.4338 0.0256  -0.0309 -0.0952 1  DC A "C1'" 
9   N N1    . DC A 1  ? 0.4612 0.4863 0.4294 0.0233  -0.0254 -0.0995 1  DC A N1    
10  C C2    . DC A 1  ? 0.4584 0.4808 0.4164 0.0268  -0.0244 -0.0991 1  DC A C2    
11  O O2    . DC A 1  ? 0.4519 0.4685 0.3968 0.0317  -0.0278 -0.0953 1  DC A O2    
12  N N3    . DC A 1  ? 0.4570 0.4832 0.4201 0.0247  -0.0194 -0.1031 1  DC A N3    
13  C C4    . DC A 1  ? 0.4575 0.4894 0.4352 0.0193  -0.0148 -0.1073 1  DC A C4    
14  N N4    . DC A 1  ? 0.4572 0.4917 0.4392 0.0172  -0.0094 -0.1113 1  DC A N4    
15  C C5    . DC A 1  ? 0.4562 0.4904 0.4446 0.0158  -0.0155 -0.1077 1  DC A C5    
16  C C6    . DC A 1  ? 0.4569 0.4880 0.4400 0.0180  -0.0213 -0.1037 1  DC A C6    
17  P P     . DC A 2  ? 0.4919 0.4567 0.4395 0.0229  -0.0455 -0.0771 2  DC A P     
18  O OP1   . DC A 2  ? 0.5015 0.4553 0.4420 0.0224  -0.0508 -0.0721 2  DC A OP1   
19  O OP2   . DC A 2  ? 0.4940 0.4604 0.4522 0.0202  -0.0412 -0.0787 2  DC A OP2   
20  O "O5'" . DC A 2  ? 0.4832 0.4450 0.4182 0.0278  -0.0454 -0.0764 2  DC A "O5'" 
21  C "C5'" . DC A 2  ? 0.4754 0.4347 0.3985 0.0317  -0.0481 -0.0746 2  DC A "C5'" 
22  C "C4'" . DC A 2  ? 0.4691 0.4259 0.3815 0.0361  -0.0471 -0.0743 2  DC A "C4'" 
23  O "O4'" . DC A 2  ? 0.4530 0.4244 0.3709 0.0368  -0.0423 -0.0792 2  DC A "O4'" 
24  C "C3'" . DC A 2  ? 0.4816 0.4275 0.3903 0.0359  -0.0482 -0.0717 2  DC A "C3'" 
25  O "O3'" . DC A 2  ? 0.5110 0.4436 0.4100 0.0364  -0.0523 -0.0671 2  DC A "O3'" 
26  C "C2'" . DC A 2  ? 0.4644 0.4151 0.3666 0.0400  -0.0459 -0.0736 2  DC A "C2'" 
27  C "C1'" . DC A 2  ? 0.4435 0.4113 0.3553 0.0389  -0.0413 -0.0791 2  DC A "C1'" 
28  N N1    . DC A 2  ? 0.4253 0.3992 0.3489 0.0354  -0.0373 -0.0828 2  DC A N1    
29  C C2    . DC A 2  ? 0.4201 0.3956 0.3403 0.0372  -0.0353 -0.0843 2  DC A C2    
30  O O2    . DC A 2  ? 0.4188 0.3912 0.3264 0.0416  -0.0371 -0.0825 2  DC A O2    
31  N N3    . DC A 2  ? 0.4111 0.3915 0.3418 0.0338  -0.0311 -0.0877 2  DC A N3    
32  C C4    . DC A 2  ? 0.4117 0.3948 0.3558 0.0292  -0.0286 -0.0894 2  DC A C4    
33  N N4    . DC A 2  ? 0.4065 0.3938 0.3610 0.0261  -0.0235 -0.0929 2  DC A N4    
34  C C5    . DC A 2  ? 0.4140 0.3960 0.3618 0.0276  -0.0311 -0.0878 2  DC A C5    
35  C C6    . DC A 2  ? 0.4200 0.3974 0.3569 0.0307  -0.0356 -0.0845 2  DC A C6    
36  P P     . DG A 3  ? 0.5432 0.4653 0.4409 0.0346  -0.0541 -0.0636 3  DG A P     
37  O OP1   . DG A 3  ? 0.5604 0.4711 0.4462 0.0352  -0.0578 -0.0600 3  DG A OP1   
38  O OP2   . DG A 3  ? 0.5456 0.4712 0.4565 0.0306  -0.0525 -0.0638 3  DG A OP2   
39  O "O5'" . DG A 3  ? 0.5273 0.4504 0.4210 0.0378  -0.0527 -0.0645 3  DG A "O5'" 
40  C "C5'" . DG A 3  ? 0.5156 0.4324 0.3960 0.0416  -0.0544 -0.0629 3  DG A "C5'" 
41  C "C4'" . DG A 3  ? 0.4895 0.4112 0.3684 0.0444  -0.0526 -0.0649 3  DG A "C4'" 
42  O "O4'" . DG A 3  ? 0.4611 0.3960 0.3488 0.0438  -0.0485 -0.0695 3  DG A "O4'" 
43  C "C3'" . DG A 3  ? 0.4807 0.3995 0.3635 0.0430  -0.0533 -0.0633 3  DG A "C3'" 
44  O "O3'" . DG A 3  ? 0.4896 0.3981 0.3625 0.0442  -0.0568 -0.0596 3  DG A "O3'" 
45  C "C2'" . DG A 3  ? 0.4669 0.3942 0.3497 0.0455  -0.0506 -0.0668 3  DG A "C2'" 
46  C "C1'" . DG A 3  ? 0.4488 0.3872 0.3388 0.0444  -0.0468 -0.0711 3  DG A "C1'" 
47  N N9    . DG A 3  ? 0.4204 0.3647 0.3251 0.0402  -0.0434 -0.0734 3  DG A N9    
48  C C8    . DG A 3  ? 0.4100 0.3550 0.3252 0.0363  -0.0424 -0.0735 3  DG A C8    
49  N N7    . DG A 3  ? 0.4062 0.3557 0.3337 0.0333  -0.0385 -0.0755 3  DG A N7    
50  C C5    . DG A 3  ? 0.4123 0.3641 0.3370 0.0352  -0.0370 -0.0770 3  DG A C5    
51  C C6    . DG A 3  ? 0.4049 0.3612 0.3390 0.0334  -0.0325 -0.0796 3  DG A C6    
52  O O6    . DG A 3  ? 0.4085 0.3670 0.3554 0.0298  -0.0283 -0.0808 3  DG A O6    
53  N N1    . DG A 3  ? 0.3990 0.3565 0.3254 0.0363  -0.0330 -0.0804 3  DG A N1    
54  C C2    . DG A 3  ? 0.4075 0.3626 0.3195 0.0406  -0.0371 -0.0790 3  DG A C2    
55  N N2    . DG A 3  ? 0.4039 0.3612 0.3102 0.0430  -0.0371 -0.0800 3  DG A N2    
56  N N3    . DG A 3  ? 0.4112 0.3612 0.3145 0.0425  -0.0407 -0.0764 3  DG A N3    
57  C C4    . DG A 3  ? 0.4109 0.3599 0.3215 0.0394  -0.0404 -0.0758 3  DG A C4    
58  P P     . DG A 4  ? 0.4979 0.4027 0.3749 0.0422  -0.0585 -0.0563 4  DG A P     
59  O OP1   . DG A 4  ? 0.5114 0.4068 0.3771 0.0429  -0.0618 -0.0534 4  DG A OP1   
60  O OP2   . DG A 4  ? 0.4863 0.3939 0.3760 0.0383  -0.0568 -0.0554 4  DG A OP2   
61  O "O5'" . DG A 4  ? 0.4856 0.3962 0.3646 0.0445  -0.0572 -0.0581 4  DG A "O5'" 
62  C "C5'" . DG A 4  ? 0.4850 0.3950 0.3528 0.0486  -0.0585 -0.0590 4  DG A "C5'" 
63  C "C4'" . DG A 4  ? 0.4701 0.3870 0.3421 0.0497  -0.0572 -0.0609 4  DG A "C4'" 
64  O "O4'" . DG A 4  ? 0.4575 0.3836 0.3375 0.0485  -0.0528 -0.0651 4  DG A "O4'" 
65  C "C3'" . DG A 4  ? 0.4611 0.3780 0.3424 0.0476  -0.0578 -0.0583 4  DG A "C3'" 
66  O "O3'" . DG A 4  ? 0.4702 0.3822 0.3443 0.0492  -0.0618 -0.0553 4  DG A "O3'" 
67  C "C2'" . DG A 4  ? 0.4477 0.3732 0.3353 0.0481  -0.0544 -0.0618 4  DG A "C2'" 
68  C "C1'" . DG A 4  ? 0.4430 0.3738 0.3333 0.0470  -0.0506 -0.0660 4  DG A "C1'" 
69  N N9    . DG A 4  ? 0.4215 0.3542 0.3257 0.0429  -0.0472 -0.0662 4  DG A N9    
70  C C8    . DG A 4  ? 0.4144 0.3443 0.3215 0.0405  -0.0472 -0.0651 4  DG A C8    
71  N N7    . DG A 4  ? 0.4136 0.3463 0.3339 0.0372  -0.0436 -0.0653 4  DG A N7    
72  C C5    . DG A 4  ? 0.4080 0.3447 0.3345 0.0372  -0.0407 -0.0667 4  DG A C5    
73  C C6    . DG A 4  ? 0.3997 0.3398 0.3404 0.0346  -0.0355 -0.0674 4  DG A C6    
74  O O6    . DG A 4  ? 0.3920 0.3323 0.3427 0.0316  -0.0325 -0.0668 4  DG A O6    
75  N N1    . DG A 4  ? 0.3992 0.3425 0.3417 0.0357  -0.0336 -0.0688 4  DG A N1    
76  C C2    . DG A 4  ? 0.4017 0.3456 0.3334 0.0390  -0.0369 -0.0695 4  DG A C2    
77  N N2    . DG A 4  ? 0.4050 0.3526 0.3402 0.0395  -0.0346 -0.0708 4  DG A N2    
78  N N3    . DG A 4  ? 0.4067 0.3475 0.3248 0.0417  -0.0419 -0.0686 4  DG A N3    
79  C C4    . DG A 4  ? 0.4135 0.3507 0.3301 0.0407  -0.0432 -0.0673 4  DG A C4    
80  P P     . DG A 5  ? 0.4668 0.3784 0.3489 0.0470  -0.0633 -0.0508 5  DG A P     
81  O OP1   . DG A 5  ? 0.4744 0.3814 0.3458 0.0488  -0.0675 -0.0489 5  DG A OP1   
82  O OP2   . DG A 5  ? 0.4686 0.3790 0.3584 0.0433  -0.0617 -0.0485 5  DG A OP2   
83  O "O5'" . DG A 5  ? 0.4589 0.3782 0.3517 0.0472  -0.0609 -0.0517 5  DG A "O5'" 
84  C "C5'" . DG A 5  ? 0.4527 0.3748 0.3404 0.0503  -0.0627 -0.0530 5  DG A "C5'" 
85  C "C4'" . DG A 5  ? 0.4332 0.3621 0.3331 0.0497  -0.0598 -0.0532 5  DG A "C4'" 
86  O "O4'" . DG A 5  ? 0.4185 0.3511 0.3247 0.0480  -0.0544 -0.0574 5  DG A "O4'" 
87  C "C3'" . DG A 5  ? 0.4302 0.3606 0.3427 0.0475  -0.0588 -0.0484 5  DG A "C3'" 
88  O "O3'" . DG A 5  ? 0.4385 0.3697 0.3492 0.0489  -0.0630 -0.0446 5  DG A "O3'" 
89  C "C2'" . DG A 5  ? 0.4146 0.3507 0.3386 0.0469  -0.0537 -0.0504 5  DG A "C2'" 
90  C "C1'" . DG A 5  ? 0.4068 0.3431 0.3278 0.0460  -0.0503 -0.0561 5  DG A "C1'" 
91  N N9    . DG A 5  ? 0.3897 0.3245 0.3189 0.0429  -0.0468 -0.0556 5  DG A N9    
92  C C8    . DG A 5  ? 0.3909 0.3213 0.3148 0.0418  -0.0483 -0.0552 5  DG A C8    
93  N N7    . DG A 5  ? 0.3773 0.3079 0.3108 0.0390  -0.0448 -0.0544 5  DG A N7    
94  C C5    . DG A 5  ? 0.3689 0.3037 0.3150 0.0382  -0.0399 -0.0543 5  DG A C5    
95  C C6    . DG A 5  ? 0.3704 0.3068 0.3304 0.0356  -0.0341 -0.0534 5  DG A C6    
96  O O6    . DG A 5  ? 0.3626 0.2976 0.3269 0.0333  -0.0324 -0.0528 5  DG A O6    
97  N N1    . DG A 5  ? 0.3648 0.3045 0.3342 0.0359  -0.0298 -0.0533 5  DG A N1    
98  C C2    . DG A 5  ? 0.3630 0.3052 0.3289 0.0383  -0.0315 -0.0540 5  DG A C2    
99  N N2    . DG A 5  ? 0.3520 0.2972 0.3287 0.0382  -0.0263 -0.0538 5  DG A N2    
100 N N3    . DG A 5  ? 0.3693 0.3106 0.3221 0.0407  -0.0374 -0.0549 5  DG A N3    
101 C C4    . DG A 5  ? 0.3769 0.3141 0.3203 0.0405  -0.0412 -0.0549 5  DG A C4    
102 P P     . DG A 6  ? 0.4484 0.3802 0.3654 0.0468  -0.0639 -0.0387 6  DG A P     
103 O OP1   . DG A 6  ? 0.4639 0.3985 0.3771 0.0485  -0.0687 -0.0363 6  DG A OP1   
104 O OP2   . DG A 6  ? 0.4597 0.3861 0.3729 0.0444  -0.0636 -0.0381 6  DG A OP2   
105 O "O5'" . DG A 6  ? 0.4334 0.3712 0.3671 0.0456  -0.0586 -0.0361 6  DG A "O5'" 
106 C "C5'" . DG A 6  ? 0.4154 0.3591 0.3564 0.0475  -0.0575 -0.0356 6  DG A "C5'" 
107 C "C4'" . DG A 6  ? 0.3899 0.3371 0.3465 0.0462  -0.0507 -0.0337 6  DG A "C4'" 
108 O "O4'" . DG A 6  ? 0.3873 0.3306 0.3441 0.0444  -0.0465 -0.0385 6  DG A "O4'" 
109 C "C3'" . DG A 6  ? 0.3801 0.3299 0.3458 0.0449  -0.0487 -0.0271 6  DG A "C3'" 
110 O "O3'" . DG A 6  ? 0.3858 0.3434 0.3582 0.0466  -0.0500 -0.0218 6  DG A "O3'" 
111 C "C2'" . DG A 6  ? 0.3691 0.3187 0.3465 0.0435  -0.0411 -0.0277 6  DG A "C2'" 
112 C "C1'" . DG A 6  ? 0.3715 0.3159 0.3411 0.0425  -0.0407 -0.0354 6  DG A "C1'" 
113 N N9    . DG A 6  ? 0.3668 0.3067 0.3329 0.0402  -0.0405 -0.0364 6  DG A N9    
114 C C8    . DG A 6  ? 0.3654 0.3007 0.3187 0.0398  -0.0452 -0.0383 6  DG A C8    
115 N N7    . DG A 6  ? 0.3703 0.3028 0.3246 0.0375  -0.0435 -0.0387 6  DG A N7    
116 C C5    . DG A 6  ? 0.3519 0.2872 0.3201 0.0363  -0.0375 -0.0369 6  DG A C5    
117 C C6    . DG A 6  ? 0.3535 0.2879 0.3287 0.0339  -0.0334 -0.0364 6  DG A C6    
118 O O6    . DG A 6  ? 0.3584 0.2898 0.3287 0.0320  -0.0350 -0.0376 6  DG A O6    
119 N N1    . DG A 6  ? 0.3465 0.2843 0.3361 0.0336  -0.0267 -0.0341 6  DG A N1    
120 C C2    . DG A 6  ? 0.3439 0.2850 0.3400 0.0356  -0.0241 -0.0326 6  DG A C2    
121 N N2    . DG A 6  ? 0.3420 0.2852 0.3523 0.0354  -0.0165 -0.0303 6  DG A N2    
122 N N3    . DG A 6  ? 0.3506 0.2932 0.3404 0.0378  -0.0284 -0.0332 6  DG A N3    
123 C C4    . DG A 6  ? 0.3506 0.2902 0.3263 0.0381  -0.0350 -0.0353 6  DG A C4    
124 P P     . DT A 7  ? 0.3851 0.3489 0.3623 0.0457  -0.0504 -0.0145 7  DT A P     
125 O OP1   . DT A 7  ? 0.4019 0.3755 0.3843 0.0479  -0.0528 -0.0103 7  DT A OP1   
126 O OP2   . DT A 7  ? 0.4011 0.3588 0.3667 0.0434  -0.0534 -0.0159 7  DT A OP2   
127 O "O5'" . DT A 7  ? 0.3669 0.3329 0.3581 0.0451  -0.0426 -0.0105 7  DT A "O5'" 
128 C "C5'" . DT A 7  ? 0.3627 0.3322 0.3668 0.0468  -0.0368 -0.0092 7  DT A "C5'" 
129 C "C4'" . DT A 7  ? 0.3607 0.3322 0.3772 0.0462  -0.0293 -0.0042 7  DT A "C4'" 
130 O "O4'" . DT A 7  ? 0.3601 0.3231 0.3721 0.0435  -0.0275 -0.0088 7  DT A "O4'" 
131 C "C3'" . DT A 7  ? 0.3559 0.3357 0.3760 0.0463  -0.0293 0.0039  7  DT A "C3'" 
132 O "O3'" . DT A 7  ? 0.3631 0.3497 0.3986 0.0481  -0.0215 0.0106  7  DT A "O3'" 
133 C "C2'" . DT A 7  ? 0.3563 0.3296 0.3673 0.0431  -0.0307 0.0020  7  DT A "C2'" 
134 C "C1'" . DT A 7  ? 0.3520 0.3163 0.3640 0.0420  -0.0270 -0.0041 7  DT A "C1'" 
135 N N1    . DT A 7  ? 0.3497 0.3058 0.3491 0.0393  -0.0309 -0.0098 7  DT A N1    
136 C C2    . DT A 7  ? 0.3505 0.3027 0.3521 0.0371  -0.0274 -0.0104 7  DT A C2    
137 O O2    . DT A 7  ? 0.3593 0.3139 0.3723 0.0373  -0.0210 -0.0065 7  DT A O2    
138 N N3    . DT A 7  ? 0.3467 0.2924 0.3369 0.0350  -0.0315 -0.0154 7  DT A N3    
139 C C4    . DT A 7  ? 0.3560 0.2981 0.3329 0.0350  -0.0380 -0.0193 7  DT A C4    
140 O O4    . DT A 7  ? 0.3642 0.3006 0.3319 0.0334  -0.0407 -0.0231 7  DT A O4    
141 C C5    . DT A 7  ? 0.3526 0.2981 0.3272 0.0373  -0.0411 -0.0185 7  DT A C5    
142 C C7    . DT A 7  ? 0.3670 0.3087 0.3273 0.0378  -0.0476 -0.0222 7  DT A C7    
143 C C6    . DT A 7  ? 0.3519 0.3047 0.3380 0.0392  -0.0378 -0.0139 7  DT A C6    
144 P P     . DA A 8  ? 0.3714 0.3704 0.4137 0.0490  -0.0195 0.0204  8  DA A P     
145 O OP1   . DA A 8  ? 0.3723 0.3797 0.4310 0.0528  -0.0126 0.0268  8  DA A OP1   
146 O OP2   . DA A 8  ? 0.3881 0.3918 0.4195 0.0477  -0.0275 0.0202  8  DA A OP2   
147 O "O5'" . DA A 8  ? 0.3609 0.3551 0.4021 0.0467  -0.0156 0.0213  8  DA A "O5'" 
148 C "C5'" . DA A 8  ? 0.3550 0.3448 0.4063 0.0474  -0.0075 0.0220  8  DA A "C5'" 
149 C "C4'" . DA A 8  ? 0.3590 0.3462 0.4083 0.0452  -0.0052 0.0238  8  DA A "C4'" 
150 O "O4'" . DA A 8  ? 0.3597 0.3370 0.3957 0.0417  -0.0111 0.0158  8  DA A "O4'" 
151 C "C3'" . DA A 8  ? 0.3576 0.3564 0.4059 0.0453  -0.0059 0.0318  8  DA A "C3'" 
152 O "O3'" . DA A 8  ? 0.3633 0.3655 0.4209 0.0465  0.0019  0.0383  8  DA A "O3'" 
153 C "C2'" . DA A 8  ? 0.3588 0.3519 0.3908 0.0412  -0.0135 0.0267  8  DA A "C2'" 
154 C "C1'" . DA A 8  ? 0.3588 0.3379 0.3875 0.0395  -0.0136 0.0184  8  DA A "C1'" 
155 N N9    . DA A 8  ? 0.3529 0.3242 0.3667 0.0368  -0.0212 0.0111  8  DA A N9    
156 C C8    . DA A 8  ? 0.3488 0.3194 0.3537 0.0368  -0.0276 0.0078  8  DA A C8    
157 N N7    . DA A 8  ? 0.3547 0.3170 0.3468 0.0345  -0.0328 0.0017  8  DA A N7    
158 C C5    . DA A 8  ? 0.3460 0.3034 0.3392 0.0326  -0.0301 0.0006  8  DA A C5    
159 C C6    . DA A 8  ? 0.3404 0.2898 0.3244 0.0300  -0.0330 -0.0046 8  DA A C6    
160 N N6    . DA A 8  ? 0.3435 0.2870 0.3148 0.0291  -0.0388 -0.0097 8  DA A N6    
161 N N1    . DA A 8  ? 0.3429 0.2904 0.3313 0.0285  -0.0295 -0.0041 8  DA A N1    
162 C C2    . DA A 8  ? 0.3425 0.2953 0.3436 0.0298  -0.0228 0.0014  8  DA A C2    
163 N N3    . DA A 8  ? 0.3487 0.3089 0.3594 0.0327  -0.0188 0.0071  8  DA A N3    
164 C C4    . DA A 8  ? 0.3490 0.3117 0.3553 0.0338  -0.0230 0.0062  8  DA A C4    
165 P P     . DC A 9  ? 0.3683 0.3856 0.4280 0.0476  0.0041  0.0485  9  DC A P     
166 O OP1   . DC A 9  ? 0.3753 0.3962 0.4491 0.0510  0.0145  0.0558  9  DC A OP1   
167 O OP2   . DC A 9  ? 0.3814 0.4110 0.4380 0.0480  -0.0009 0.0510  9  DC A OP2   
168 O "O5'" . DC A 9  ? 0.3749 0.3867 0.4213 0.0432  0.0000  0.0455  9  DC A "O5'" 
169 C "C5'" . DC A 9  ? 0.3868 0.3896 0.4345 0.0421  0.0037  0.0438  9  DC A "C5'" 
170 C "C4'" . DC A 9  ? 0.3905 0.3881 0.4240 0.0378  -0.0025 0.0398  9  DC A "C4'" 
171 O "O4'" . DC A 9  ? 0.3980 0.3861 0.4212 0.0354  -0.0099 0.0306  9  DC A "O4'" 
172 C "C3'" . DC A 9  ? 0.3885 0.3982 0.4146 0.0365  -0.0050 0.0454  9  DC A "C3'" 
173 O "O3'" . DC A 9  ? 0.3941 0.4056 0.4188 0.0354  -0.0021 0.0493  9  DC A "O3'" 
174 C "C2'" . DC A 9  ? 0.3924 0.3957 0.4034 0.0326  -0.0141 0.0378  9  DC A "C2'" 
175 C "C1'" . DC A 9  ? 0.3920 0.3798 0.4017 0.0320  -0.0158 0.0291  9  DC A "C1'" 
176 N N1    . DC A 9  ? 0.3767 0.3574 0.3752 0.0303  -0.0232 0.0216  9  DC A N1    
177 C C2    . DC A 9  ? 0.3724 0.3422 0.3603 0.0272  -0.0277 0.0149  9  DC A C2    
178 O O2    . DC A 9  ? 0.3777 0.3441 0.3665 0.0259  -0.0258 0.0148  9  DC A O2    
179 N N3    . DC A 9  ? 0.3631 0.3267 0.3403 0.0260  -0.0337 0.0089  9  DC A N3    
180 C C4    . DC A 9  ? 0.3618 0.3296 0.3383 0.0275  -0.0358 0.0092  9  DC A C4    
181 N N4    . DC A 9  ? 0.3607 0.3216 0.3261 0.0266  -0.0414 0.0034  9  DC A N4    
182 C C5    . DC A 9  ? 0.3630 0.3425 0.3506 0.0303  -0.0320 0.0157  9  DC A C5    
183 C C6    . DC A 9  ? 0.3691 0.3551 0.3676 0.0317  -0.0256 0.0219  9  DC A C6    
184 P P     . DC A 10 ? 0.3945 0.4207 0.4128 0.0341  -0.0023 0.0564  10 DC A P     
185 O OP1   . DC A 10 ? 0.3975 0.4314 0.4264 0.0375  0.0066  0.0654  10 DC A OP1   
186 O OP2   . DC A 10 ? 0.3917 0.4297 0.4071 0.0337  -0.0053 0.0580  10 DC A OP2   
187 O "O5'" . DC A 10 ? 0.3934 0.4103 0.3957 0.0287  -0.0088 0.0502  10 DC A "O5'" 
188 C "C5'" . DC A 10 ? 0.3881 0.3995 0.3901 0.0278  -0.0068 0.0507  10 DC A "C5'" 
189 C "C4'" . DC A 10 ? 0.3855 0.3892 0.3719 0.0227  -0.0142 0.0444  10 DC A "C4'" 
190 O "O4'" . DC A 10 ? 0.3839 0.3739 0.3673 0.0217  -0.0191 0.0351  10 DC A "O4'" 
191 C "C3'" . DC A 10 ? 0.3845 0.3968 0.3589 0.0196  -0.0183 0.0453  10 DC A "C3'" 
192 O "O3'" . DC A 10 ? 0.3950 0.4201 0.3672 0.0190  -0.0151 0.0528  10 DC A "O3'" 
193 C "C2'" . DC A 10 ? 0.3777 0.3762 0.3390 0.0153  -0.0258 0.0363  10 DC A "C2'" 
194 C "C1'" . DC A 10 ? 0.3758 0.3621 0.3440 0.0175  -0.0262 0.0302  10 DC A "C1'" 
195 N N1    . DC A 10 ? 0.3671 0.3512 0.3327 0.0179  -0.0296 0.0262  10 DC A N1    
196 C C2    . DC A 10 ? 0.3709 0.3457 0.3234 0.0149  -0.0360 0.0192  10 DC A C2    
197 O O2    . DC A 10 ? 0.3802 0.3491 0.3244 0.0118  -0.0388 0.0165  10 DC A O2    
198 N N3    . DC A 10 ? 0.3608 0.3334 0.3104 0.0154  -0.0389 0.0156  10 DC A N3    
199 C C4    . DC A 10 ? 0.3620 0.3415 0.3207 0.0186  -0.0363 0.0186  10 DC A C4    
200 N N4    . DC A 10 ? 0.3620 0.3389 0.3169 0.0189  -0.0398 0.0147  10 DC A N4    
201 C C5    . DC A 10 ? 0.3638 0.3534 0.3363 0.0217  -0.0299 0.0258  10 DC A C5    
202 C C6    . DC A 10 ? 0.3662 0.3575 0.3417 0.0214  -0.0263 0.0295  10 DC A C6    
203 P P     . DC A 11 ? 0.4111 0.4522 0.3744 0.0162  -0.0162 0.0562  11 DC A P     
204 O OP1   . DC A 11 ? 0.4215 0.4770 0.3848 0.0168  -0.0112 0.0649  11 DC A OP1   
205 O OP2   . DC A 11 ? 0.4023 0.4513 0.3730 0.0187  -0.0150 0.0576  11 DC A OP2   
206 O "O5'" . DC A 11 ? 0.4265 0.4569 0.3726 0.0102  -0.0241 0.0476  11 DC A "O5'" 
207 C "C5'" . DC A 11 ? 0.4328 0.4686 0.3698 0.0067  -0.0272 0.0451  11 DC A "C5'" 
208 C "C4'" . DC A 11 ? 0.4400 0.4596 0.3634 0.0024  -0.0340 0.0360  11 DC A "C4'" 
209 O "O4'" . DC A 11 ? 0.4337 0.4379 0.3622 0.0051  -0.0362 0.0304  11 DC A "O4'" 
210 C "C3'" . DC A 11 ? 0.4500 0.4722 0.3630 -0.0016 -0.0370 0.0322  11 DC A "C3'" 
211 O "O3'" . DC A 11 ? 0.4641 0.4978 0.3671 -0.0064 -0.0363 0.0345  11 DC A "O3'" 
212 C "C2'" . DC A 11 ? 0.4428 0.4446 0.3476 -0.0032 -0.0427 0.0233  11 DC A "C2'" 
213 C "C1'" . DC A 11 ? 0.4323 0.4264 0.3501 0.0022  -0.0416 0.0230  11 DC A "C1'" 
214 N N1    . DC A 11 ? 0.4169 0.4110 0.3408 0.0051  -0.0417 0.0215  11 DC A N1    
215 C C2    . DC A 11 ? 0.4128 0.3955 0.3283 0.0038  -0.0463 0.0145  11 DC A C2    
216 O O2    . DC A 11 ? 0.4137 0.3864 0.3175 0.0005  -0.0497 0.0098  11 DC A O2    
217 N N3    . DC A 11 ? 0.4124 0.3955 0.3325 0.0064  -0.0468 0.0132  11 DC A N3    
218 C C4    . DC A 11 ? 0.4088 0.4032 0.3419 0.0100  -0.0432 0.0185  11 DC A C4    
219 N N4    . DC A 11 ? 0.4083 0.4033 0.3455 0.0125  -0.0444 0.0170  11 DC A N4    
220 C C5    . DC A 11 ? 0.3991 0.4052 0.3417 0.0116  -0.0379 0.0261  11 DC A C5    
221 C C6    . DC A 11 ? 0.4061 0.4116 0.3435 0.0091  -0.0373 0.0274  11 DC A C6    
222 P P     . DC A 12 ? 0.4675 0.5161 0.3653 -0.0102 -0.0353 0.0347  12 DC A P     
223 O OP1   . DC A 12 ? 0.4705 0.5321 0.3587 -0.0148 -0.0334 0.0379  12 DC A OP1   
224 O OP2   . DC A 12 ? 0.4614 0.5221 0.3728 -0.0059 -0.0323 0.0390  12 DC A OP2   
225 O "O5'" . DC A 12 ? 0.4532 0.4850 0.3394 -0.0139 -0.0408 0.0251  12 DC A "O5'" 
226 C "C5'" . DC A 12 ? 0.4515 0.4693 0.3240 -0.0181 -0.0444 0.0197  12 DC A "C5'" 
227 C "C4'" . DC A 12 ? 0.4533 0.4542 0.3180 -0.0195 -0.0485 0.0114  12 DC A "C4'" 
228 O "O4'" . DC A 12 ? 0.4436 0.4337 0.3178 -0.0138 -0.0500 0.0099  12 DC A "O4'" 
229 C "C3'" . DC A 12 ? 0.4608 0.4682 0.3214 -0.0226 -0.0480 0.0089  12 DC A "C3'" 
230 O "O3'" . DC A 12 ? 0.4757 0.4873 0.3225 -0.0297 -0.0474 0.0066  12 DC A "O3'" 
231 C "C2'" . DC A 12 ? 0.4517 0.4396 0.3097 -0.0206 -0.0517 0.0024  12 DC A "C2'" 
232 C "C1'" . DC A 12 ? 0.4388 0.4214 0.3091 -0.0140 -0.0522 0.0047  12 DC A "C1'" 
233 N N1    . DC A 12 ? 0.4130 0.4038 0.2962 -0.0095 -0.0506 0.0075  12 DC A N1    
234 C C2    . DC A 12 ? 0.4072 0.3903 0.2892 -0.0080 -0.0531 0.0031  12 DC A C2    
235 O O2    . DC A 12 ? 0.4152 0.3844 0.2856 -0.0103 -0.0558 -0.0030 12 DC A O2    
236 N N3    . DC A 12 ? 0.3967 0.3878 0.2899 -0.0041 -0.0522 0.0056  12 DC A N3    
237 C C4    . DC A 12 ? 0.3923 0.3984 0.2982 -0.0015 -0.0485 0.0126  12 DC A C4    
238 N N4    . DC A 12 ? 0.3927 0.4064 0.3098 0.0025  -0.0477 0.0151  12 DC A N4    
239 C C5    . DC A 12 ? 0.3903 0.4046 0.2978 -0.0026 -0.0453 0.0178  12 DC A C5    
240 C C6    . DC A 12 ? 0.4003 0.4065 0.2958 -0.0067 -0.0468 0.0148  12 DC A C6    
241 P P     . DG A 13 ? 0.4912 0.5172 0.3348 -0.0345 -0.0448 0.0054  13 DG A P     
242 O OP1   . DG A 13 ? 0.5132 0.5443 0.3428 -0.0422 -0.0433 0.0034  13 DG A OP1   
243 O OP2   . DG A 13 ? 0.4760 0.5217 0.3344 -0.0306 -0.0418 0.0120  13 DG A OP2   
244 O "O5'" . DG A 13 ? 0.4862 0.4951 0.3261 -0.0340 -0.0479 -0.0018 13 DG A "O5'" 
245 C "C5'" . DG A 13 ? 0.4870 0.4766 0.3135 -0.0371 -0.0502 -0.0086 13 DG A "C5'" 
246 C "C4'" . DG A 13 ? 0.4779 0.4545 0.3039 -0.0348 -0.0522 -0.0134 13 DG A "C4'" 
247 O "O4'" . DG A 13 ? 0.4585 0.4310 0.2967 -0.0271 -0.0542 -0.0110 13 DG A "O4'" 
248 C "C3'" . DG A 13 ? 0.4775 0.4665 0.3059 -0.0369 -0.0503 -0.0142 13 DG A "C3'" 
249 O "O3'" . DG A 13 ? 0.4999 0.4902 0.3155 -0.0449 -0.0480 -0.0188 13 DG A "O3'" 
250 C "C2'" . DG A 13 ? 0.4670 0.4413 0.2980 -0.0317 -0.0533 -0.0173 13 DG A "C2'" 
251 C "C1'" . DG A 13 ? 0.4475 0.4194 0.2891 -0.0249 -0.0550 -0.0129 13 DG A "C1'" 
252 N N9    . DG A 13 ? 0.4200 0.4091 0.2767 -0.0212 -0.0537 -0.0072 13 DG A N9    
253 C C8    . DG A 13 ? 0.4091 0.4147 0.2753 -0.0202 -0.0510 -0.0003 13 DG A C8    
254 N N7    . DG A 13 ? 0.4009 0.4198 0.2804 -0.0162 -0.0498 0.0041  13 DG A N7    
255 C C5    . DG A 13 ? 0.4027 0.4135 0.2809 -0.0149 -0.0526 -0.0005 13 DG A C5    
256 C C6    . DG A 13 ? 0.3983 0.4171 0.2869 -0.0111 -0.0533 0.0010  13 DG A C6    
257 O O6    . DG A 13 ? 0.3948 0.4296 0.2968 -0.0080 -0.0514 0.0069  13 DG A O6    
258 N N1    . DG A 13 ? 0.3983 0.4047 0.2802 -0.0110 -0.0566 -0.0050 13 DG A N1    
259 C C2    . DG A 13 ? 0.4153 0.4036 0.2824 -0.0140 -0.0581 -0.0113 13 DG A C2    
260 N N2    . DG A 13 ? 0.4293 0.4074 0.2915 -0.0129 -0.0605 -0.0160 13 DG A N2    
261 N N3    . DG A 13 ? 0.4230 0.4036 0.2810 -0.0175 -0.0571 -0.0127 13 DG A N3    
262 C C4    . DG A 13 ? 0.4124 0.4052 0.2765 -0.0180 -0.0547 -0.0073 13 DG A C4    
263 P P     . DG A 14 ? 0.5003 0.5167 0.3191 -0.0501 -0.0439 -0.0170 14 DG A P     
264 O OP1   . DG A 14 ? 0.5274 0.5414 0.3323 -0.0588 -0.0412 -0.0236 14 DG A OP1   
265 O OP2   . DG A 14 ? 0.4859 0.5224 0.3134 -0.0489 -0.0418 -0.0093 14 DG A OP2   
266 O "O5'" . DG A 14 ? 0.4840 0.5063 0.3153 -0.0452 -0.0451 -0.0158 14 DG A "O5'" 
267 C "C5'" . DG A 14 ? 0.4740 0.4942 0.3015 -0.0482 -0.0448 -0.0214 14 DG A "C5'" 
268 C "C4'" . DG A 14 ? 0.4614 0.4565 0.2850 -0.0436 -0.0485 -0.0257 14 DG A "C4'" 
269 O "O4'" . DG A 14 ? 0.4390 0.4314 0.2739 -0.0351 -0.0518 -0.0213 14 DG A "O4'" 
270 C "C3'" . DG A 14 ? 0.4684 0.4611 0.2900 -0.0447 -0.0487 -0.0304 14 DG A "C3'" 
271 O "O3'" . DG A 14 ? 0.4897 0.4564 0.3006 -0.0430 -0.0505 -0.0357 14 DG A "O3'" 
272 C "C2'" . DG A 14 ? 0.4477 0.4523 0.2850 -0.0382 -0.0512 -0.0256 14 DG A "C2'" 
273 C "C1'" . DG A 14 ? 0.4311 0.4315 0.2753 -0.0319 -0.0531 -0.0205 14 DG A "C1'" 
274 N N9    . DG A 14 ? 0.4062 0.4286 0.2655 -0.0291 -0.0519 -0.0132 14 DG A N9    
275 C C8    . DG A 14 ? 0.3943 0.4288 0.2576 -0.0298 -0.0493 -0.0078 14 DG A C8    
276 N N7    . DG A 14 ? 0.3821 0.4354 0.2600 -0.0263 -0.0479 -0.0012 14 DG A N7    
277 C C5    . DG A 14 ? 0.3814 0.4357 0.2656 -0.0232 -0.0503 -0.0025 14 DG A C5    
278 C C6    . DG A 14 ? 0.3780 0.4484 0.2777 -0.0185 -0.0505 0.0026  14 DG A C6    
279 O O6    . DG A 14 ? 0.3754 0.4643 0.2874 -0.0160 -0.0475 0.0099  14 DG A O6    
280 N N1    . DG A 14 ? 0.3758 0.4410 0.2763 -0.0168 -0.0539 -0.0012 14 DG A N1    
281 C C2    . DG A 14 ? 0.3819 0.4276 0.2695 -0.0186 -0.0566 -0.0086 14 DG A C2    
282 N N2    . DG A 14 ? 0.3727 0.4165 0.2630 -0.0159 -0.0599 -0.0108 14 DG A N2    
283 N N3    . DG A 14 ? 0.3956 0.4254 0.2689 -0.0227 -0.0558 -0.0132 14 DG A N3    
284 C C4    . DG A 14 ? 0.3940 0.4290 0.2665 -0.0248 -0.0530 -0.0099 14 DG A C4    
285 O "O5'" . DC B 1  ? 0.4758 0.4896 0.4380 -0.0920 -0.0551 0.0819  1  DC B "O5'" 
286 C "C5'" . DC B 1  ? 0.4774 0.4761 0.4294 -0.0967 -0.0541 0.0735  1  DC B "C5'" 
287 C "C4'" . DC B 1  ? 0.4867 0.4633 0.4102 -0.0978 -0.0488 0.0682  1  DC B "C4'" 
288 O "O4'" . DC B 1  ? 0.4894 0.4768 0.3983 -0.1139 -0.0417 0.0758  1  DC B "O4'" 
289 C "C3'" . DC B 1  ? 0.4889 0.4502 0.4041 -0.0822 -0.0510 0.0641  1  DC B "C3'" 
290 O "O3'" . DC B 1  ? 0.4864 0.4312 0.4059 -0.0679 -0.0557 0.0549  1  DC B "O3'" 
291 C "C2'" . DC B 1  ? 0.5018 0.4499 0.3888 -0.0904 -0.0440 0.0626  1  DC B "C2'" 
292 C "C1'" . DC B 1  ? 0.4977 0.4679 0.3834 -0.1094 -0.0387 0.0726  1  DC B "C1'" 
293 N N1    . DC B 1  ? 0.4875 0.4727 0.3729 -0.1098 -0.0386 0.0815  1  DC B N1    
294 C C2    . DC B 1  ? 0.4977 0.4711 0.3596 -0.1088 -0.0357 0.0799  1  DC B C2    
295 O O2    . DC B 1  ? 0.5132 0.4642 0.3557 -0.1077 -0.0327 0.0717  1  DC B O2    
296 N N3    . DC B 1  ? 0.4896 0.4769 0.3537 -0.1073 -0.0360 0.0860  1  DC B N3    
297 C C4    . DC B 1  ? 0.4773 0.4890 0.3651 -0.1071 -0.0381 0.0945  1  DC B C4    
298 N N4    . DC B 1  ? 0.4764 0.5006 0.3691 -0.1035 -0.0372 0.0979  1  DC B N4    
299 C C5    . DC B 1  ? 0.4645 0.4883 0.3733 -0.1100 -0.0410 0.0995  1  DC B C5    
300 C C6    . DC B 1  ? 0.4681 0.4782 0.3761 -0.1104 -0.0415 0.0909  1  DC B C6    
301 P P     . DC B 2  ? 0.4850 0.4193 0.4051 -0.0506 -0.0597 0.0507  2  DC B P     
302 O OP1   . DC B 2  ? 0.4950 0.4159 0.4195 -0.0396 -0.0635 0.0422  2  DC B OP1   
303 O OP2   . DC B 2  ? 0.4766 0.4278 0.4107 -0.0478 -0.0614 0.0577  2  DC B OP2   
304 O "O5'" . DC B 2  ? 0.4813 0.3989 0.3753 -0.0515 -0.0553 0.0482  2  DC B "O5'" 
305 C "C5'" . DC B 2  ? 0.4866 0.3852 0.3637 -0.0536 -0.0515 0.0423  2  DC B "C5'" 
306 C "C4'" . DC B 2  ? 0.4944 0.3787 0.3486 -0.0528 -0.0477 0.0405  2  DC B "C4'" 
307 O "O4'" . DC B 2  ? 0.4902 0.3849 0.3328 -0.0668 -0.0426 0.0470  2  DC B "O4'" 
308 C "C3'" . DC B 2  ? 0.4980 0.3802 0.3547 -0.0403 -0.0525 0.0390  2  DC B "C3'" 
309 O "O3'" . DC B 2  ? 0.5221 0.3904 0.3812 -0.0277 -0.0556 0.0323  2  DC B "O3'" 
310 C "C2'" . DC B 2  ? 0.4939 0.3685 0.3269 -0.0463 -0.0479 0.0398  2  DC B "C2'" 
311 C "C1'" . DC B 2  ? 0.4855 0.3754 0.3154 -0.0626 -0.0431 0.0470  2  DC B "C1'" 
312 N N1    . DC B 2  ? 0.4618 0.3725 0.3029 -0.0643 -0.0459 0.0548  2  DC B N1    
313 C C2    . DC B 2  ? 0.4671 0.3771 0.2948 -0.0640 -0.0457 0.0564  2  DC B C2    
314 O O2    . DC B 2  ? 0.4762 0.3693 0.2833 -0.0632 -0.0436 0.0512  2  DC B O2    
315 N N3    . DC B 2  ? 0.4604 0.3887 0.2981 -0.0650 -0.0476 0.0640  2  DC B N3    
316 C C4    . DC B 2  ? 0.4481 0.3948 0.3090 -0.0657 -0.0492 0.0702  2  DC B C4    
317 N N4    . DC B 2  ? 0.4442 0.4085 0.3153 -0.0662 -0.0499 0.0786  2  DC B N4    
318 C C5    . DC B 2  ? 0.4390 0.3872 0.3145 -0.0660 -0.0498 0.0684  2  DC B C5    
319 C C6    . DC B 2  ? 0.4467 0.3765 0.3112 -0.0654 -0.0485 0.0603  2  DC B C6    
320 P P     . DG B 3  ? 0.5402 0.4096 0.4102 -0.0142 -0.0615 0.0299  3  DG B P     
321 O OP1   . DG B 3  ? 0.5555 0.4109 0.4241 -0.0046 -0.0628 0.0238  3  DG B OP1   
322 O OP2   . DG B 3  ? 0.5347 0.4227 0.4247 -0.0140 -0.0645 0.0344  3  DG B OP2   
323 O "O5'" . DG B 3  ? 0.5368 0.4009 0.3910 -0.0147 -0.0604 0.0301  3  DG B "O5'" 
324 C "C5'" . DG B 3  ? 0.5402 0.3867 0.3753 -0.0129 -0.0579 0.0260  3  DG B "C5'" 
325 C "C4'" . DG B 3  ? 0.5388 0.3833 0.3584 -0.0160 -0.0572 0.0268  3  DG B "C4'" 
326 O "O4'" . DG B 3  ? 0.5248 0.3804 0.3389 -0.0279 -0.0542 0.0327  3  DG B "O4'" 
327 C "C3'" . DG B 3  ? 0.5326 0.3829 0.3610 -0.0089 -0.0627 0.0260  3  DG B "C3'" 
328 O "O3'" . DG B 3  ? 0.5459 0.3855 0.3729 0.0002  -0.0649 0.0207  3  DG B "O3'" 
329 C "C2'" . DG B 3  ? 0.5271 0.3788 0.3385 -0.0168 -0.0609 0.0286  3  DG B "C2'" 
330 C "C1'" . DG B 3  ? 0.5139 0.3752 0.3235 -0.0283 -0.0564 0.0346  3  DG B "C1'" 
331 N N9    . DG B 3  ? 0.4816 0.3627 0.3098 -0.0298 -0.0585 0.0409  3  DG B N9    
332 C C8    . DG B 3  ? 0.4694 0.3624 0.3185 -0.0296 -0.0591 0.0442  3  DG B C8    
333 N N7    . DG B 3  ? 0.4596 0.3696 0.3232 -0.0306 -0.0603 0.0506  3  DG B N7    
334 C C5    . DG B 3  ? 0.4626 0.3717 0.3142 -0.0312 -0.0608 0.0514  3  DG B C5    
335 C C6    . DG B 3  ? 0.4559 0.3792 0.3149 -0.0321 -0.0615 0.0578  3  DG B C6    
336 O O6    . DG B 3  ? 0.4570 0.3967 0.3361 -0.0320 -0.0612 0.0647  3  DG B O6    
337 N N1    . DG B 3  ? 0.4586 0.3748 0.2993 -0.0330 -0.0625 0.0557  3  DG B N1    
338 C C2    . DG B 3  ? 0.4716 0.3702 0.2902 -0.0332 -0.0625 0.0486  3  DG B C2    
339 N N2    . DG B 3  ? 0.4845 0.3794 0.2879 -0.0344 -0.0641 0.0472  3  DG B N2    
340 N N3    . DG B 3  ? 0.4783 0.3635 0.2907 -0.0319 -0.0610 0.0432  3  DG B N3    
341 C C4    . DG B 3  ? 0.4726 0.3641 0.3023 -0.0310 -0.0602 0.0451  3  DG B C4    
342 P P     . DG B 4  ? 0.5455 0.3912 0.3877 0.0085  -0.0704 0.0183  4  DG B P     
343 O OP1   . DG B 4  ? 0.5607 0.3954 0.3987 0.0157  -0.0712 0.0137  4  DG B OP1   
344 O OP2   . DG B 4  ? 0.5411 0.4010 0.4046 0.0099  -0.0717 0.0209  4  DG B OP2   
345 O "O5'" . DG B 4  ? 0.5362 0.3844 0.3693 0.0046  -0.0717 0.0191  4  DG B "O5'" 
346 C "C5'" . DG B 4  ? 0.5476 0.3841 0.3596 0.0025  -0.0711 0.0167  4  DG B "C5'" 
347 C "C4'" . DG B 4  ? 0.5425 0.3845 0.3485 -0.0016 -0.0733 0.0177  4  DG B "C4'" 
348 O "O4'" . DG B 4  ? 0.5275 0.3800 0.3324 -0.0096 -0.0708 0.0240  4  DG B "O4'" 
349 C "C3'" . DG B 4  ? 0.5367 0.3873 0.3604 0.0032  -0.0777 0.0163  4  DG B "C3'" 
350 O "O3'" . DG B 4  ? 0.5563 0.3994 0.3771 0.0079  -0.0808 0.0106  4  DG B "O3'" 
351 C "C2'" . DG B 4  ? 0.5202 0.3784 0.3379 -0.0033 -0.0782 0.0200  4  DG B "C2'" 
352 C "C1'" . DG B 4  ? 0.5146 0.3781 0.3274 -0.0102 -0.0737 0.0263  4  DG B "C1'" 
353 N N9    . DG B 4  ? 0.4915 0.3699 0.3264 -0.0097 -0.0727 0.0319  4  DG B N9    
354 C C8    . DG B 4  ? 0.4884 0.3696 0.3366 -0.0077 -0.0711 0.0330  4  DG B C8    
355 N N7    . DG B 4  ? 0.4756 0.3714 0.3430 -0.0076 -0.0705 0.0384  4  DG B N7    
356 C C5    . DG B 4  ? 0.4694 0.3721 0.3363 -0.0096 -0.0711 0.0416  4  DG B C5    
357 C C6    . DG B 4  ? 0.4580 0.3762 0.3424 -0.0100 -0.0698 0.0486  4  DG B C6    
358 O O6    . DG B 4  ? 0.4558 0.3853 0.3598 -0.0087 -0.0679 0.0536  4  DG B O6    
359 N N1    . DG B 4  ? 0.4535 0.3739 0.3311 -0.0119 -0.0708 0.0501  4  DG B N1    
360 C C2    . DG B 4  ? 0.4670 0.3760 0.3232 -0.0137 -0.0735 0.0446  4  DG B C2    
361 N N2    . DG B 4  ? 0.4764 0.3896 0.3283 -0.0158 -0.0747 0.0466  4  DG B N2    
362 N N3    . DG B 4  ? 0.4756 0.3701 0.3155 -0.0133 -0.0746 0.0381  4  DG B N3    
363 C C4    . DG B 4  ? 0.4787 0.3710 0.3256 -0.0111 -0.0729 0.0373  4  DG B C4    
364 P P     . DG B 5  ? 0.5614 0.4112 0.4017 0.0131  -0.0839 0.0074  5  DG B P     
365 O OP1   . DG B 5  ? 0.5827 0.4248 0.4166 0.0163  -0.0863 0.0025  5  DG B OP1   
366 O OP2   . DG B 5  ? 0.5573 0.4150 0.4169 0.0165  -0.0821 0.0094  5  DG B OP2   
367 O "O5'" . DG B 5  ? 0.5491 0.4067 0.3915 0.0087  -0.0857 0.0087  5  DG B "O5'" 
368 C "C5'" . DG B 5  ? 0.5434 0.3958 0.3698 0.0053  -0.0887 0.0060  5  DG B "C5'" 
369 C "C4'" . DG B 5  ? 0.5273 0.3889 0.3589 0.0015  -0.0899 0.0081  5  DG B "C4'" 
370 O "O4'" . DG B 5  ? 0.5179 0.3873 0.3511 -0.0017 -0.0864 0.0156  5  DG B "O4'" 
371 C "C3'" . DG B 5  ? 0.5145 0.3842 0.3693 0.0044  -0.0900 0.0065  5  DG B "C3'" 
372 O "O3'" . DG B 5  ? 0.5178 0.3839 0.3719 0.0044  -0.0938 -0.0001 5  DG B "O3'" 
373 C "C2'" . DG B 5  ? 0.4986 0.3774 0.3580 0.0006  -0.0886 0.0121  5  DG B "C2'" 
374 C "C1'" . DG B 5  ? 0.4948 0.3757 0.3452 -0.0019 -0.0857 0.0189  5  DG B "C1'" 
375 N N9    . DG B 5  ? 0.4606 0.3496 0.3297 0.0008  -0.0816 0.0237  5  DG B N9    
376 C C8    . DG B 5  ? 0.4542 0.3404 0.3268 0.0038  -0.0801 0.0232  5  DG B C8    
377 N N7    . DG B 5  ? 0.4342 0.3300 0.3246 0.0054  -0.0771 0.0279  5  DG B N7    
378 C C5    . DG B 5  ? 0.4158 0.3214 0.3157 0.0036  -0.0756 0.0326  5  DG B C5    
379 C C6    . DG B 5  ? 0.3954 0.3138 0.3157 0.0045  -0.0717 0.0394  5  DG B C6    
380 O O6    . DG B 5  ? 0.3812 0.3053 0.3150 0.0066  -0.0692 0.0424  5  DG B O6    
381 N N1    . DG B 5  ? 0.3905 0.3155 0.3151 0.0025  -0.0706 0.0432  5  DG B N1    
382 C C2    . DG B 5  ? 0.4039 0.3235 0.3140 -0.0004 -0.0739 0.0398  5  DG B C2    
383 N N2    . DG B 5  ? 0.4021 0.3295 0.3191 -0.0020 -0.0723 0.0445  5  DG B N2    
384 N N3    . DG B 5  ? 0.4187 0.3264 0.3090 -0.0015 -0.0784 0.0328  5  DG B N3    
385 C C4    . DG B 5  ? 0.4330 0.3343 0.3199 0.0008  -0.0786 0.0299  5  DG B C4    
386 P P     . DG B 6  ? 0.5200 0.3908 0.3947 0.0075  -0.0928 -0.0041 6  DG B P     
387 O OP1   . DG B 6  ? 0.5356 0.4039 0.4058 0.0050  -0.0971 -0.0104 6  DG B OP1   
388 O OP2   . DG B 6  ? 0.5221 0.3932 0.4048 0.0127  -0.0897 -0.0029 6  DG B OP2   
389 O "O5'" . DG B 6  ? 0.4840 0.3645 0.3767 0.0061  -0.0893 -0.0014 6  DG B "O5'" 
390 C "C5'" . DG B 6  ? 0.4650 0.3477 0.3565 0.0015  -0.0911 -0.0022 6  DG B "C5'" 
391 C "C4'" . DG B 6  ? 0.4408 0.3325 0.3505 0.0014  -0.0856 0.0030  6  DG B "C4'" 
392 O "O4'" . DG B 6  ? 0.4400 0.3354 0.3477 0.0028  -0.0831 0.0113  6  DG B "O4'" 
393 C "C3'" . DG B 6  ? 0.4262 0.3225 0.3581 0.0042  -0.0800 0.0012  6  DG B "C3'" 
394 O "O3'" . DG B 6  ? 0.4301 0.3269 0.3701 0.0006  -0.0796 -0.0051 6  DG B "O3'" 
395 C "C2'" . DG B 6  ? 0.4100 0.3141 0.3551 0.0056  -0.0741 0.0095  6  DG B "C2'" 
396 C "C1'" . DG B 6  ? 0.4141 0.3176 0.3437 0.0056  -0.0768 0.0155  6  DG B "C1'" 
397 N N9    . DG B 6  ? 0.3985 0.3022 0.3309 0.0094  -0.0752 0.0173  6  DG B N9    
398 C C8    . DG B 6  ? 0.4062 0.3025 0.3267 0.0111  -0.0781 0.0140  6  DG B C8    
399 N N7    . DG B 6  ? 0.4022 0.3010 0.3300 0.0143  -0.0757 0.0167  6  DG B N7    
400 C C5    . DG B 6  ? 0.3847 0.2934 0.3305 0.0148  -0.0709 0.0220  6  DG B C5    
401 C C6    . DG B 6  ? 0.3810 0.2969 0.3415 0.0174  -0.0671 0.0267  6  DG B C6    
402 O O6    . DG B 6  ? 0.3996 0.3144 0.3596 0.0196  -0.0677 0.0264  6  DG B O6    
403 N N1    . DG B 6  ? 0.3631 0.2886 0.3405 0.0173  -0.0620 0.0325  6  DG B N1    
404 C C2    . DG B 6  ? 0.3634 0.2905 0.3432 0.0150  -0.0606 0.0334  6  DG B C2    
405 N N2    . DG B 6  ? 0.3615 0.2977 0.3594 0.0158  -0.0543 0.0399  6  DG B N2    
406 N N3    . DG B 6  ? 0.3694 0.2898 0.3350 0.0120  -0.0648 0.0284  6  DG B N3    
407 C C4    . DG B 6  ? 0.3819 0.2935 0.3308 0.0121  -0.0701 0.0229  6  DG B C4    
408 P P     . DT B 7  ? 0.4331 0.3325 0.3883 0.0011  -0.0751 -0.0105 7  DT B P     
409 O OP1   . DT B 7  ? 0.4438 0.3435 0.4015 -0.0054 -0.0763 -0.0176 7  DT B OP1   
410 O OP2   . DT B 7  ? 0.4464 0.3436 0.3963 0.0057  -0.0764 -0.0110 7  DT B OP2   
411 O "O5'" . DT B 7  ? 0.4029 0.3083 0.3784 0.0032  -0.0658 -0.0062 7  DT B "O5'" 
412 C "C5'" . DT B 7  ? 0.3900 0.2986 0.3767 0.0000  -0.0611 -0.0042 7  DT B "C5'" 
413 C "C4'" . DT B 7  ? 0.3796 0.2937 0.3839 0.0039  -0.0523 0.0024  7  DT B "C4'" 
414 O "O4'" . DT B 7  ? 0.3778 0.2937 0.3753 0.0083  -0.0549 0.0099  7  DT B "O4'" 
415 C "C3'" . DT B 7  ? 0.3773 0.2930 0.3944 0.0060  -0.0454 -0.0011 7  DT B "C3'" 
416 O "O3'" . DT B 7  ? 0.3829 0.2992 0.4120 0.0009  -0.0384 -0.0066 7  DT B "O3'" 
417 C "C2'" . DT B 7  ? 0.3677 0.2885 0.3963 0.0111  -0.0400 0.0076  7  DT B "C2'" 
418 C "C1'" . DT B 7  ? 0.3667 0.2872 0.3794 0.0127  -0.0482 0.0134  7  DT B "C1'" 
419 N N1    . DT B 7  ? 0.3666 0.2850 0.3702 0.0162  -0.0525 0.0125  7  DT B N1    
420 C C2    . DT B 7  ? 0.3551 0.2784 0.3691 0.0204  -0.0487 0.0173  7  DT B C2    
421 O O2    . DT B 7  ? 0.3672 0.2967 0.3979 0.0215  -0.0416 0.0225  7  DT B O2    
422 N N3    . DT B 7  ? 0.3560 0.2766 0.3608 0.0230  -0.0532 0.0159  7  DT B N3    
423 C C4    . DT B 7  ? 0.3729 0.2863 0.3602 0.0224  -0.0599 0.0111  7  DT B C4    
424 O O4    . DT B 7  ? 0.3891 0.3001 0.3697 0.0251  -0.0628 0.0107  7  DT B O4    
425 C C5    . DT B 7  ? 0.3790 0.2880 0.3567 0.0185  -0.0632 0.0070  7  DT B C5    
426 C C7    . DT B 7  ? 0.3902 0.2918 0.3499 0.0179  -0.0697 0.0024  7  DT B C7    
427 C C6    . DT B 7  ? 0.3750 0.2868 0.3609 0.0153  -0.0599 0.0075  7  DT B C6    
428 P P     . DA B 8  ? 0.3949 0.3125 0.4320 -0.0007 -0.0318 -0.0134 8  DA B P     
429 O OP1   . DA B 8  ? 0.4047 0.3229 0.4524 -0.0086 -0.0245 -0.0186 8  DA B OP1   
430 O OP2   . DA B 8  ? 0.4100 0.3264 0.4329 0.0003  -0.0395 -0.0172 8  DA B OP2   
431 O "O5'" . DA B 8  ? 0.3871 0.3078 0.4373 0.0055  -0.0235 -0.0082 8  DA B "O5'" 
432 C "C5'" . DA B 8  ? 0.3856 0.3083 0.4524 0.0059  -0.0136 -0.0035 8  DA B "C5'" 
433 C "C4'" . DA B 8  ? 0.3817 0.3079 0.4578 0.0125  -0.0085 0.0019  8  DA B "C4'" 
434 O "O4'" . DA B 8  ? 0.3798 0.3074 0.4458 0.0174  -0.0180 0.0080  8  DA B "O4'" 
435 C "C3'" . DA B 8  ? 0.3817 0.3078 0.4575 0.0131  -0.0053 -0.0046 8  DA B "C3'" 
436 O "O3'" . DA B 8  ? 0.3889 0.3152 0.4782 0.0092  0.0077  -0.0083 8  DA B "O3'" 
437 C "C2'" . DA B 8  ? 0.3692 0.2984 0.4476 0.0205  -0.0067 0.0019  8  DA B "C2'" 
438 C "C1'" . DA B 8  ? 0.3693 0.2986 0.4368 0.0221  -0.0173 0.0080  8  DA B "C1'" 
439 N N9    . DA B 8  ? 0.3573 0.2835 0.4070 0.0230  -0.0278 0.0047  8  DA B N9    
440 C C8    . DA B 8  ? 0.3559 0.2776 0.3906 0.0197  -0.0351 0.0000  8  DA B C8    
441 N N7    . DA B 8  ? 0.3457 0.2648 0.3668 0.0223  -0.0427 -0.0009 8  DA B N7    
442 C C5    . DA B 8  ? 0.3463 0.2685 0.3738 0.0270  -0.0408 0.0030  8  DA B C5    
443 C C6    . DA B 8  ? 0.3397 0.2610 0.3597 0.0309  -0.0459 0.0038  8  DA B C6    
444 N N6    . DA B 8  ? 0.3523 0.2686 0.3566 0.0314  -0.0530 0.0016  8  DA B N6    
445 N N1    . DA B 8  ? 0.3355 0.2614 0.3658 0.0343  -0.0428 0.0074  8  DA B N1    
446 C C2    . DA B 8  ? 0.3282 0.2593 0.3753 0.0345  -0.0347 0.0106  8  DA B C2    
447 N N3    . DA B 8  ? 0.3429 0.2746 0.3989 0.0316  -0.0283 0.0108  8  DA B N3    
448 C C4    . DA B 8  ? 0.3484 0.2754 0.3935 0.0276  -0.0320 0.0064  8  DA B C4    
449 P P     . DC B 9  ? 0.4022 0.3287 0.4883 0.0034  0.0128  -0.0184 9  DC B P     
450 O OP1   . DC B 9  ? 0.4101 0.3358 0.5106 -0.0029 0.0276  -0.0214 9  DC B OP1   
451 O OP2   . DC B 9  ? 0.4052 0.3314 0.4755 -0.0001 0.0019  -0.0230 9  DC B OP2   
452 O "O5'" . DC B 9  ? 0.3984 0.3270 0.4834 0.0098  0.0137  -0.0178 9  DC B "O5'" 
453 C "C5'" . DC B 9  ? 0.3959 0.3254 0.4953 0.0135  0.0242  -0.0144 9  DC B "C5'" 
454 C "C4'" . DC B 9  ? 0.3944 0.3262 0.4906 0.0211  0.0190  -0.0113 9  DC B "C4'" 
455 O "O4'" . DC B 9  ? 0.3865 0.3184 0.4739 0.0250  0.0057  -0.0058 9  DC B "O4'" 
456 C "C3'" . DC B 9  ? 0.4023 0.3350 0.4863 0.0205  0.0165  -0.0185 9  DC B "C3'" 
457 O "O3'" . DC B 9  ? 0.4150 0.3488 0.5062 0.0183  0.0297  -0.0230 9  DC B "O3'" 
458 C "C2'" . DC B 9  ? 0.3918 0.3255 0.4705 0.0283  0.0062  -0.0137 9  DC B "C2'" 
459 C "C1'" . DC B 9  ? 0.3806 0.3134 0.4578 0.0293  -0.0018 -0.0070 9  DC B "C1'" 
460 N N1    . DC B 9  ? 0.3630 0.2931 0.4234 0.0280  -0.0130 -0.0091 9  DC B N1    
461 C C2    . DC B 9  ? 0.3546 0.2842 0.4046 0.0325  -0.0222 -0.0077 9  DC B C2    
462 O O2    . DC B 9  ? 0.3629 0.2950 0.4183 0.0368  -0.0216 -0.0051 9  DC B O2    
463 N N3    . DC B 9  ? 0.3363 0.2627 0.3716 0.0318  -0.0311 -0.0092 9  DC B N3    
464 C C4    . DC B 9  ? 0.3325 0.2570 0.3627 0.0268  -0.0321 -0.0120 9  DC B C4    
465 N N4    . DC B 9  ? 0.3183 0.2396 0.3341 0.0268  -0.0406 -0.0129 9  DC B N4    
466 C C5    . DC B 9  ? 0.3436 0.2693 0.3842 0.0215  -0.0238 -0.0141 9  DC B C5    
467 C C6    . DC B 9  ? 0.3583 0.2864 0.4138 0.0222  -0.0141 -0.0126 9  DC B C6    
468 P P     . DC B 10 ? 0.4350 0.3712 0.5141 0.0135  0.0320  -0.0317 10 DC B P     
469 O OP1   . DC B 10 ? 0.4503 0.3868 0.5385 0.0098  0.0485  -0.0356 10 DC B OP1   
470 O OP2   . DC B 10 ? 0.4459 0.3833 0.5141 0.0074  0.0254  -0.0352 10 DC B OP2   
471 O "O5'" . DC B 10 ? 0.4094 0.3473 0.4785 0.0216  0.0213  -0.0302 10 DC B "O5'" 
472 C "C5'" . DC B 10 ? 0.3857 0.3242 0.4618 0.0278  0.0241  -0.0278 10 DC B "C5'" 
473 C "C4'" . DC B 10 ? 0.3631 0.3033 0.4264 0.0328  0.0134  -0.0287 10 DC B "C4'" 
474 O "O4'" . DC B 10 ? 0.3547 0.2932 0.4140 0.0370  0.0004  -0.0230 10 DC B "O4'" 
475 C "C3'" . DC B 10 ? 0.3549 0.2977 0.4025 0.0286  0.0113  -0.0350 10 DC B "C3'" 
476 O "O3'" . DC B 10 ? 0.3592 0.3050 0.4050 0.0255  0.0218  -0.0409 10 DC B "O3'" 
477 C "C2'" . DC B 10 ? 0.3484 0.2906 0.3849 0.0351  -0.0025 -0.0326 10 DC B "C2'" 
478 C "C1'" . DC B 10 ? 0.3497 0.2884 0.3932 0.0384  -0.0091 -0.0255 10 DC B "C1'" 
479 N N1    . DC B 10 ? 0.3517 0.2880 0.3872 0.0358  -0.0158 -0.0244 10 DC B N1    
480 C C2    . DC B 10 ? 0.3569 0.2913 0.3799 0.0390  -0.0266 -0.0230 10 DC B C2    
481 O O2    . DC B 10 ? 0.3578 0.2926 0.3772 0.0438  -0.0305 -0.0229 10 DC B O2    
482 N N3    . DC B 10 ? 0.3469 0.2788 0.3623 0.0369  -0.0322 -0.0221 10 DC B N3    
483 C C4    . DC B 10 ? 0.3518 0.2835 0.3715 0.0313  -0.0285 -0.0229 10 DC B C4    
484 N N4    . DC B 10 ? 0.3582 0.2875 0.3694 0.0293  -0.0347 -0.0223 10 DC B N4    
485 C C5    . DC B 10 ? 0.3507 0.2844 0.3835 0.0274  -0.0176 -0.0245 10 DC B C5    
486 C C6    . DC B 10 ? 0.3515 0.2872 0.3921 0.0299  -0.0110 -0.0250 10 DC B C6    
487 P P     . DC B 11 ? 0.3730 0.3247 0.4061 0.0166  0.0263  -0.0474 11 DC B P     
488 O OP1   . DC B 11 ? 0.3857 0.3401 0.4189 0.0126  0.0401  -0.0530 11 DC B OP1   
489 O OP2   . DC B 11 ? 0.3844 0.3362 0.4203 0.0091  0.0278  -0.0476 11 DC B OP2   
490 O "O5'" . DC B 11 ? 0.3722 0.3266 0.3899 0.0215  0.0126  -0.0463 11 DC B "O5'" 
491 C "C5'" . DC B 11 ? 0.3751 0.3347 0.3823 0.0164  0.0087  -0.0472 11 DC B "C5'" 
492 C "C4'" . DC B 11 ? 0.3736 0.3334 0.3695 0.0239  -0.0042 -0.0440 11 DC B "C4'" 
493 O "O4'" . DC B 11 ? 0.3659 0.3176 0.3666 0.0304  -0.0134 -0.0388 11 DC B "O4'" 
494 C "C3'" . DC B 11 ? 0.3816 0.3478 0.3663 0.0202  -0.0088 -0.0434 11 DC B "C3'" 
495 O "O3'" . DC B 11 ? 0.4001 0.3761 0.3749 0.0164  -0.0038 -0.0465 11 DC B "O3'" 
496 C "C2'" . DC B 11 ? 0.3725 0.3329 0.3516 0.0296  -0.0216 -0.0385 11 DC B "C2'" 
497 C "C1'" . DC B 11 ? 0.3630 0.3141 0.3535 0.0328  -0.0234 -0.0359 11 DC B "C1'" 
498 N N1    . DC B 11 ? 0.3496 0.2977 0.3429 0.0292  -0.0257 -0.0339 11 DC B N1    
499 C C2    . DC B 11 ? 0.3575 0.3029 0.3424 0.0321  -0.0350 -0.0305 11 DC B C2    
500 O O2    . DC B 11 ? 0.3624 0.3074 0.3388 0.0375  -0.0406 -0.0289 11 DC B O2    
501 N N3    . DC B 11 ? 0.3574 0.3002 0.3433 0.0286  -0.0373 -0.0292 11 DC B N3    
502 C C4    . DC B 11 ? 0.3563 0.2992 0.3517 0.0226  -0.0313 -0.0311 11 DC B C4    
503 N N4    . DC B 11 ? 0.3635 0.3039 0.3585 0.0192  -0.0347 -0.0301 11 DC B N4    
504 C C5    . DC B 11 ? 0.3491 0.2944 0.3546 0.0197  -0.0208 -0.0341 11 DC B C5    
505 C C6    . DC B 11 ? 0.3453 0.2931 0.3492 0.0232  -0.0182 -0.0354 11 DC B C6    
506 P P     . DC B 12 ? 0.3999 0.3886 0.3678 0.0064  -0.0007 -0.0470 12 DC B P     
507 O OP1   . DC B 12 ? 0.4195 0.4192 0.3776 0.0018  0.0068  -0.0504 12 DC B OP1   
508 O OP2   . DC B 12 ? 0.3989 0.3875 0.3759 -0.0023 0.0038  -0.0481 12 DC B OP2   
509 O "O5'" . DC B 12 ? 0.3885 0.3770 0.3483 0.0132  -0.0135 -0.0410 12 DC B "O5'" 
510 C "C5'" . DC B 12 ? 0.3873 0.3756 0.3375 0.0220  -0.0202 -0.0386 12 DC B "C5'" 
511 C "C4'" . DC B 12 ? 0.3941 0.3793 0.3393 0.0280  -0.0307 -0.0325 12 DC B "C4'" 
512 O "O4'" . DC B 12 ? 0.3997 0.3718 0.3525 0.0318  -0.0358 -0.0310 12 DC B "O4'" 
513 C "C3'" . DC B 12 ? 0.3971 0.3929 0.3393 0.0214  -0.0304 -0.0296 12 DC B "C3'" 
514 O "O3'" . DC B 12 ? 0.4036 0.4139 0.3356 0.0196  -0.0285 -0.0276 12 DC B "O3'" 
515 C "C2'" . DC B 12 ? 0.3926 0.3782 0.3338 0.0288  -0.0402 -0.0245 12 DC B "C2'" 
516 C "C1'" . DC B 12 ? 0.3908 0.3623 0.3406 0.0318  -0.0414 -0.0268 12 DC B "C1'" 
517 N N1    . DC B 12 ? 0.3792 0.3490 0.3374 0.0250  -0.0390 -0.0285 12 DC B N1    
518 C C2    . DC B 12 ? 0.3798 0.3461 0.3361 0.0249  -0.0448 -0.0253 12 DC B C2    
519 O O2    . DC B 12 ? 0.3832 0.3480 0.3316 0.0305  -0.0507 -0.0207 12 DC B O2    
520 N N3    . DC B 12 ? 0.3764 0.3409 0.3397 0.0185  -0.0433 -0.0272 12 DC B N3    
521 C C4    . DC B 12 ? 0.3799 0.3455 0.3524 0.0127  -0.0358 -0.0316 12 DC B C4    
522 N N4    . DC B 12 ? 0.3894 0.3528 0.3684 0.0066  -0.0347 -0.0334 12 DC B N4    
523 C C5    . DC B 12 ? 0.3745 0.3429 0.3496 0.0128  -0.0286 -0.0346 12 DC B C5    
524 C C6    . DC B 12 ? 0.3730 0.3435 0.3402 0.0191  -0.0308 -0.0331 12 DC B C6    
525 P P     . DG B 13 ? 0.4085 0.4369 0.3385 0.0086  -0.0244 -0.0251 13 DG B P     
526 O OP1   . DG B 13 ? 0.4224 0.4663 0.3412 0.0072  -0.0214 -0.0227 13 DG B OP1   
527 O OP2   . DG B 13 ? 0.4084 0.4388 0.3478 -0.0032 -0.0170 -0.0303 13 DG B OP2   
528 O "O5'" . DG B 13 ? 0.4021 0.4260 0.3326 0.0136  -0.0335 -0.0183 13 DG B "O5'" 
529 C "C5'" . DG B 13 ? 0.3919 0.4121 0.3149 0.0245  -0.0406 -0.0122 13 DG B "C5'" 
530 C "C4'" . DG B 13 ? 0.3868 0.4024 0.3112 0.0272  -0.0468 -0.0066 13 DG B "C4'" 
531 O "O4'" . DG B 13 ? 0.3823 0.3815 0.3131 0.0286  -0.0498 -0.0100 13 DG B "O4'" 
532 C "C3'" . DG B 13 ? 0.3854 0.4169 0.3124 0.0173  -0.0443 -0.0038 13 DG B "C3'" 
533 O "O3'" . DG B 13 ? 0.3904 0.4389 0.3109 0.0174  -0.0433 0.0034  13 DG B "O3'" 
534 C "C2'" . DG B 13 ? 0.3839 0.4028 0.3137 0.0212  -0.0510 -0.0015 13 DG B "C2'" 
535 C "C1'" . DG B 13 ? 0.3797 0.3801 0.3131 0.0247  -0.0523 -0.0076 13 DG B "C1'" 
536 N N9    . DG B 13 ? 0.3614 0.3621 0.3033 0.0149  -0.0486 -0.0137 13 DG B N9    
537 C C8    . DG B 13 ? 0.3575 0.3612 0.3048 0.0086  -0.0413 -0.0199 13 DG B C8    
538 N N7    . DG B 13 ? 0.3506 0.3536 0.3059 0.0003  -0.0385 -0.0241 13 DG B N7    
539 C C5    . DG B 13 ? 0.3576 0.3573 0.3122 0.0009  -0.0453 -0.0209 13 DG B C5    
540 C C6    . DG B 13 ? 0.3611 0.3587 0.3215 -0.0062 -0.0466 -0.0235 13 DG B C6    
541 O O6    . DG B 13 ? 0.3640 0.3620 0.3324 -0.0147 -0.0415 -0.0291 13 DG B O6    
542 N N1    . DG B 13 ? 0.3597 0.3541 0.3156 -0.0029 -0.0544 -0.0193 13 DG B N1    
543 C C2    . DG B 13 ? 0.3651 0.3576 0.3126 0.0065  -0.0590 -0.0127 13 DG B C2    
544 N N2    . DG B 13 ? 0.3645 0.3533 0.3087 0.0083  -0.0648 -0.0092 13 DG B N2    
545 N N3    . DG B 13 ? 0.3700 0.3645 0.3130 0.0132  -0.0574 -0.0099 13 DG B N3    
546 C C4    . DG B 13 ? 0.3627 0.3611 0.3091 0.0098  -0.0510 -0.0144 13 DG B C4    
547 P P     . DG B 14 ? 0.3918 0.4659 0.3140 0.0031  -0.0374 0.0058  14 DG B P     
548 O OP1   . DG B 14 ? 0.4085 0.4987 0.3230 0.0065  -0.0374 0.0153  14 DG B OP1   
549 O OP2   . DG B 14 ? 0.3837 0.4639 0.3097 -0.0094 -0.0289 -0.0028 14 DG B OP2   
550 O "O5'" . DG B 14 ? 0.3870 0.4594 0.3169 -0.0005 -0.0415 0.0078  14 DG B "O5'" 
551 C "C5'" . DG B 14 ? 0.3909 0.4580 0.3185 0.0090  -0.0482 0.0159  14 DG B "C5'" 
552 C "C4'" . DG B 14 ? 0.3877 0.4514 0.3217 0.0043  -0.0519 0.0155  14 DG B "C4'" 
553 O "O4'" . DG B 14 ? 0.3927 0.4368 0.3301 0.0048  -0.0537 0.0069  14 DG B "O4'" 
554 C "C3'" . DG B 14 ? 0.3823 0.4677 0.3233 -0.0119 -0.0478 0.0146  14 DG B "C3'" 
555 O "O3'" . DG B 14 ? 0.3760 0.4847 0.3159 -0.0150 -0.0464 0.0247  14 DG B "O3'" 
556 C "C2'" . DG B 14 ? 0.3847 0.4571 0.3308 -0.0132 -0.0533 0.0112  14 DG B "C2'" 
557 C "C1'" . DG B 14 ? 0.3878 0.4349 0.3318 -0.0047 -0.0550 0.0043  14 DG B "C1'" 
558 N N9    . DG B 14 ? 0.3761 0.4225 0.3266 -0.0144 -0.0500 -0.0050 14 DG B N9    
559 C C8    . DG B 14 ? 0.3727 0.4239 0.3236 -0.0182 -0.0425 -0.0094 14 DG B C8    
560 N N7    . DG B 14 ? 0.3648 0.4144 0.3229 -0.0277 -0.0376 -0.0169 14 DG B N7    
561 C C5    . DG B 14 ? 0.3666 0.4112 0.3292 -0.0307 -0.0431 -0.0177 14 DG B C5    
562 C C6    . DG B 14 ? 0.3717 0.4128 0.3424 -0.0402 -0.0416 -0.0244 14 DG B C6    
563 O O6    . DG B 14 ? 0.3792 0.4204 0.3561 -0.0479 -0.0337 -0.0308 14 DG B O6    
564 N N1    . DG B 14 ? 0.3663 0.4032 0.3375 -0.0403 -0.0495 -0.0231 14 DG B N1    
565 C C2    . DG B 14 ? 0.3654 0.4008 0.3300 -0.0319 -0.0571 -0.0161 14 DG B C2    
566 N N2    . DG B 14 ? 0.3645 0.3950 0.3294 -0.0334 -0.0638 -0.0164 14 DG B N2    
567 N N3    . DG B 14 ? 0.3669 0.4049 0.3248 -0.0229 -0.0575 -0.0093 14 DG B N3    
568 C C4    . DG B 14 ? 0.3700 0.4130 0.3273 -0.0228 -0.0508 -0.0106 14 DG B C4    
# 
loop_
_pdbx_poly_seq_scheme.asym_id 
_pdbx_poly_seq_scheme.entity_id 
_pdbx_poly_seq_scheme.seq_id 
_pdbx_poly_seq_scheme.mon_id 
_pdbx_poly_seq_scheme.ndb_seq_num 
_pdbx_poly_seq_scheme.pdb_seq_num 
_pdbx_poly_seq_scheme.auth_seq_num 
_pdbx_poly_seq_scheme.pdb_mon_id 
_pdbx_poly_seq_scheme.auth_mon_id 
_pdbx_poly_seq_scheme.pdb_strand_id 
_pdbx_poly_seq_scheme.pdb_ins_code 
_pdbx_poly_seq_scheme.hetero 
A 1 1  DC 1  1  1  DC DC A . n 
A 1 2  DC 2  2  2  DC DC A . n 
A 1 3  DG 3  3  3  DG DG A . n 
A 1 4  DG 4  4  4  DG DG A . n 
A 1 5  DG 5  5  5  DG DG A . n 
A 1 6  DG 6  6  6  DG DG A . n 
A 1 7  DT 7  7  7  DT DT A . n 
A 1 8  DA 8  8  8  DA DA A . n 
A 1 9  DC 9  9  9  DC DC A . n 
A 1 10 DC 10 10 10 DC DC A . n 
A 1 11 DC 11 11 11 DC DC A . n 
A 1 12 DC 12 12 12 DC DC A . n 
A 1 13 DG 13 13 13 DG DG A . n 
A 1 14 DG 14 14 14 DG DG A . n 
B 1 1  DC 1  1  1  DC DC B . n 
B 1 2  DC 2  2  2  DC DC B . n 
B 1 3  DG 3  3  3  DG DG B . n 
B 1 4  DG 4  4  4  DG DG B . n 
B 1 5  DG 5  5  5  DG DG B . n 
B 1 6  DG 6  6  6  DG DG B . n 
B 1 7  DT 7  7  7  DT DT B . n 
B 1 8  DA 8  8  8  DA DA B . n 
B 1 9  DC 9  9  9  DC DC B . n 
B 1 10 DC 10 10 10 DC DC B . n 
B 1 11 DC 11 11 11 DC DC B . n 
B 1 12 DC 12 12 12 DC DC B . n 
B 1 13 DG 13 13 13 DG DG B . n 
B 1 14 DG 14 14 14 DG DG B . n 
# 
loop_
_pdbx_nonpoly_scheme.asym_id 
_pdbx_nonpoly_scheme.entity_id 
_pdbx_nonpoly_scheme.mon_id 
_pdbx_nonpoly_scheme.ndb_seq_num 
_pdbx_nonpoly_scheme.pdb_seq_num 
_pdbx_nonpoly_scheme.auth_seq_num 
_pdbx_nonpoly_scheme.pdb_mon_id 
_pdbx_nonpoly_scheme.auth_mon_id 
_pdbx_nonpoly_scheme.pdb_strand_id 
_pdbx_nonpoly_scheme.pdb_ins_code 
C 2 HOH 1  101 20 HOH HOH A . 
C 2 HOH 2  102 49 HOH HOH A . 
C 2 HOH 3  103 23 HOH HOH A . 
C 2 HOH 4  104 30 HOH HOH A . 
C 2 HOH 5  105 24 HOH HOH A . 
C 2 HOH 6  106 65 HOH HOH A . 
C 2 HOH 7  107 60 HOH HOH A . 
C 2 HOH 8  108 64 HOH HOH A . 
C 2 HOH 9  109 15 HOH HOH A . 
C 2 HOH 10 110 57 HOH HOH A . 
C 2 HOH 11 111 47 HOH HOH A . 
C 2 HOH 12 112 25 HOH HOH A . 
C 2 HOH 13 113 14 HOH HOH A . 
C 2 HOH 14 114 41 HOH HOH A . 
C 2 HOH 15 115 54 HOH HOH A . 
C 2 HOH 16 116 78 HOH HOH A . 
C 2 HOH 17 117 2  HOH HOH A . 
C 2 HOH 18 118 9  HOH HOH A . 
C 2 HOH 19 119 27 HOH HOH A . 
C 2 HOH 20 120 67 HOH HOH A . 
C 2 HOH 21 121 11 HOH HOH A . 
C 2 HOH 22 122 79 HOH HOH A . 
C 2 HOH 23 123 40 HOH HOH A . 
C 2 HOH 24 124 19 HOH HOH A . 
C 2 HOH 25 125 80 HOH HOH A . 
C 2 HOH 26 126 83 HOH HOH A . 
C 2 HOH 27 127 13 HOH HOH A . 
C 2 HOH 28 128 35 HOH HOH A . 
C 2 HOH 29 129 56 HOH HOH A . 
C 2 HOH 30 130 18 HOH HOH A . 
C 2 HOH 31 131 50 HOH HOH A . 
C 2 HOH 32 132 17 HOH HOH A . 
C 2 HOH 33 133 69 HOH HOH A . 
C 2 HOH 34 134 42 HOH HOH A . 
C 2 HOH 35 135 51 HOH HOH A . 
C 2 HOH 36 136 85 HOH HOH A . 
C 2 HOH 37 137 87 HOH HOH A . 
C 2 HOH 38 138 66 HOH HOH A . 
C 2 HOH 39 139 82 HOH HOH A . 
C 2 HOH 40 140 62 HOH HOH A . 
C 2 HOH 41 141 74 HOH HOH A . 
C 2 HOH 42 142 63 HOH HOH A . 
C 2 HOH 43 143 88 HOH HOH A . 
C 2 HOH 44 144 53 HOH HOH A . 
D 2 HOH 1  101 31 HOH HOH B . 
D 2 HOH 2  102 76 HOH HOH B . 
D 2 HOH 3  103 73 HOH HOH B . 
D 2 HOH 4  104 46 HOH HOH B . 
D 2 HOH 5  105 7  HOH HOH B . 
D 2 HOH 6  106 32 HOH HOH B . 
D 2 HOH 7  107 29 HOH HOH B . 
D 2 HOH 8  108 28 HOH HOH B . 
D 2 HOH 9  109 1  HOH HOH B . 
D 2 HOH 10 110 26 HOH HOH B . 
D 2 HOH 11 111 8  HOH HOH B . 
D 2 HOH 12 112 38 HOH HOH B . 
D 2 HOH 13 113 12 HOH HOH B . 
D 2 HOH 14 114 84 HOH HOH B . 
D 2 HOH 15 115 6  HOH HOH B . 
D 2 HOH 16 116 55 HOH HOH B . 
D 2 HOH 17 117 16 HOH HOH B . 
D 2 HOH 18 118 36 HOH HOH B . 
D 2 HOH 19 119 37 HOH HOH B . 
D 2 HOH 20 120 33 HOH HOH B . 
D 2 HOH 21 121 5  HOH HOH B . 
D 2 HOH 22 122 3  HOH HOH B . 
D 2 HOH 23 123 52 HOH HOH B . 
D 2 HOH 24 124 77 HOH HOH B . 
D 2 HOH 25 125 86 HOH HOH B . 
D 2 HOH 26 126 21 HOH HOH B . 
D 2 HOH 27 127 43 HOH HOH B . 
D 2 HOH 28 128 72 HOH HOH B . 
D 2 HOH 29 129 75 HOH HOH B . 
D 2 HOH 30 130 58 HOH HOH B . 
D 2 HOH 31 131 70 HOH HOH B . 
D 2 HOH 32 132 34 HOH HOH B . 
D 2 HOH 33 133 48 HOH HOH B . 
D 2 HOH 34 134 45 HOH HOH B . 
D 2 HOH 35 135 71 HOH HOH B . 
D 2 HOH 36 136 44 HOH HOH B . 
D 2 HOH 37 137 10 HOH HOH B . 
D 2 HOH 38 138 22 HOH HOH B . 
D 2 HOH 39 139 81 HOH HOH B . 
D 2 HOH 40 140 61 HOH HOH B . 
D 2 HOH 41 141 39 HOH HOH B . 
D 2 HOH 42 142 68 HOH HOH B . 
D 2 HOH 43 143 4  HOH HOH B . 
D 2 HOH 44 144 59 HOH HOH B . 
# 
_pdbx_struct_assembly.id                   1 
_pdbx_struct_assembly.details              author_and_software_defined_assembly 
_pdbx_struct_assembly.method_details       PISA 
_pdbx_struct_assembly.oligomeric_details   dimeric 
_pdbx_struct_assembly.oligomeric_count     2 
# 
_pdbx_struct_assembly_gen.assembly_id       1 
_pdbx_struct_assembly_gen.oper_expression   1 
_pdbx_struct_assembly_gen.asym_id_list      A,B,C,D 
# 
loop_
_pdbx_struct_assembly_prop.biol_id 
_pdbx_struct_assembly_prop.type 
_pdbx_struct_assembly_prop.value 
_pdbx_struct_assembly_prop.details 
1 'ABSA (A^2)' 1470 ? 
1 MORE         -5   ? 
1 'SSA (A^2)'  5200 ? 
# 
_pdbx_struct_oper_list.id                   1 
_pdbx_struct_oper_list.type                 'identity operation' 
_pdbx_struct_oper_list.name                 1_555 
_pdbx_struct_oper_list.symmetry_operation   x,y,z 
_pdbx_struct_oper_list.matrix[1][1]         1.0000000000 
_pdbx_struct_oper_list.matrix[1][2]         0.0000000000 
_pdbx_struct_oper_list.matrix[1][3]         0.0000000000 
_pdbx_struct_oper_list.vector[1]            0.0000000000 
_pdbx_struct_oper_list.matrix[2][1]         0.0000000000 
_pdbx_struct_oper_list.matrix[2][2]         1.0000000000 
_pdbx_struct_oper_list.matrix[2][3]         0.0000000000 
_pdbx_struct_oper_list.vector[2]            0.0000000000 
_pdbx_struct_oper_list.matrix[3][1]         0.0000000000 
_pdbx_struct_oper_list.matrix[3][2]         0.0000000000 
_pdbx_struct_oper_list.matrix[3][3]         1.0000000000 
_pdbx_struct_oper_list.vector[3]            0.0000000000 
# 
loop_
_pdbx_audit_revision_history.ordinal 
_pdbx_audit_revision_history.data_content_type 
_pdbx_audit_revision_history.major_revision 
_pdbx_audit_revision_history.minor_revision 
_pdbx_audit_revision_history.revision_date 
1 'Structure model' 1 0 2017-05-24 
2 'Structure model' 1 1 2019-01-30 
3 'Structure model' 1 2 2019-11-20 
4 'Structure model' 1 3 2023-11-22 
# 
_pdbx_audit_revision_details.ordinal             1 
_pdbx_audit_revision_details.revision_ordinal    1 
_pdbx_audit_revision_details.data_content_type   'Structure model' 
_pdbx_audit_revision_details.provider            repository 
_pdbx_audit_revision_details.type                'Initial release' 
_pdbx_audit_revision_details.description         ? 
_pdbx_audit_revision_details.details             ? 
# 
loop_
_pdbx_audit_revision_group.ordinal 
_pdbx_audit_revision_group.revision_ordinal 
_pdbx_audit_revision_group.data_content_type 
_pdbx_audit_revision_group.group 
1 2 'Structure model' 'Data collection'        
2 2 'Structure model' 'Database references'    
3 3 'Structure model' 'Data collection'        
4 4 'Structure model' 'Data collection'        
5 4 'Structure model' 'Database references'    
6 4 'Structure model' 'Refinement description' 
# 
loop_
_pdbx_audit_revision_category.ordinal 
_pdbx_audit_revision_category.revision_ordinal 
_pdbx_audit_revision_category.data_content_type 
_pdbx_audit_revision_category.category 
1 2 'Structure model' pdbx_related_exp_data_set     
2 3 'Structure model' reflns_shell                  
3 4 'Structure model' chem_comp_atom                
4 4 'Structure model' chem_comp_bond                
5 4 'Structure model' database_2                    
6 4 'Structure model' pdbx_initial_refinement_model 
# 
loop_
_pdbx_audit_revision_item.ordinal 
_pdbx_audit_revision_item.revision_ordinal 
_pdbx_audit_revision_item.data_content_type 
_pdbx_audit_revision_item.item 
1 3 'Structure model' '_reflns_shell.Rmerge_I_obs'          
2 4 'Structure model' '_database_2.pdbx_DOI'                
3 4 'Structure model' '_database_2.pdbx_database_accession' 
# 
loop_
_pdbx_refine_tls.pdbx_refine_id 
_pdbx_refine_tls.id 
_pdbx_refine_tls.details 
_pdbx_refine_tls.method 
_pdbx_refine_tls.origin_x 
_pdbx_refine_tls.origin_y 
_pdbx_refine_tls.origin_z 
_pdbx_refine_tls.T[1][1] 
_pdbx_refine_tls.T[2][2] 
_pdbx_refine_tls.T[3][3] 
_pdbx_refine_tls.T[1][2] 
_pdbx_refine_tls.T[1][3] 
_pdbx_refine_tls.T[2][3] 
_pdbx_refine_tls.L[1][1] 
_pdbx_refine_tls.L[2][2] 
_pdbx_refine_tls.L[3][3] 
_pdbx_refine_tls.L[1][2] 
_pdbx_refine_tls.L[1][3] 
_pdbx_refine_tls.L[2][3] 
_pdbx_refine_tls.S[1][1] 
_pdbx_refine_tls.S[2][2] 
_pdbx_refine_tls.S[3][3] 
_pdbx_refine_tls.S[1][2] 
_pdbx_refine_tls.S[1][3] 
_pdbx_refine_tls.S[2][3] 
_pdbx_refine_tls.S[2][1] 
_pdbx_refine_tls.S[3][1] 
_pdbx_refine_tls.S[3][2] 
'X-RAY DIFFRACTION' 1 ? refined 1.7296  0.7644  1.0486  0.2824 0.2098 0.2173 0.0253 -0.0524 -0.0190 0.5813 -0.5580 0.5140 0.0331 -0.5098 -0.0379 0.0573 -0.0306 0.1384 -0.0510 -0.1185 0.0038  0.0070 -0.0591 0.0661 
'X-RAY DIFFRACTION' 2 ? refined -1.5356 -0.5579 -0.8605 0.2615 0.1631 0.2271 0.0349 -0.0680 -0.0020 0.3946 -0.4739 0.5570 0.8540 -0.7519 -0.3393 0.0335 0.0044  0.1353 0.0599  -0.1256 -0.0097 0.0316 -0.0902 0.0247 
# 
loop_
_pdbx_refine_tls_group.pdbx_refine_id 
_pdbx_refine_tls_group.id 
_pdbx_refine_tls_group.refine_tls_id 
_pdbx_refine_tls_group.beg_auth_asym_id 
_pdbx_refine_tls_group.beg_auth_seq_id 
_pdbx_refine_tls_group.end_auth_asym_id 
_pdbx_refine_tls_group.end_auth_seq_id 
_pdbx_refine_tls_group.selection_details 
_pdbx_refine_tls_group.beg_label_asym_id 
_pdbx_refine_tls_group.beg_label_seq_id 
_pdbx_refine_tls_group.end_label_asym_id 
_pdbx_refine_tls_group.end_label_seq_id 
_pdbx_refine_tls_group.selection 
'X-RAY DIFFRACTION' 1 1 A 1 A 14 
;chain 'A' and (resid 1 through 14 )
;
? ? ? ? ? 
'X-RAY DIFFRACTION' 2 2 B 1 B 14 
;chain 'B' and (resid 1 through 14 )
;
? ? ? ? ? 
# 
_pdbx_phasing_MR.entry_id                     5WV7 
_pdbx_phasing_MR.method_rotation              ? 
_pdbx_phasing_MR.method_translation           ? 
_pdbx_phasing_MR.model_details                ? 
_pdbx_phasing_MR.R_factor                     ? 
_pdbx_phasing_MR.R_rigid_body                 ? 
_pdbx_phasing_MR.correlation_coeff_Fo_to_Fc   ? 
_pdbx_phasing_MR.correlation_coeff_Io_to_Ic   ? 
_pdbx_phasing_MR.d_res_high_rotation          5.110 
_pdbx_phasing_MR.d_res_low_rotation           28.070 
_pdbx_phasing_MR.d_res_high_translation       5.110 
_pdbx_phasing_MR.d_res_low_translation        28.070 
_pdbx_phasing_MR.packing                      ? 
_pdbx_phasing_MR.reflns_percent_rotation      ? 
_pdbx_phasing_MR.reflns_percent_translation   ? 
_pdbx_phasing_MR.sigma_F_rotation             ? 
_pdbx_phasing_MR.sigma_F_translation          ? 
_pdbx_phasing_MR.sigma_I_rotation             ? 
_pdbx_phasing_MR.sigma_I_translation          ? 
# 
_phasing.method   MR 
# 
loop_
_software.citation_id 
_software.classification 
_software.compiler_name 
_software.compiler_version 
_software.contact_author 
_software.contact_author_email 
_software.date 
_software.description 
_software.dependencies 
_software.hardware 
_software.language 
_software.location 
_software.mods 
_software.name 
_software.os 
_software.os_version 
_software.type 
_software.version 
_software.pdbx_ordinal 
? refinement        ? ? ? ? ? ? ? ? ? ? ? PHENIX      ? ? ? '(1.10.1_2155)' 1 
? 'data scaling'    ? ? ? ? ? ? ? ? ? ? ? Aimless     ? ? ? 0.5.31          2 
? phasing           ? ? ? ? ? ? ? ? ? ? ? PHASER      ? ? ? 2.6.0           3 
? 'data extraction' ? ? ? ? ? ? ? ? ? ? ? PDB_EXTRACT ? ? ? 3.22            4 
? 'data reduction'  ? ? ? ? ? ? ? ? ? ? ? XDS         ? ? ? GPLv2           5 
# 
loop_
_pdbx_validate_rmsd_angle.id 
_pdbx_validate_rmsd_angle.PDB_model_num 
_pdbx_validate_rmsd_angle.auth_atom_id_1 
_pdbx_validate_rmsd_angle.auth_asym_id_1 
_pdbx_validate_rmsd_angle.auth_comp_id_1 
_pdbx_validate_rmsd_angle.auth_seq_id_1 
_pdbx_validate_rmsd_angle.PDB_ins_code_1 
_pdbx_validate_rmsd_angle.label_alt_id_1 
_pdbx_validate_rmsd_angle.auth_atom_id_2 
_pdbx_validate_rmsd_angle.auth_asym_id_2 
_pdbx_validate_rmsd_angle.auth_comp_id_2 
_pdbx_validate_rmsd_angle.auth_seq_id_2 
_pdbx_validate_rmsd_angle.PDB_ins_code_2 
_pdbx_validate_rmsd_angle.label_alt_id_2 
_pdbx_validate_rmsd_angle.auth_atom_id_3 
_pdbx_validate_rmsd_angle.auth_asym_id_3 
_pdbx_validate_rmsd_angle.auth_comp_id_3 
_pdbx_validate_rmsd_angle.auth_seq_id_3 
_pdbx_validate_rmsd_angle.PDB_ins_code_3 
_pdbx_validate_rmsd_angle.label_alt_id_3 
_pdbx_validate_rmsd_angle.angle_value 
_pdbx_validate_rmsd_angle.angle_target_value 
_pdbx_validate_rmsd_angle.angle_deviation 
_pdbx_validate_rmsd_angle.angle_standard_deviation 
_pdbx_validate_rmsd_angle.linker_flag 
1 1 "O4'" A DC 9  ? ? "C1'" A DC 9  ? ? N1    A DC 9  ? ? 111.27 108.30 2.97  0.30 N 
2 1 "O4'" A DC 10 ? ? "C1'" A DC 10 ? ? N1    A DC 10 ? ? 110.13 108.30 1.83  0.30 N 
3 1 "O4'" A DG 13 ? ? "C4'" A DG 13 ? ? "C3'" A DG 13 ? ? 101.85 104.50 -2.65 0.40 N 
4 1 "O4'" B DG 6  ? ? "C1'" B DG 6  ? ? N9    B DG 6  ? ? 110.14 108.30 1.84  0.30 N 
5 1 "O4'" B DC 11 ? ? "C1'" B DC 11 ? ? N1    B DC 11 ? ? 110.25 108.30 1.95  0.30 N 
# 
loop_
_chem_comp_atom.comp_id 
_chem_comp_atom.atom_id 
_chem_comp_atom.type_symbol 
_chem_comp_atom.pdbx_aromatic_flag 
_chem_comp_atom.pdbx_stereo_config 
_chem_comp_atom.pdbx_ordinal 
DA  OP3    O N N 1   
DA  P      P N N 2   
DA  OP1    O N N 3   
DA  OP2    O N N 4   
DA  "O5'"  O N N 5   
DA  "C5'"  C N N 6   
DA  "C4'"  C N R 7   
DA  "O4'"  O N N 8   
DA  "C3'"  C N S 9   
DA  "O3'"  O N N 10  
DA  "C2'"  C N N 11  
DA  "C1'"  C N R 12  
DA  N9     N Y N 13  
DA  C8     C Y N 14  
DA  N7     N Y N 15  
DA  C5     C Y N 16  
DA  C6     C Y N 17  
DA  N6     N N N 18  
DA  N1     N Y N 19  
DA  C2     C Y N 20  
DA  N3     N Y N 21  
DA  C4     C Y N 22  
DA  HOP3   H N N 23  
DA  HOP2   H N N 24  
DA  "H5'"  H N N 25  
DA  "H5''" H N N 26  
DA  "H4'"  H N N 27  
DA  "H3'"  H N N 28  
DA  "HO3'" H N N 29  
DA  "H2'"  H N N 30  
DA  "H2''" H N N 31  
DA  "H1'"  H N N 32  
DA  H8     H N N 33  
DA  H61    H N N 34  
DA  H62    H N N 35  
DA  H2     H N N 36  
DC  OP3    O N N 37  
DC  P      P N N 38  
DC  OP1    O N N 39  
DC  OP2    O N N 40  
DC  "O5'"  O N N 41  
DC  "C5'"  C N N 42  
DC  "C4'"  C N R 43  
DC  "O4'"  O N N 44  
DC  "C3'"  C N S 45  
DC  "O3'"  O N N 46  
DC  "C2'"  C N N 47  
DC  "C1'"  C N R 48  
DC  N1     N N N 49  
DC  C2     C N N 50  
DC  O2     O N N 51  
DC  N3     N N N 52  
DC  C4     C N N 53  
DC  N4     N N N 54  
DC  C5     C N N 55  
DC  C6     C N N 56  
DC  HOP3   H N N 57  
DC  HOP2   H N N 58  
DC  "H5'"  H N N 59  
DC  "H5''" H N N 60  
DC  "H4'"  H N N 61  
DC  "H3'"  H N N 62  
DC  "HO3'" H N N 63  
DC  "H2'"  H N N 64  
DC  "H2''" H N N 65  
DC  "H1'"  H N N 66  
DC  H41    H N N 67  
DC  H42    H N N 68  
DC  H5     H N N 69  
DC  H6     H N N 70  
DG  OP3    O N N 71  
DG  P      P N N 72  
DG  OP1    O N N 73  
DG  OP2    O N N 74  
DG  "O5'"  O N N 75  
DG  "C5'"  C N N 76  
DG  "C4'"  C N R 77  
DG  "O4'"  O N N 78  
DG  "C3'"  C N S 79  
DG  "O3'"  O N N 80  
DG  "C2'"  C N N 81  
DG  "C1'"  C N R 82  
DG  N9     N Y N 83  
DG  C8     C Y N 84  
DG  N7     N Y N 85  
DG  C5     C Y N 86  
DG  C6     C N N 87  
DG  O6     O N N 88  
DG  N1     N N N 89  
DG  C2     C N N 90  
DG  N2     N N N 91  
DG  N3     N N N 92  
DG  C4     C Y N 93  
DG  HOP3   H N N 94  
DG  HOP2   H N N 95  
DG  "H5'"  H N N 96  
DG  "H5''" H N N 97  
DG  "H4'"  H N N 98  
DG  "H3'"  H N N 99  
DG  "HO3'" H N N 100 
DG  "H2'"  H N N 101 
DG  "H2''" H N N 102 
DG  "H1'"  H N N 103 
DG  H8     H N N 104 
DG  H1     H N N 105 
DG  H21    H N N 106 
DG  H22    H N N 107 
DT  OP3    O N N 108 
DT  P      P N N 109 
DT  OP1    O N N 110 
DT  OP2    O N N 111 
DT  "O5'"  O N N 112 
DT  "C5'"  C N N 113 
DT  "C4'"  C N R 114 
DT  "O4'"  O N N 115 
DT  "C3'"  C N S 116 
DT  "O3'"  O N N 117 
DT  "C2'"  C N N 118 
DT  "C1'"  C N R 119 
DT  N1     N N N 120 
DT  C2     C N N 121 
DT  O2     O N N 122 
DT  N3     N N N 123 
DT  C4     C N N 124 
DT  O4     O N N 125 
DT  C5     C N N 126 
DT  C7     C N N 127 
DT  C6     C N N 128 
DT  HOP3   H N N 129 
DT  HOP2   H N N 130 
DT  "H5'"  H N N 131 
DT  "H5''" H N N 132 
DT  "H4'"  H N N 133 
DT  "H3'"  H N N 134 
DT  "HO3'" H N N 135 
DT  "H2'"  H N N 136 
DT  "H2''" H N N 137 
DT  "H1'"  H N N 138 
DT  H3     H N N 139 
DT  H71    H N N 140 
DT  H72    H N N 141 
DT  H73    H N N 142 
DT  H6     H N N 143 
HOH O      O N N 144 
HOH H1     H N N 145 
HOH H2     H N N 146 
# 
loop_
_chem_comp_bond.comp_id 
_chem_comp_bond.atom_id_1 
_chem_comp_bond.atom_id_2 
_chem_comp_bond.value_order 
_chem_comp_bond.pdbx_aromatic_flag 
_chem_comp_bond.pdbx_stereo_config 
_chem_comp_bond.pdbx_ordinal 
DA  OP3   P      sing N N 1   
DA  OP3   HOP3   sing N N 2   
DA  P     OP1    doub N N 3   
DA  P     OP2    sing N N 4   
DA  P     "O5'"  sing N N 5   
DA  OP2   HOP2   sing N N 6   
DA  "O5'" "C5'"  sing N N 7   
DA  "C5'" "C4'"  sing N N 8   
DA  "C5'" "H5'"  sing N N 9   
DA  "C5'" "H5''" sing N N 10  
DA  "C4'" "O4'"  sing N N 11  
DA  "C4'" "C3'"  sing N N 12  
DA  "C4'" "H4'"  sing N N 13  
DA  "O4'" "C1'"  sing N N 14  
DA  "C3'" "O3'"  sing N N 15  
DA  "C3'" "C2'"  sing N N 16  
DA  "C3'" "H3'"  sing N N 17  
DA  "O3'" "HO3'" sing N N 18  
DA  "C2'" "C1'"  sing N N 19  
DA  "C2'" "H2'"  sing N N 20  
DA  "C2'" "H2''" sing N N 21  
DA  "C1'" N9     sing N N 22  
DA  "C1'" "H1'"  sing N N 23  
DA  N9    C8     sing Y N 24  
DA  N9    C4     sing Y N 25  
DA  C8    N7     doub Y N 26  
DA  C8    H8     sing N N 27  
DA  N7    C5     sing Y N 28  
DA  C5    C6     sing Y N 29  
DA  C5    C4     doub Y N 30  
DA  C6    N6     sing N N 31  
DA  C6    N1     doub Y N 32  
DA  N6    H61    sing N N 33  
DA  N6    H62    sing N N 34  
DA  N1    C2     sing Y N 35  
DA  C2    N3     doub Y N 36  
DA  C2    H2     sing N N 37  
DA  N3    C4     sing Y N 38  
DC  OP3   P      sing N N 39  
DC  OP3   HOP3   sing N N 40  
DC  P     OP1    doub N N 41  
DC  P     OP2    sing N N 42  
DC  P     "O5'"  sing N N 43  
DC  OP2   HOP2   sing N N 44  
DC  "O5'" "C5'"  sing N N 45  
DC  "C5'" "C4'"  sing N N 46  
DC  "C5'" "H5'"  sing N N 47  
DC  "C5'" "H5''" sing N N 48  
DC  "C4'" "O4'"  sing N N 49  
DC  "C4'" "C3'"  sing N N 50  
DC  "C4'" "H4'"  sing N N 51  
DC  "O4'" "C1'"  sing N N 52  
DC  "C3'" "O3'"  sing N N 53  
DC  "C3'" "C2'"  sing N N 54  
DC  "C3'" "H3'"  sing N N 55  
DC  "O3'" "HO3'" sing N N 56  
DC  "C2'" "C1'"  sing N N 57  
DC  "C2'" "H2'"  sing N N 58  
DC  "C2'" "H2''" sing N N 59  
DC  "C1'" N1     sing N N 60  
DC  "C1'" "H1'"  sing N N 61  
DC  N1    C2     sing N N 62  
DC  N1    C6     sing N N 63  
DC  C2    O2     doub N N 64  
DC  C2    N3     sing N N 65  
DC  N3    C4     doub N N 66  
DC  C4    N4     sing N N 67  
DC  C4    C5     sing N N 68  
DC  N4    H41    sing N N 69  
DC  N4    H42    sing N N 70  
DC  C5    C6     doub N N 71  
DC  C5    H5     sing N N 72  
DC  C6    H6     sing N N 73  
DG  OP3   P      sing N N 74  
DG  OP3   HOP3   sing N N 75  
DG  P     OP1    doub N N 76  
DG  P     OP2    sing N N 77  
DG  P     "O5'"  sing N N 78  
DG  OP2   HOP2   sing N N 79  
DG  "O5'" "C5'"  sing N N 80  
DG  "C5'" "C4'"  sing N N 81  
DG  "C5'" "H5'"  sing N N 82  
DG  "C5'" "H5''" sing N N 83  
DG  "C4'" "O4'"  sing N N 84  
DG  "C4'" "C3'"  sing N N 85  
DG  "C4'" "H4'"  sing N N 86  
DG  "O4'" "C1'"  sing N N 87  
DG  "C3'" "O3'"  sing N N 88  
DG  "C3'" "C2'"  sing N N 89  
DG  "C3'" "H3'"  sing N N 90  
DG  "O3'" "HO3'" sing N N 91  
DG  "C2'" "C1'"  sing N N 92  
DG  "C2'" "H2'"  sing N N 93  
DG  "C2'" "H2''" sing N N 94  
DG  "C1'" N9     sing N N 95  
DG  "C1'" "H1'"  sing N N 96  
DG  N9    C8     sing Y N 97  
DG  N9    C4     sing Y N 98  
DG  C8    N7     doub Y N 99  
DG  C8    H8     sing N N 100 
DG  N7    C5     sing Y N 101 
DG  C5    C6     sing N N 102 
DG  C5    C4     doub Y N 103 
DG  C6    O6     doub N N 104 
DG  C6    N1     sing N N 105 
DG  N1    C2     sing N N 106 
DG  N1    H1     sing N N 107 
DG  C2    N2     sing N N 108 
DG  C2    N3     doub N N 109 
DG  N2    H21    sing N N 110 
DG  N2    H22    sing N N 111 
DG  N3    C4     sing N N 112 
DT  OP3   P      sing N N 113 
DT  OP3   HOP3   sing N N 114 
DT  P     OP1    doub N N 115 
DT  P     OP2    sing N N 116 
DT  P     "O5'"  sing N N 117 
DT  OP2   HOP2   sing N N 118 
DT  "O5'" "C5'"  sing N N 119 
DT  "C5'" "C4'"  sing N N 120 
DT  "C5'" "H5'"  sing N N 121 
DT  "C5'" "H5''" sing N N 122 
DT  "C4'" "O4'"  sing N N 123 
DT  "C4'" "C3'"  sing N N 124 
DT  "C4'" "H4'"  sing N N 125 
DT  "O4'" "C1'"  sing N N 126 
DT  "C3'" "O3'"  sing N N 127 
DT  "C3'" "C2'"  sing N N 128 
DT  "C3'" "H3'"  sing N N 129 
DT  "O3'" "HO3'" sing N N 130 
DT  "C2'" "C1'"  sing N N 131 
DT  "C2'" "H2'"  sing N N 132 
DT  "C2'" "H2''" sing N N 133 
DT  "C1'" N1     sing N N 134 
DT  "C1'" "H1'"  sing N N 135 
DT  N1    C2     sing N N 136 
DT  N1    C6     sing N N 137 
DT  C2    O2     doub N N 138 
DT  C2    N3     sing N N 139 
DT  N3    C4     sing N N 140 
DT  N3    H3     sing N N 141 
DT  C4    O4     doub N N 142 
DT  C4    C5     sing N N 143 
DT  C5    C7     sing N N 144 
DT  C5    C6     doub N N 145 
DT  C7    H71    sing N N 146 
DT  C7    H72    sing N N 147 
DT  C7    H73    sing N N 148 
DT  C6    H6     sing N N 149 
HOH O     H1     sing N N 150 
HOH O     H2     sing N N 151 
# 
loop_
_ndb_struct_conf_na.entry_id 
_ndb_struct_conf_na.feature 
5WV7 'double helix'        
5WV7 'a-form double helix' 
# 
loop_
_ndb_struct_na_base_pair.model_number 
_ndb_struct_na_base_pair.i_label_asym_id 
_ndb_struct_na_base_pair.i_label_comp_id 
_ndb_struct_na_base_pair.i_label_seq_id 
_ndb_struct_na_base_pair.i_symmetry 
_ndb_struct_na_base_pair.j_label_asym_id 
_ndb_struct_na_base_pair.j_label_comp_id 
_ndb_struct_na_base_pair.j_label_seq_id 
_ndb_struct_na_base_pair.j_symmetry 
_ndb_struct_na_base_pair.shear 
_ndb_struct_na_base_pair.stretch 
_ndb_struct_na_base_pair.stagger 
_ndb_struct_na_base_pair.buckle 
_ndb_struct_na_base_pair.propeller 
_ndb_struct_na_base_pair.opening 
_ndb_struct_na_base_pair.pair_number 
_ndb_struct_na_base_pair.pair_name 
_ndb_struct_na_base_pair.i_auth_asym_id 
_ndb_struct_na_base_pair.i_auth_seq_id 
_ndb_struct_na_base_pair.i_PDB_ins_code 
_ndb_struct_na_base_pair.j_auth_asym_id 
_ndb_struct_na_base_pair.j_auth_seq_id 
_ndb_struct_na_base_pair.j_PDB_ins_code 
_ndb_struct_na_base_pair.hbond_type_28 
_ndb_struct_na_base_pair.hbond_type_12 
1 A DC 1  1_555 B DG 14 1_555 0.239  -0.067 -0.129 -8.487  5.973   1.718  1  A_DC1:DG14_B A 1  ? B 14 ? 19 1 
1 A DC 2  1_555 B DG 13 1_555 0.120  -0.143 0.075  1.254   1.014   -0.868 2  A_DC2:DG13_B A 2  ? B 13 ? 19 1 
1 A DG 3  1_555 B DC 12 1_555 -0.248 -0.122 -0.168 1.598   1.008   -1.648 3  A_DG3:DC12_B A 3  ? B 12 ? 19 1 
1 A DG 4  1_555 B DC 11 1_555 -0.238 -0.144 -0.149 -4.947  -2.635  -1.459 4  A_DG4:DC11_B A 4  ? B 11 ? 19 1 
1 A DG 5  1_555 B DC 10 1_555 -0.174 -0.170 -0.252 -6.499  -11.095 -1.728 5  A_DG5:DC10_B A 5  ? B 10 ? 19 1 
1 A DG 6  1_555 B DC 9  1_555 -0.185 -0.069 -0.181 -11.924 -13.989 2.955  6  A_DG6:DC9_B  A 6  ? B 9  ? 19 1 
1 A DT 7  1_555 B DA 8  1_555 -0.005 -0.085 0.154  0.881   1.027   4.474  7  A_DT7:DA8_B  A 7  ? B 8  ? 20 1 
1 A DA 8  1_555 B DT 7  1_555 0.160  -0.108 0.028  11.255  -5.407  0.977  8  A_DA8:DT7_B  A 8  ? B 7  ? 20 1 
1 A DC 9  1_555 B DG 6  1_555 0.304  -0.080 -0.387 14.936  -11.712 2.330  9  A_DC9:DG6_B  A 9  ? B 6  ? 19 1 
1 A DC 10 1_555 B DG 5  1_555 0.209  -0.195 0.103  -4.853  -7.946  -3.456 10 A_DC10:DG5_B A 10 ? B 5  ? 19 1 
1 A DC 11 1_555 B DG 4  1_555 0.171  -0.251 -0.078 3.252   -2.382  -2.138 11 A_DC11:DG4_B A 11 ? B 4  ? 19 1 
1 A DC 12 1_555 B DG 3  1_555 0.089  -0.091 -0.143 4.631   -1.233  -0.184 12 A_DC12:DG3_B A 12 ? B 3  ? 19 1 
1 A DG 13 1_555 B DC 2  1_555 -0.154 -0.154 -0.014 -1.125  -1.576  -0.569 13 A_DG13:DC2_B A 13 ? B 2  ? 19 1 
1 A DG 14 1_555 B DC 1  1_555 -0.235 -0.131 -0.152 -2.363  -0.589  -0.032 14 A_DG14:DC1_B A 14 ? B 1  ? 19 1 
# 
loop_
_ndb_struct_na_base_pair_step.model_number 
_ndb_struct_na_base_pair_step.i_label_asym_id_1 
_ndb_struct_na_base_pair_step.i_label_comp_id_1 
_ndb_struct_na_base_pair_step.i_label_seq_id_1 
_ndb_struct_na_base_pair_step.i_symmetry_1 
_ndb_struct_na_base_pair_step.j_label_asym_id_1 
_ndb_struct_na_base_pair_step.j_label_comp_id_1 
_ndb_struct_na_base_pair_step.j_label_seq_id_1 
_ndb_struct_na_base_pair_step.j_symmetry_1 
_ndb_struct_na_base_pair_step.i_label_asym_id_2 
_ndb_struct_na_base_pair_step.i_label_comp_id_2 
_ndb_struct_na_base_pair_step.i_label_seq_id_2 
_ndb_struct_na_base_pair_step.i_symmetry_2 
_ndb_struct_na_base_pair_step.j_label_asym_id_2 
_ndb_struct_na_base_pair_step.j_label_comp_id_2 
_ndb_struct_na_base_pair_step.j_label_seq_id_2 
_ndb_struct_na_base_pair_step.j_symmetry_2 
_ndb_struct_na_base_pair_step.shift 
_ndb_struct_na_base_pair_step.slide 
_ndb_struct_na_base_pair_step.rise 
_ndb_struct_na_base_pair_step.tilt 
_ndb_struct_na_base_pair_step.roll 
_ndb_struct_na_base_pair_step.twist 
_ndb_struct_na_base_pair_step.x_displacement 
_ndb_struct_na_base_pair_step.y_displacement 
_ndb_struct_na_base_pair_step.helical_rise 
_ndb_struct_na_base_pair_step.inclination 
_ndb_struct_na_base_pair_step.tip 
_ndb_struct_na_base_pair_step.helical_twist 
_ndb_struct_na_base_pair_step.step_number 
_ndb_struct_na_base_pair_step.step_name 
_ndb_struct_na_base_pair_step.i_auth_asym_id_1 
_ndb_struct_na_base_pair_step.i_auth_seq_id_1 
_ndb_struct_na_base_pair_step.i_PDB_ins_code_1 
_ndb_struct_na_base_pair_step.j_auth_asym_id_1 
_ndb_struct_na_base_pair_step.j_auth_seq_id_1 
_ndb_struct_na_base_pair_step.j_PDB_ins_code_1 
_ndb_struct_na_base_pair_step.i_auth_asym_id_2 
_ndb_struct_na_base_pair_step.i_auth_seq_id_2 
_ndb_struct_na_base_pair_step.i_PDB_ins_code_2 
_ndb_struct_na_base_pair_step.j_auth_asym_id_2 
_ndb_struct_na_base_pair_step.j_auth_seq_id_2 
_ndb_struct_na_base_pair_step.j_PDB_ins_code_2 
1 A DC 1  1_555 B DG 14 1_555 A DC 2  1_555 B DG 13 1_555 -0.698 -2.068 3.234 -2.012 -3.016 26.042 -3.711 0.976  3.490 -6.652 
4.438  26.289 1  AA_DC1DC2:DG13DG14_BB A 1  ? B 14 ? A 2  ? B 13 ? 
1 A DC 2  1_555 B DG 13 1_555 A DG 3  1_555 B DC 12 1_555 0.401  -2.172 3.477 0.651  -3.253 26.363 -3.781 -0.684 3.722 -7.097 
-1.420 26.567 2  AA_DC2DG3:DC12DG13_BB A 2  ? B 13 ? A 3  ? B 12 ? 
1 A DG 3  1_555 B DC 12 1_555 A DG 4  1_555 B DC 11 1_555 -0.074 -2.135 3.533 -0.572 1.231  32.964 -3.984 0.026  3.454 2.168  
1.008  32.991 3  AA_DG3DG4:DC11DC12_BB A 3  ? B 12 ? A 4  ? B 11 ? 
1 A DG 4  1_555 B DC 11 1_555 A DG 5  1_555 B DC 10 1_555 -1.068 -2.115 3.315 -2.246 10.232 27.887 -6.081 1.649  2.478 20.343 
4.465  29.753 4  AA_DG4DG5:DC10DC11_BB A 4  ? B 11 ? A 5  ? B 10 ? 
1 A DG 5  1_555 B DC 10 1_555 A DG 6  1_555 B DC 9  1_555 1.007  -1.721 3.384 2.037  12.979 31.935 -4.815 -1.400 2.569 22.440 
-3.523 34.467 5  AA_DG5DG6:DC9DC10_BB  A 5  ? B 10 ? A 6  ? B 9  ? 
1 A DG 6  1_555 B DC 9  1_555 A DT 7  1_555 B DA 8  1_555 -0.258 -0.846 3.098 -1.086 10.801 31.904 -3.063 0.284  2.685 18.976 
1.908  33.654 6  AA_DG6DT7:DA8DC9_BB   A 6  ? B 9  ? A 7  ? B 8  ? 
1 A DT 7  1_555 B DA 8  1_555 A DA 8  1_555 B DT 7  1_555 -0.422 -0.995 2.986 -0.971 3.804  32.507 -2.354 0.598  2.866 6.764  
1.727  32.737 7  AA_DT7DA8:DT7DA8_BB   A 7  ? B 8  ? A 8  ? B 7  ? 
1 A DA 8  1_555 B DT 7  1_555 A DC 9  1_555 B DG 6  1_555 0.385  -1.111 3.276 0.214  4.378  28.685 -3.160 -0.722 3.078 8.771  
-0.429 29.011 8  AA_DA8DC9:DG6DT7_BB   A 8  ? B 7  ? A 9  ? B 6  ? 
1 A DC 9  1_555 B DG 6  1_555 A DC 10 1_555 B DG 5  1_555 -1.287 -1.058 3.764 -7.675 10.975 38.205 -2.949 0.872  3.526 16.173 
11.310 40.401 9  AA_DC9DC10:DG5DG6_BB  A 9  ? B 6  ? A 10 ? B 5  ? 
1 A DC 10 1_555 B DG 5  1_555 A DC 11 1_555 B DG 4  1_555 0.969  -1.923 3.135 3.956  4.586  25.855 -5.314 -1.141 2.871 10.075 
-8.691 26.543 10 AA_DC10DC11:DG4DG5_BB A 10 ? B 5  ? A 11 ? B 4  ? 
1 A DC 11 1_555 B DG 4  1_555 A DC 12 1_555 B DG 3  1_555 0.376  -2.214 3.310 1.006  0.747  30.522 -4.352 -0.512 3.267 1.419  
-1.911 30.547 11 AA_DC11DC12:DG3DG4_BB A 11 ? B 4  ? A 12 ? B 3  ? 
1 A DC 12 1_555 B DG 3  1_555 A DG 13 1_555 B DC 2  1_555 -0.120 -2.180 3.560 -1.649 -1.171 27.378 -4.275 -0.196 3.649 -2.470 
3.478  27.451 12 AA_DC12DG13:DC2DG3_BB A 12 ? B 3  ? A 13 ? B 2  ? 
1 A DG 13 1_555 B DC 2  1_555 A DG 14 1_555 B DC 1  1_555 0.645  -2.429 3.371 1.902  -0.195 26.657 -5.202 -0.881 3.425 -0.421 
-4.118 26.724 13 AA_DG13DG14:DC1DC2_BB A 13 ? B 2  ? A 14 ? B 1  ? 
# 
_pdbx_entity_nonpoly.entity_id   2 
_pdbx_entity_nonpoly.name        water 
_pdbx_entity_nonpoly.comp_id     HOH 
# 
_pdbx_initial_refinement_model.id               1 
_pdbx_initial_refinement_model.entity_id_list   ? 
_pdbx_initial_refinement_model.type             'experimental model' 
_pdbx_initial_refinement_model.source_name      PDB 
_pdbx_initial_refinement_model.accession_code   3V9D 
_pdbx_initial_refinement_model.details          ? 
# 
_pdbx_related_exp_data_set.data_reference       10.5281/zenodo.2546683 
_pdbx_related_exp_data_set.data_set_type        'diffraction image data' 
_pdbx_related_exp_data_set.details              ? 
_pdbx_related_exp_data_set.metadata_reference   ? 
_pdbx_related_exp_data_set.ordinal              1 
# 
